data_8XZQ
# 
_entry.id   8XZQ 
# 
_audit_conform.dict_name       mmcif_pdbx.dic 
_audit_conform.dict_version    5.395 
_audit_conform.dict_location   http://mmcif.pdb.org/dictionaries/ascii/mmcif_pdbx.dic 
# 
loop_
_database_2.database_id 
_database_2.database_code 
_database_2.pdbx_database_accession 
_database_2.pdbx_DOI 
PDB   8XZQ         pdb_00008xzq 10.2210/pdb8xzq/pdb 
WWPDB D_1300044563 ?            ?                   
# 
loop_
_pdbx_audit_revision_history.ordinal 
_pdbx_audit_revision_history.data_content_type 
_pdbx_audit_revision_history.major_revision 
_pdbx_audit_revision_history.minor_revision 
_pdbx_audit_revision_history.revision_date 
1 'Structure model' 1 0 2024-07-24 
2 'Structure model' 1 1 2024-08-21 
# 
_pdbx_audit_revision_details.ordinal             1 
_pdbx_audit_revision_details.revision_ordinal    1 
_pdbx_audit_revision_details.data_content_type   'Structure model' 
_pdbx_audit_revision_details.provider            repository 
_pdbx_audit_revision_details.type                'Initial release' 
_pdbx_audit_revision_details.description         ? 
_pdbx_audit_revision_details.details             ? 
# 
_pdbx_audit_revision_group.ordinal             1 
_pdbx_audit_revision_group.revision_ordinal    2 
_pdbx_audit_revision_group.data_content_type   'Structure model' 
_pdbx_audit_revision_group.group               'Database references' 
# 
_pdbx_audit_revision_category.ordinal             1 
_pdbx_audit_revision_category.revision_ordinal    2 
_pdbx_audit_revision_category.data_content_type   'Structure model' 
_pdbx_audit_revision_category.category            citation 
# 
loop_
_pdbx_audit_revision_item.ordinal 
_pdbx_audit_revision_item.revision_ordinal 
_pdbx_audit_revision_item.data_content_type 
_pdbx_audit_revision_item.item 
1 2 'Structure model' '_citation.journal_volume' 
2 2 'Structure model' '_citation.page_first'     
3 2 'Structure model' '_citation.page_last'      
# 
_pdbx_database_status.status_code                     REL 
_pdbx_database_status.status_code_sf                  REL 
_pdbx_database_status.status_code_mr                  ? 
_pdbx_database_status.entry_id                        8XZQ 
_pdbx_database_status.recvd_initial_deposition_date   2024-01-21 
_pdbx_database_status.SG_entry                        N 
_pdbx_database_status.deposit_site                    PDBJ 
_pdbx_database_status.process_site                    PDBJ 
_pdbx_database_status.status_code_cs                  ? 
_pdbx_database_status.status_code_nmr_data            ? 
_pdbx_database_status.methods_development_category    ? 
_pdbx_database_status.pdb_format_compatible           Y 
# 
_pdbx_contact_author.id                 2 
_pdbx_contact_author.email              aimingren@zju.edu.cn 
_pdbx_contact_author.name_first         Aiming 
_pdbx_contact_author.name_last          Ren 
_pdbx_contact_author.name_mi            ? 
_pdbx_contact_author.role               'principal investigator/group leader' 
_pdbx_contact_author.identifier_ORCID   0000-0002-5420-4899 
# 
loop_
_audit_author.name 
_audit_author.pdbx_ordinal 
_audit_author.identifier_ORCID 
'Li, C.Y.'  1 ? 
'Ren, A.M.' 2 ? 
# 
_citation.abstract                  ? 
_citation.abstract_id_CAS           ? 
_citation.book_id_ISBN              ? 
_citation.book_publisher            ? 
_citation.book_publisher_city       ? 
_citation.book_title                ? 
_citation.coordinate_linkage        ? 
_citation.country                   UK 
_citation.database_id_Medline       ? 
_citation.details                   ? 
_citation.id                        primary 
_citation.journal_abbrev            'Nucleic Acids Res.' 
_citation.journal_id_ASTM           NARHAD 
_citation.journal_id_CSD            0389 
_citation.journal_id_ISSN           1362-4962 
_citation.journal_full              ? 
_citation.journal_issue             ? 
_citation.journal_volume            52 
_citation.language                  ? 
_citation.page_first                8454 
_citation.page_last                 8465 
_citation.title                     
'Structure-based characterization and compound identification of the wild-type THF class-II riboswitch.' 
_citation.year                      2024 
_citation.database_id_CSD           ? 
_citation.pdbx_database_id_DOI      10.1093/nar/gkae377 
_citation.pdbx_database_id_PubMed   38769061 
_citation.pdbx_database_id_patent   ? 
_citation.unpublished_flag          ? 
# 
loop_
_citation_author.citation_id 
_citation_author.name 
_citation_author.ordinal 
_citation_author.identifier_ORCID 
primary 'Li, C.'    1  ?                   
primary 'Xu, X.'    2  ?                   
primary 'Geng, Z.'  3  ?                   
primary 'Zheng, L.' 4  ?                   
primary 'Song, Q.'  5  ?                   
primary 'Shen, X.'  6  ?                   
primary 'Wu, J.'    7  ?                   
primary 'Zhao, J.'  8  ?                   
primary 'Li, H.'    9  ?                   
primary 'He, M.'    10 ?                   
primary 'Tai, X.'   11 ?                   
primary 'Zhang, L.' 12 0000-0001-8139-0474 
primary 'Ma, J.'    13 ?                   
primary 'Dong, Y.'  14 ?                   
primary 'Ren, A.'   15 0000-0002-5420-4899 
# 
loop_
_entity.id 
_entity.type 
_entity.src_method 
_entity.pdbx_description 
_entity.formula_weight 
_entity.pdbx_number_of_molecules 
_entity.pdbx_ec 
_entity.pdbx_mutation 
_entity.pdbx_fragment 
_entity.details 
1 polymer     man 'RNA (53-MER)'                                    17174.043 1  ? ? ? ? 
2 non-polymer syn '5-AMINO-1H-[1,2,3]TRIAZOLO[4,5-D]PYRIMIDIN-7-OL' 152.114   1  ? ? ? ? 
3 non-polymer syn SPERMINE                                          202.340   1  ? ? ? ? 
4 non-polymer syn 'MAGNESIUM ION'                                   24.305    7  ? ? ? ? 
5 water       nat water                                             18.015    40 ? ? ? ? 
# 
_entity_name_com.entity_id   1 
_entity_name_com.name        env6 
# 
_entity_poly.entity_id                      1 
_entity_poly.type                           polyribonucleotide 
_entity_poly.nstd_linkage                   no 
_entity_poly.nstd_monomer                   yes 
_entity_poly.pdbx_seq_one_letter_code       '(GTP)GGUGUGUACCGUUCAACUCGUCCCAGCUUCGACUGGGACUACGGGAGCGCCU' 
_entity_poly.pdbx_seq_one_letter_code_can   GGGUGUGUACCGUUCAACUCGUCCCAGCUUCGACUGGGACUACGGGAGCGCCU 
_entity_poly.pdbx_strand_id                 A 
_entity_poly.pdbx_target_identifier         ? 
# 
loop_
_pdbx_entity_nonpoly.entity_id 
_pdbx_entity_nonpoly.name 
_pdbx_entity_nonpoly.comp_id 
2 '5-AMINO-1H-[1,2,3]TRIAZOLO[4,5-D]PYRIMIDIN-7-OL' AZG 
3 SPERMINE                                          SPM 
4 'MAGNESIUM ION'                                   MG  
5 water                                             HOH 
# 
loop_
_entity_poly_seq.entity_id 
_entity_poly_seq.num 
_entity_poly_seq.mon_id 
_entity_poly_seq.hetero 
1 1  GTP n 
1 2  G   n 
1 3  G   n 
1 4  U   n 
1 5  G   n 
1 6  U   n 
1 7  G   n 
1 8  U   n 
1 9  A   n 
1 10 C   n 
1 11 C   n 
1 12 G   n 
1 13 U   n 
1 14 U   n 
1 15 C   n 
1 16 A   n 
1 17 A   n 
1 18 C   n 
1 19 U   n 
1 20 C   n 
1 21 G   n 
1 22 U   n 
1 23 C   n 
1 24 C   n 
1 25 C   n 
1 26 A   n 
1 27 G   n 
1 28 C   n 
1 29 U   n 
1 30 U   n 
1 31 C   n 
1 32 G   n 
1 33 A   n 
1 34 C   n 
1 35 U   n 
1 36 G   n 
1 37 G   n 
1 38 G   n 
1 39 A   n 
1 40 C   n 
1 41 U   n 
1 42 A   n 
1 43 C   n 
1 44 G   n 
1 45 G   n 
1 46 G   n 
1 47 A   n 
1 48 G   n 
1 49 C   n 
1 50 G   n 
1 51 C   n 
1 52 C   n 
1 53 U   n 
# 
_entity_src_gen.entity_id                          1 
_entity_src_gen.pdbx_src_id                        1 
_entity_src_gen.pdbx_alt_source_flag               sample 
_entity_src_gen.pdbx_seq_type                      'Biological sequence' 
_entity_src_gen.pdbx_beg_seq_num                   1 
_entity_src_gen.pdbx_end_seq_num                   53 
_entity_src_gen.gene_src_common_name               ? 
_entity_src_gen.gene_src_genus                     ? 
_entity_src_gen.pdbx_gene_src_gene                 ? 
_entity_src_gen.gene_src_species                   ? 
_entity_src_gen.gene_src_strain                    ? 
_entity_src_gen.gene_src_tissue                    ? 
_entity_src_gen.gene_src_tissue_fraction           ? 
_entity_src_gen.gene_src_details                   ? 
_entity_src_gen.pdbx_gene_src_fragment             ? 
_entity_src_gen.pdbx_gene_src_scientific_name      'unidentified eubacterium clone A70' 
_entity_src_gen.pdbx_gene_src_ncbi_taxonomy_id     41312 
_entity_src_gen.pdbx_gene_src_variant              ? 
_entity_src_gen.pdbx_gene_src_cell_line            ? 
_entity_src_gen.pdbx_gene_src_atcc                 ? 
_entity_src_gen.pdbx_gene_src_organ                ? 
_entity_src_gen.pdbx_gene_src_organelle            ? 
_entity_src_gen.pdbx_gene_src_cell                 ? 
_entity_src_gen.pdbx_gene_src_cellular_location    ? 
_entity_src_gen.host_org_common_name               ? 
_entity_src_gen.pdbx_host_org_scientific_name      'in vitro transcription vector pT7-TP(deltai)' 
_entity_src_gen.pdbx_host_org_ncbi_taxonomy_id     905931 
_entity_src_gen.host_org_genus                     ? 
_entity_src_gen.pdbx_host_org_gene                 ? 
_entity_src_gen.pdbx_host_org_organ                ? 
_entity_src_gen.host_org_species                   ? 
_entity_src_gen.pdbx_host_org_tissue               ? 
_entity_src_gen.pdbx_host_org_tissue_fraction      ? 
_entity_src_gen.pdbx_host_org_strain               ? 
_entity_src_gen.pdbx_host_org_variant              ? 
_entity_src_gen.pdbx_host_org_cell_line            ? 
_entity_src_gen.pdbx_host_org_atcc                 ? 
_entity_src_gen.pdbx_host_org_culture_collection   ? 
_entity_src_gen.pdbx_host_org_cell                 ? 
_entity_src_gen.pdbx_host_org_organelle            ? 
_entity_src_gen.pdbx_host_org_cellular_location    ? 
_entity_src_gen.pdbx_host_org_vector_type          ? 
_entity_src_gen.pdbx_host_org_vector               ? 
_entity_src_gen.host_org_details                   ? 
_entity_src_gen.expression_system_id               ? 
_entity_src_gen.plasmid_name                       ? 
_entity_src_gen.plasmid_details                    ? 
_entity_src_gen.pdbx_description                   ? 
# 
loop_
_chem_comp.id 
_chem_comp.type 
_chem_comp.mon_nstd_flag 
_chem_comp.name 
_chem_comp.pdbx_synonyms 
_chem_comp.formula 
_chem_comp.formula_weight 
A   'RNA linking' y "ADENOSINE-5'-MONOPHOSPHATE"                      ?            'C10 H14 N5 O7 P'   347.221 
AZG non-polymer   . '5-AMINO-1H-[1,2,3]TRIAZOLO[4,5-D]PYRIMIDIN-7-OL' 8-AZAGUANINE 'C4 H4 N6 O'        152.114 
C   'RNA linking' y "CYTIDINE-5'-MONOPHOSPHATE"                       ?            'C9 H14 N3 O8 P'    323.197 
G   'RNA linking' y "GUANOSINE-5'-MONOPHOSPHATE"                      ?            'C10 H14 N5 O8 P'   363.221 
GTP non-polymer   n "GUANOSINE-5'-TRIPHOSPHATE"                       ?            'C10 H16 N5 O14 P3' 523.180 
HOH non-polymer   . WATER                                             ?            'H2 O'              18.015  
MG  non-polymer   . 'MAGNESIUM ION'                                   ?            'Mg 2'              24.305  
SPM non-polymer   . SPERMINE                                          ?            'C10 H26 N4'        202.340 
U   'RNA linking' y "URIDINE-5'-MONOPHOSPHATE"                        ?            'C9 H13 N2 O9 P'    324.181 
# 
loop_
_pdbx_poly_seq_scheme.asym_id 
_pdbx_poly_seq_scheme.entity_id 
_pdbx_poly_seq_scheme.seq_id 
_pdbx_poly_seq_scheme.mon_id 
_pdbx_poly_seq_scheme.ndb_seq_num 
_pdbx_poly_seq_scheme.pdb_seq_num 
_pdbx_poly_seq_scheme.auth_seq_num 
_pdbx_poly_seq_scheme.pdb_mon_id 
_pdbx_poly_seq_scheme.auth_mon_id 
_pdbx_poly_seq_scheme.pdb_strand_id 
_pdbx_poly_seq_scheme.pdb_ins_code 
_pdbx_poly_seq_scheme.hetero 
A 1 1  GTP 1  1  1  GTP GTP A . n 
A 1 2  G   2  2  2  G   G   A . n 
A 1 3  G   3  3  3  G   G   A . n 
A 1 4  U   4  4  4  U   U   A . n 
A 1 5  G   5  5  5  G   G   A . n 
A 1 6  U   6  6  6  U   U   A . n 
A 1 7  G   7  7  7  G   G   A . n 
A 1 8  U   8  8  8  U   U   A . n 
A 1 9  A   9  9  9  A   A   A . n 
A 1 10 C   10 10 10 C   C   A . n 
A 1 11 C   11 11 11 C   C   A . n 
A 1 12 G   12 12 12 G   G   A . n 
A 1 13 U   13 13 13 U   U   A . n 
A 1 14 U   14 14 14 U   U   A . n 
A 1 15 C   15 15 15 C   C   A . n 
A 1 16 A   16 16 16 A   A   A . n 
A 1 17 A   17 17 17 A   A   A . n 
A 1 18 C   18 18 18 C   C   A . n 
A 1 19 U   19 19 19 U   U   A . n 
A 1 20 C   20 20 20 C   C   A . n 
A 1 21 G   21 21 21 G   G   A . n 
A 1 22 U   22 22 22 U   U   A . n 
A 1 23 C   23 23 23 C   C   A . n 
A 1 24 C   24 24 24 C   C   A . n 
A 1 25 C   25 25 25 C   C   A . n 
A 1 26 A   26 26 26 A   A   A . n 
A 1 27 G   27 27 27 G   G   A . n 
A 1 28 C   28 28 28 C   C   A . n 
A 1 29 U   29 29 29 U   U   A . n 
A 1 30 U   30 30 30 U   U   A . n 
A 1 31 C   31 31 31 C   C   A . n 
A 1 32 G   32 32 32 G   G   A . n 
A 1 33 A   33 33 33 A   A   A . n 
A 1 34 C   34 34 34 C   C   A . n 
A 1 35 U   35 35 35 U   U   A . n 
A 1 36 G   36 36 36 G   G   A . n 
A 1 37 G   37 37 37 G   G   A . n 
A 1 38 G   38 38 38 G   G   A . n 
A 1 39 A   39 39 39 A   A   A . n 
A 1 40 C   40 40 40 C   C   A . n 
A 1 41 U   41 41 41 U   U   A . n 
A 1 42 A   42 42 42 A   A   A . n 
A 1 43 C   43 43 43 C   C   A . n 
A 1 44 G   44 44 44 G   G   A . n 
A 1 45 G   45 45 45 G   G   A . n 
A 1 46 G   46 46 46 G   G   A . n 
A 1 47 A   47 47 47 A   A   A . n 
A 1 48 G   48 48 48 G   G   A . n 
A 1 49 C   49 49 49 C   C   A . n 
A 1 50 G   50 50 50 G   G   A . n 
A 1 51 C   51 51 51 C   C   A . n 
A 1 52 C   52 52 52 C   C   A . n 
A 1 53 U   53 53 53 U   U   A . n 
# 
loop_
_pdbx_nonpoly_scheme.asym_id 
_pdbx_nonpoly_scheme.entity_id 
_pdbx_nonpoly_scheme.mon_id 
_pdbx_nonpoly_scheme.ndb_seq_num 
_pdbx_nonpoly_scheme.pdb_seq_num 
_pdbx_nonpoly_scheme.auth_seq_num 
_pdbx_nonpoly_scheme.pdb_mon_id 
_pdbx_nonpoly_scheme.auth_mon_id 
_pdbx_nonpoly_scheme.pdb_strand_id 
_pdbx_nonpoly_scheme.pdb_ins_code 
B 2 AZG 1  101 101 AZG AZG A . 
C 3 SPM 1  102 101 SPM SPM A . 
D 4 MG  1  103 1   MG  MG  A . 
E 4 MG  1  104 2   MG  MG  A . 
F 4 MG  1  105 3   MG  MG  A . 
G 4 MG  1  106 4   MG  MG  A . 
H 4 MG  1  107 5   MG  MG  A . 
I 4 MG  1  108 6   MG  MG  A . 
J 4 MG  1  109 7   MG  MG  A . 
K 5 HOH 1  201 42  HOH HOH A . 
K 5 HOH 2  202 2   HOH HOH A . 
K 5 HOH 3  203 33  HOH HOH A . 
K 5 HOH 4  204 23  HOH HOH A . 
K 5 HOH 5  205 4   HOH HOH A . 
K 5 HOH 6  206 35  HOH HOH A . 
K 5 HOH 7  207 8   HOH HOH A . 
K 5 HOH 8  208 17  HOH HOH A . 
K 5 HOH 9  209 34  HOH HOH A . 
K 5 HOH 10 210 10  HOH HOH A . 
K 5 HOH 11 211 13  HOH HOH A . 
K 5 HOH 12 212 11  HOH HOH A . 
K 5 HOH 13 213 32  HOH HOH A . 
K 5 HOH 14 214 20  HOH HOH A . 
K 5 HOH 15 215 27  HOH HOH A . 
K 5 HOH 16 216 39  HOH HOH A . 
K 5 HOH 17 217 24  HOH HOH A . 
K 5 HOH 18 218 28  HOH HOH A . 
K 5 HOH 19 219 21  HOH HOH A . 
K 5 HOH 20 220 30  HOH HOH A . 
K 5 HOH 21 221 36  HOH HOH A . 
K 5 HOH 22 222 26  HOH HOH A . 
K 5 HOH 23 223 5   HOH HOH A . 
K 5 HOH 24 224 7   HOH HOH A . 
K 5 HOH 25 225 37  HOH HOH A . 
K 5 HOH 26 226 9   HOH HOH A . 
K 5 HOH 27 227 15  HOH HOH A . 
K 5 HOH 28 228 29  HOH HOH A . 
K 5 HOH 29 229 41  HOH HOH A . 
K 5 HOH 30 230 16  HOH HOH A . 
K 5 HOH 31 231 31  HOH HOH A . 
K 5 HOH 32 232 3   HOH HOH A . 
K 5 HOH 33 233 14  HOH HOH A . 
K 5 HOH 34 234 6   HOH HOH A . 
K 5 HOH 35 235 38  HOH HOH A . 
K 5 HOH 36 236 1   HOH HOH A . 
K 5 HOH 37 237 22  HOH HOH A . 
K 5 HOH 38 238 12  HOH HOH A . 
K 5 HOH 39 239 40  HOH HOH A . 
K 5 HOH 40 240 18  HOH HOH A . 
# 
loop_
_software.citation_id 
_software.classification 
_software.compiler_name 
_software.compiler_version 
_software.contact_author 
_software.contact_author_email 
_software.date 
_software.description 
_software.dependencies 
_software.hardware 
_software.language 
_software.location 
_software.mods 
_software.name 
_software.os 
_software.os_version 
_software.type 
_software.version 
_software.pdbx_ordinal 
? refinement       ? ? ? ? ? ? ? ? ? ? ? PHENIX   ? ? ? '(1.18.2_3874: ???)' 1 
? 'data scaling'   ? ? ? ? ? ? ? ? ? ? ? HKL-3000 ? ? ? .                    2 
? 'data reduction' ? ? ? ? ? ? ? ? ? ? ? HKL-3000 ? ? ? .                    3 
? phasing          ? ? ? ? ? ? ? ? ? ? ? PHASER   ? ? ? .                    4 
# 
_cell.angle_alpha                  90.00 
_cell.angle_alpha_esd              ? 
_cell.angle_beta                   90.00 
_cell.angle_beta_esd               ? 
_cell.angle_gamma                  90.00 
_cell.angle_gamma_esd              ? 
_cell.entry_id                     8XZQ 
_cell.details                      ? 
_cell.formula_units_Z              ? 
_cell.length_a                     49.268 
_cell.length_a_esd                 ? 
_cell.length_b                     56.843 
_cell.length_b_esd                 ? 
_cell.length_c                     62.778 
_cell.length_c_esd                 ? 
_cell.volume                       ? 
_cell.volume_esd                   ? 
_cell.Z_PDB                        4 
_cell.reciprocal_angle_alpha       ? 
_cell.reciprocal_angle_beta        ? 
_cell.reciprocal_angle_gamma       ? 
_cell.reciprocal_angle_alpha_esd   ? 
_cell.reciprocal_angle_beta_esd    ? 
_cell.reciprocal_angle_gamma_esd   ? 
_cell.reciprocal_length_a          ? 
_cell.reciprocal_length_b          ? 
_cell.reciprocal_length_c          ? 
_cell.reciprocal_length_a_esd      ? 
_cell.reciprocal_length_b_esd      ? 
_cell.reciprocal_length_c_esd      ? 
_cell.pdbx_unique_axis             ? 
_cell.pdbx_esd_method              ? 
# 
_symmetry.entry_id                         8XZQ 
_symmetry.cell_setting                     ? 
_symmetry.Int_Tables_number                19 
_symmetry.space_group_name_Hall            ? 
_symmetry.space_group_name_H-M             'P 21 21 21' 
_symmetry.pdbx_full_space_group_name_H-M   ? 
# 
_exptl.absorpt_coefficient_mu     ? 
_exptl.absorpt_correction_T_max   ? 
_exptl.absorpt_correction_T_min   ? 
_exptl.absorpt_correction_type    ? 
_exptl.absorpt_process_details    ? 
_exptl.entry_id                   8XZQ 
_exptl.crystals_number            1 
_exptl.details                    ? 
_exptl.method                     'X-RAY DIFFRACTION' 
_exptl.method_details             ? 
# 
_exptl_crystal.colour                       ? 
_exptl_crystal.density_diffrn               ? 
_exptl_crystal.density_Matthews             2.64 
_exptl_crystal.density_method               ? 
_exptl_crystal.density_percent_sol          53.35 
_exptl_crystal.description                  ? 
_exptl_crystal.F_000                        ? 
_exptl_crystal.id                           1 
_exptl_crystal.preparation                  ? 
_exptl_crystal.size_max                     ? 
_exptl_crystal.size_mid                     ? 
_exptl_crystal.size_min                     ? 
_exptl_crystal.size_rad                     ? 
_exptl_crystal.colour_lustre                ? 
_exptl_crystal.colour_modifier              ? 
_exptl_crystal.colour_primary               ? 
_exptl_crystal.density_meas                 ? 
_exptl_crystal.density_meas_esd             ? 
_exptl_crystal.density_meas_gt              ? 
_exptl_crystal.density_meas_lt              ? 
_exptl_crystal.density_meas_temp            ? 
_exptl_crystal.density_meas_temp_esd        ? 
_exptl_crystal.density_meas_temp_gt         ? 
_exptl_crystal.density_meas_temp_lt         ? 
_exptl_crystal.pdbx_crystal_image_url       ? 
_exptl_crystal.pdbx_crystal_image_format    ? 
_exptl_crystal.pdbx_mosaicity               ? 
_exptl_crystal.pdbx_mosaicity_esd           ? 
_exptl_crystal.pdbx_mosaic_method           ? 
_exptl_crystal.pdbx_mosaic_block_size       ? 
_exptl_crystal.pdbx_mosaic_block_size_esd   ? 
# 
_exptl_crystal_grow.apparatus       ? 
_exptl_crystal_grow.atmosphere      ? 
_exptl_crystal_grow.crystal_id      1 
_exptl_crystal_grow.details         ? 
_exptl_crystal_grow.method          'VAPOR DIFFUSION, SITTING DROP' 
_exptl_crystal_grow.method_ref      ? 
_exptl_crystal_grow.pH              ? 
_exptl_crystal_grow.pressure        ? 
_exptl_crystal_grow.pressure_esd    ? 
_exptl_crystal_grow.seeding         ? 
_exptl_crystal_grow.seeding_ref     ? 
_exptl_crystal_grow.temp_details    ? 
_exptl_crystal_grow.temp_esd        ? 
_exptl_crystal_grow.time            ? 
_exptl_crystal_grow.pdbx_details    
'0.08 M Sodium chloride, 0.04 M Sodium cacodylate trihydrate pH 7.0, 30% v/v MPD, 0.012 M Spermine tetrahydrochloride' 
_exptl_crystal_grow.pdbx_pH_range   ? 
_exptl_crystal_grow.temp            289 
# 
_diffrn.ambient_environment              ? 
_diffrn.ambient_temp                     100 
_diffrn.ambient_temp_details             ? 
_diffrn.ambient_temp_esd                 ? 
_diffrn.crystal_id                       1 
_diffrn.crystal_support                  ? 
_diffrn.crystal_treatment                ? 
_diffrn.details                          ? 
_diffrn.id                               1 
_diffrn.ambient_pressure                 ? 
_diffrn.ambient_pressure_esd             ? 
_diffrn.ambient_pressure_gt              ? 
_diffrn.ambient_pressure_lt              ? 
_diffrn.ambient_temp_gt                  ? 
_diffrn.ambient_temp_lt                  ? 
_diffrn.pdbx_serial_crystal_experiment   N 
# 
_diffrn_detector.details                      ? 
_diffrn_detector.detector                     PIXEL 
_diffrn_detector.diffrn_id                    1 
_diffrn_detector.type                         'DECTRIS PILATUS 6M' 
_diffrn_detector.area_resol_mean              ? 
_diffrn_detector.dtime                        ? 
_diffrn_detector.pdbx_frames_total            ? 
_diffrn_detector.pdbx_collection_time_total   ? 
_diffrn_detector.pdbx_collection_date         2022-09-03 
_diffrn_detector.pdbx_frequency               ? 
_diffrn_detector.id                           ? 
_diffrn_detector.number_of_axes               ? 
# 
_diffrn_radiation.collimation                      ? 
_diffrn_radiation.diffrn_id                        1 
_diffrn_radiation.filter_edge                      ? 
_diffrn_radiation.inhomogeneity                    ? 
_diffrn_radiation.monochromator                    ? 
_diffrn_radiation.polarisn_norm                    ? 
_diffrn_radiation.polarisn_ratio                   ? 
_diffrn_radiation.probe                            ? 
_diffrn_radiation.type                             ? 
_diffrn_radiation.xray_symbol                      ? 
_diffrn_radiation.wavelength_id                    1 
_diffrn_radiation.pdbx_monochromatic_or_laue_m_l   M 
_diffrn_radiation.pdbx_wavelength_list             ? 
_diffrn_radiation.pdbx_wavelength                  ? 
_diffrn_radiation.pdbx_diffrn_protocol             'SINGLE WAVELENGTH' 
_diffrn_radiation.pdbx_analyzer                    ? 
_diffrn_radiation.pdbx_scattering_type             x-ray 
# 
_diffrn_radiation_wavelength.id           1 
_diffrn_radiation_wavelength.wavelength   0.97853 
_diffrn_radiation_wavelength.wt           1.0 
# 
_diffrn_source.current                     ? 
_diffrn_source.details                     ? 
_diffrn_source.diffrn_id                   1 
_diffrn_source.power                       ? 
_diffrn_source.size                        ? 
_diffrn_source.source                      SYNCHROTRON 
_diffrn_source.target                      ? 
_diffrn_source.type                        'SSRF BEAMLINE BL19U1' 
_diffrn_source.voltage                     ? 
_diffrn_source.take-off_angle              ? 
_diffrn_source.pdbx_wavelength_list        0.97853 
_diffrn_source.pdbx_wavelength             ? 
_diffrn_source.pdbx_synchrotron_beamline   BL19U1 
_diffrn_source.pdbx_synchrotron_site       SSRF 
# 
_reflns.B_iso_Wilson_estimate                          ? 
_reflns.entry_id                                       8XZQ 
_reflns.data_reduction_details                         ? 
_reflns.data_reduction_method                          ? 
_reflns.d_resolution_high                              1.83 
_reflns.d_resolution_low                               50.00 
_reflns.details                                        ? 
_reflns.limit_h_max                                    ? 
_reflns.limit_h_min                                    ? 
_reflns.limit_k_max                                    ? 
_reflns.limit_k_min                                    ? 
_reflns.limit_l_max                                    ? 
_reflns.limit_l_min                                    ? 
_reflns.number_all                                     ? 
_reflns.number_obs                                     16181 
_reflns.observed_criterion                             ? 
_reflns.observed_criterion_F_max                       ? 
_reflns.observed_criterion_F_min                       ? 
_reflns.observed_criterion_I_max                       ? 
_reflns.observed_criterion_I_min                       ? 
_reflns.observed_criterion_sigma_F                     ? 
_reflns.observed_criterion_sigma_I                     ? 
_reflns.percent_possible_obs                           100.0 
_reflns.R_free_details                                 ? 
_reflns.Rmerge_F_all                                   ? 
_reflns.Rmerge_F_obs                                   ? 
_reflns.Friedel_coverage                               ? 
_reflns.number_gt                                      ? 
_reflns.threshold_expression                           ? 
_reflns.pdbx_redundancy                                12.8 
_reflns.pdbx_netI_over_av_sigmaI                       ? 
_reflns.pdbx_netI_over_sigmaI                          6.2 
_reflns.pdbx_res_netI_over_av_sigmaI_2                 ? 
_reflns.pdbx_res_netI_over_sigmaI_2                    ? 
_reflns.pdbx_chi_squared                               0.790 
_reflns.pdbx_scaling_rejects                           ? 
_reflns.pdbx_d_res_high_opt                            ? 
_reflns.pdbx_d_res_low_opt                             ? 
_reflns.pdbx_d_res_opt_method                          ? 
_reflns.phase_calculation_details                      ? 
_reflns.pdbx_Rrim_I_all                                0.061 
_reflns.pdbx_Rpim_I_all                                0.017 
_reflns.pdbx_d_opt                                     ? 
_reflns.pdbx_number_measured_all                       206350 
_reflns.pdbx_diffrn_id                                 1 
_reflns.pdbx_ordinal                                   1 
_reflns.pdbx_CC_half                                   0.997 
_reflns.pdbx_CC_star                                   0.999 
_reflns.pdbx_R_split                                   ? 
_reflns.pdbx_Rmerge_I_obs                              0.058 
_reflns.pdbx_Rmerge_I_all                              ? 
_reflns.pdbx_Rsym_value                                ? 
_reflns.pdbx_CC_split_method                           ? 
_reflns.pdbx_aniso_diffraction_limit_axis_1_ortho[1]   ? 
_reflns.pdbx_aniso_diffraction_limit_axis_1_ortho[2]   ? 
_reflns.pdbx_aniso_diffraction_limit_axis_1_ortho[3]   ? 
_reflns.pdbx_aniso_diffraction_limit_axis_2_ortho[1]   ? 
_reflns.pdbx_aniso_diffraction_limit_axis_2_ortho[2]   ? 
_reflns.pdbx_aniso_diffraction_limit_axis_2_ortho[3]   ? 
_reflns.pdbx_aniso_diffraction_limit_axis_3_ortho[1]   ? 
_reflns.pdbx_aniso_diffraction_limit_axis_3_ortho[2]   ? 
_reflns.pdbx_aniso_diffraction_limit_axis_3_ortho[3]   ? 
_reflns.pdbx_aniso_diffraction_limit_1                 ? 
_reflns.pdbx_aniso_diffraction_limit_2                 ? 
_reflns.pdbx_aniso_diffraction_limit_3                 ? 
_reflns.pdbx_aniso_B_tensor_eigenvector_1_ortho[1]     ? 
_reflns.pdbx_aniso_B_tensor_eigenvector_1_ortho[2]     ? 
_reflns.pdbx_aniso_B_tensor_eigenvector_1_ortho[3]     ? 
_reflns.pdbx_aniso_B_tensor_eigenvector_2_ortho[1]     ? 
_reflns.pdbx_aniso_B_tensor_eigenvector_2_ortho[2]     ? 
_reflns.pdbx_aniso_B_tensor_eigenvector_2_ortho[3]     ? 
_reflns.pdbx_aniso_B_tensor_eigenvector_3_ortho[1]     ? 
_reflns.pdbx_aniso_B_tensor_eigenvector_3_ortho[2]     ? 
_reflns.pdbx_aniso_B_tensor_eigenvector_3_ortho[3]     ? 
_reflns.pdbx_aniso_B_tensor_eigenvalue_1               ? 
_reflns.pdbx_aniso_B_tensor_eigenvalue_2               ? 
_reflns.pdbx_aniso_B_tensor_eigenvalue_3               ? 
_reflns.pdbx_orthogonalization_convention              ? 
_reflns.pdbx_percent_possible_ellipsoidal              ? 
_reflns.pdbx_percent_possible_spherical                ? 
_reflns.pdbx_percent_possible_ellipsoidal_anomalous    ? 
_reflns.pdbx_percent_possible_spherical_anomalous      ? 
_reflns.pdbx_redundancy_anomalous                      ? 
_reflns.pdbx_CC_half_anomalous                         ? 
_reflns.pdbx_absDiff_over_sigma_anomalous              ? 
_reflns.pdbx_percent_possible_anomalous                ? 
_reflns.pdbx_observed_signal_threshold                 ? 
_reflns.pdbx_signal_type                               ? 
_reflns.pdbx_signal_details                            ? 
_reflns.pdbx_signal_software_id                        ? 
# 
loop_
_reflns_shell.d_res_high 
_reflns_shell.d_res_low 
_reflns_shell.meanI_over_sigI_all 
_reflns_shell.meanI_over_sigI_obs 
_reflns_shell.number_measured_all 
_reflns_shell.number_measured_obs 
_reflns_shell.number_possible 
_reflns_shell.number_unique_all 
_reflns_shell.number_unique_obs 
_reflns_shell.percent_possible_obs 
_reflns_shell.Rmerge_F_all 
_reflns_shell.Rmerge_F_obs 
_reflns_shell.meanI_over_sigI_gt 
_reflns_shell.meanI_over_uI_all 
_reflns_shell.meanI_over_uI_gt 
_reflns_shell.number_measured_gt 
_reflns_shell.number_unique_gt 
_reflns_shell.percent_possible_gt 
_reflns_shell.Rmerge_F_gt 
_reflns_shell.Rmerge_I_gt 
_reflns_shell.pdbx_redundancy 
_reflns_shell.pdbx_chi_squared 
_reflns_shell.pdbx_netI_over_sigmaI_all 
_reflns_shell.pdbx_netI_over_sigmaI_obs 
_reflns_shell.pdbx_Rrim_I_all 
_reflns_shell.pdbx_Rpim_I_all 
_reflns_shell.pdbx_rejects 
_reflns_shell.pdbx_ordinal 
_reflns_shell.pdbx_diffrn_id 
_reflns_shell.pdbx_CC_half 
_reflns_shell.pdbx_CC_star 
_reflns_shell.pdbx_R_split 
_reflns_shell.percent_possible_all 
_reflns_shell.Rmerge_I_all 
_reflns_shell.Rmerge_I_obs 
_reflns_shell.pdbx_Rsym_value 
_reflns_shell.pdbx_percent_possible_ellipsoidal 
_reflns_shell.pdbx_percent_possible_spherical 
_reflns_shell.pdbx_percent_possible_ellipsoidal_anomalous 
_reflns_shell.pdbx_percent_possible_spherical_anomalous 
_reflns_shell.pdbx_redundancy_anomalous 
_reflns_shell.pdbx_CC_half_anomalous 
_reflns_shell.pdbx_absDiff_over_sigma_anomalous 
_reflns_shell.pdbx_percent_possible_anomalous 
1.83 1.86  ? ? ? ? ? ? 772 ? ? ? ? ? ? ? ? ? ? ? 12.7 0.431 ? ? 1.443 0.399 ? 1  1 0.724 0.916 ? 100.0 ? 1.386 ? ? ? ? ? ? ? ? ? 
1.86 1.90  ? ? ? ? ? ? 810 ? ? ? ? ? ? ? ? ? ? ? 12.4 0.456 ? ? 1.009 0.285 ? 2  1 0.812 0.947 ? 100.0 ? 0.967 ? ? ? ? ? ? ? ? ? 
1.90 1.93  ? ? ? ? ? ? 785 ? ? ? ? ? ? ? ? ? ? ? 12.9 0.509 ? ? 0.862 0.237 ? 3  1 0.855 0.960 ? 100.0 ? 0.828 ? ? ? ? ? ? ? ? ? 
1.93 1.97  ? ? ? ? ? ? 802 ? ? ? ? ? ? ? ? ? ? ? 13.1 0.493 ? ? 0.670 0.182 ? 4  1 0.917 0.978 ? 100.0 ? 0.644 ? ? ? ? ? ? ? ? ? 
1.97 2.01  ? ? ? ? ? ? 766 ? ? ? ? ? ? ? ? ? ? ? 13.1 0.524 ? ? 0.521 0.142 ? 5  1 0.941 0.985 ? 100.0 ? 0.501 ? ? ? ? ? ? ? ? ? 
2.01 2.06  ? ? ? ? ? ? 809 ? ? ? ? ? ? ? ? ? ? ? 12.2 0.531 ? ? 0.452 0.128 ? 6  1 0.961 0.990 ? 100.0 ? 0.434 ? ? ? ? ? ? ? ? ? 
2.06 2.11  ? ? ? ? ? ? 802 ? ? ? ? ? ? ? ? ? ? ? 13.1 0.599 ? ? 0.372 0.101 ? 7  1 0.971 0.993 ? 100.0 ? 0.357 ? ? ? ? ? ? ? ? ? 
2.11 2.17  ? ? ? ? ? ? 801 ? ? ? ? ? ? ? ? ? ? ? 13.2 0.608 ? ? 0.305 0.083 ? 8  1 0.977 0.994 ? 100.0 ? 0.293 ? ? ? ? ? ? ? ? ? 
2.17 2.23  ? ? ? ? ? ? 796 ? ? ? ? ? ? ? ? ? ? ? 13.2 0.644 ? ? 0.252 0.069 ? 9  1 0.985 0.996 ? 100.0 ? 0.243 ? ? ? ? ? ? ? ? ? 
2.23 2.31  ? ? ? ? ? ? 782 ? ? ? ? ? ? ? ? ? ? ? 12.4 0.676 ? ? 0.225 0.063 ? 10 1 0.989 0.997 ? 100.0 ? 0.216 ? ? ? ? ? ? ? ? ? 
2.31 2.39  ? ? ? ? ? ? 811 ? ? ? ? ? ? ? ? ? ? ? 12.8 0.733 ? ? 0.174 0.048 ? 11 1 0.992 0.998 ? 100.0 ? 0.167 ? ? ? ? ? ? ? ? ? 
2.39 2.48  ? ? ? ? ? ? 809 ? ? ? ? ? ? ? ? ? ? ? 13.2 0.752 ? ? 0.148 0.040 ? 12 1 0.994 0.998 ? 100.0 ? 0.142 ? ? ? ? ? ? ? ? ? 
2.48 2.60  ? ? ? ? ? ? 817 ? ? ? ? ? ? ? ? ? ? ? 12.5 0.876 ? ? 0.127 0.036 ? 13 1 0.995 0.999 ? 100.0 ? 0.122 ? ? ? ? ? ? ? ? ? 
2.60 2.73  ? ? ? ? ? ? 800 ? ? ? ? ? ? ? ? ? ? ? 13.3 1.083 ? ? 0.109 0.030 ? 14 1 0.995 0.999 ? 100.0 ? 0.105 ? ? ? ? ? ? ? ? ? 
2.73 2.90  ? ? ? ? ? ? 804 ? ? ? ? ? ? ? ? ? ? ? 13.3 1.135 ? ? 0.092 0.025 ? 15 1 0.996 0.999 ? 100.0 ? 0.089 ? ? ? ? ? ? ? ? ? 
2.90 3.13  ? ? ? ? ? ? 814 ? ? ? ? ? ? ? ? ? ? ? 12.4 1.276 ? ? 0.070 0.020 ? 16 1 0.999 1.000 ? 100.0 ? 0.067 ? ? ? ? ? ? ? ? ? 
3.13 3.44  ? ? ? ? ? ? 822 ? ? ? ? ? ? ? ? ? ? ? 13.0 1.423 ? ? 0.061 0.017 ? 17 1 0.999 1.000 ? 100.0 ? 0.059 ? ? ? ? ? ? ? ? ? 
3.44 3.94  ? ? ? ? ? ? 834 ? ? ? ? ? ? ? ? ? ? ? 12.7 1.264 ? ? 0.053 0.015 ? 18 1 0.999 1.000 ? 99.9  ? 0.051 ? ? ? ? ? ? ? ? ? 
3.94 4.97  ? ? ? ? ? ? 840 ? ? ? ? ? ? ? ? ? ? ? 12.3 0.965 ? ? 0.044 0.013 ? 19 1 0.999 1.000 ? 100.0 ? 0.043 ? ? ? ? ? ? ? ? ? 
4.97 50.00 ? ? ? ? ? ? 905 ? ? ? ? ? ? ? ? ? ? ? 11.5 0.727 ? ? 0.039 0.011 ? 20 1 0.999 1.000 ? 99.6  ? 0.037 ? ? ? ? ? ? ? ? ? 
# 
_refine.aniso_B[1][1]                            ? 
_refine.aniso_B[1][2]                            ? 
_refine.aniso_B[1][3]                            ? 
_refine.aniso_B[2][2]                            ? 
_refine.aniso_B[2][3]                            ? 
_refine.aniso_B[3][3]                            ? 
_refine.B_iso_max                                ? 
_refine.B_iso_mean                               ? 
_refine.B_iso_min                                ? 
_refine.correlation_coeff_Fo_to_Fc               ? 
_refine.correlation_coeff_Fo_to_Fc_free          ? 
_refine.details                                  ? 
_refine.diff_density_max                         ? 
_refine.diff_density_max_esd                     ? 
_refine.diff_density_min                         ? 
_refine.diff_density_min_esd                     ? 
_refine.diff_density_rms                         ? 
_refine.diff_density_rms_esd                     ? 
_refine.entry_id                                 8XZQ 
_refine.pdbx_refine_id                           'X-RAY DIFFRACTION' 
_refine.ls_abs_structure_details                 ? 
_refine.ls_abs_structure_Flack                   ? 
_refine.ls_abs_structure_Flack_esd               ? 
_refine.ls_abs_structure_Rogers                  ? 
_refine.ls_abs_structure_Rogers_esd              ? 
_refine.ls_d_res_high                            1.83 
_refine.ls_d_res_low                             24.63 
_refine.ls_extinction_coef                       ? 
_refine.ls_extinction_coef_esd                   ? 
_refine.ls_extinction_expression                 ? 
_refine.ls_extinction_method                     ? 
_refine.ls_goodness_of_fit_all                   ? 
_refine.ls_goodness_of_fit_all_esd               ? 
_refine.ls_goodness_of_fit_obs                   ? 
_refine.ls_goodness_of_fit_obs_esd               ? 
_refine.ls_hydrogen_treatment                    ? 
_refine.ls_matrix_type                           ? 
_refine.ls_number_constraints                    ? 
_refine.ls_number_parameters                     ? 
_refine.ls_number_reflns_all                     ? 
_refine.ls_number_reflns_obs                     16117 
_refine.ls_number_reflns_R_free                  831 
_refine.ls_number_reflns_R_work                  ? 
_refine.ls_number_restraints                     ? 
_refine.ls_percent_reflns_obs                    99.70 
_refine.ls_percent_reflns_R_free                 5.16 
_refine.ls_R_factor_all                          ? 
_refine.ls_R_factor_obs                          0.2105 
_refine.ls_R_factor_R_free                       0.2346 
_refine.ls_R_factor_R_free_error                 ? 
_refine.ls_R_factor_R_free_error_details         ? 
_refine.ls_R_factor_R_work                       0.2092 
_refine.ls_R_Fsqd_factor_obs                     ? 
_refine.ls_R_I_factor_obs                        ? 
_refine.ls_redundancy_reflns_all                 ? 
_refine.ls_redundancy_reflns_obs                 ? 
_refine.ls_restrained_S_all                      ? 
_refine.ls_restrained_S_obs                      ? 
_refine.ls_shift_over_esd_max                    ? 
_refine.ls_shift_over_esd_mean                   ? 
_refine.ls_structure_factor_coef                 ? 
_refine.ls_weighting_details                     ? 
_refine.ls_weighting_scheme                      ? 
_refine.ls_wR_factor_all                         ? 
_refine.ls_wR_factor_obs                         ? 
_refine.ls_wR_factor_R_free                      ? 
_refine.ls_wR_factor_R_work                      ? 
_refine.occupancy_max                            ? 
_refine.occupancy_min                            ? 
_refine.solvent_model_details                    'FLAT BULK SOLVENT MODEL' 
_refine.solvent_model_param_bsol                 ? 
_refine.solvent_model_param_ksol                 ? 
_refine.pdbx_R_complete                          ? 
_refine.ls_R_factor_gt                           ? 
_refine.ls_goodness_of_fit_gt                    ? 
_refine.ls_goodness_of_fit_ref                   ? 
_refine.ls_shift_over_su_max                     ? 
_refine.ls_shift_over_su_max_lt                  ? 
_refine.ls_shift_over_su_mean                    ? 
_refine.ls_shift_over_su_mean_lt                 ? 
_refine.pdbx_ls_sigma_I                          ? 
_refine.pdbx_ls_sigma_F                          1.34 
_refine.pdbx_ls_sigma_Fsqd                       ? 
_refine.pdbx_data_cutoff_high_absF               ? 
_refine.pdbx_data_cutoff_high_rms_absF           ? 
_refine.pdbx_data_cutoff_low_absF                ? 
_refine.pdbx_isotropic_thermal_model             ? 
_refine.pdbx_ls_cross_valid_method               THROUGHOUT 
_refine.pdbx_method_to_determine_struct          'MOLECULAR REPLACEMENT' 
_refine.pdbx_starting_model                      ? 
_refine.pdbx_stereochemistry_target_values       ML 
_refine.pdbx_R_Free_selection_details            ? 
_refine.pdbx_stereochem_target_val_spec_case     ? 
_refine.pdbx_overall_ESU_R                       ? 
_refine.pdbx_overall_ESU_R_Free                  ? 
_refine.pdbx_solvent_vdw_probe_radii             1.11 
_refine.pdbx_solvent_ion_probe_radii             ? 
_refine.pdbx_solvent_shrinkage_radii             0.90 
_refine.pdbx_real_space_R                        ? 
_refine.pdbx_density_correlation                 ? 
_refine.pdbx_pd_number_of_powder_patterns        ? 
_refine.pdbx_pd_number_of_points                 ? 
_refine.pdbx_pd_meas_number_of_points            ? 
_refine.pdbx_pd_proc_ls_prof_R_factor            ? 
_refine.pdbx_pd_proc_ls_prof_wR_factor           ? 
_refine.pdbx_pd_Marquardt_correlation_coeff      ? 
_refine.pdbx_pd_Fsqrd_R_factor                   ? 
_refine.pdbx_pd_ls_matrix_band_width             ? 
_refine.pdbx_overall_phase_error                 29.07 
_refine.pdbx_overall_SU_R_free_Cruickshank_DPI   ? 
_refine.pdbx_overall_SU_R_free_Blow_DPI          ? 
_refine.pdbx_overall_SU_R_Blow_DPI               ? 
_refine.pdbx_TLS_residual_ADP_flag               ? 
_refine.pdbx_diffrn_id                           1 
_refine.overall_SU_B                             ? 
_refine.overall_SU_ML                            0.21 
_refine.overall_SU_R_Cruickshank_DPI             ? 
_refine.overall_SU_R_free                        ? 
_refine.overall_FOM_free_R_set                   ? 
_refine.overall_FOM_work_R_set                   ? 
_refine.pdbx_average_fsc_overall                 ? 
_refine.pdbx_average_fsc_work                    ? 
_refine.pdbx_average_fsc_free                    ? 
# 
_refine_hist.pdbx_refine_id                   'X-RAY DIFFRACTION' 
_refine_hist.cycle_id                         LAST 
_refine_hist.pdbx_number_atoms_protein        0 
_refine_hist.pdbx_number_atoms_nucleic_acid   1104 
_refine_hist.pdbx_number_atoms_ligand         64 
_refine_hist.number_atoms_solvent             40 
_refine_hist.number_atoms_total               1208 
_refine_hist.d_res_high                       1.83 
_refine_hist.d_res_low                        24.63 
# 
loop_
_refine_ls_restr.pdbx_refine_id 
_refine_ls_restr.criterion 
_refine_ls_restr.dev_ideal 
_refine_ls_restr.dev_ideal_target 
_refine_ls_restr.number 
_refine_ls_restr.rejects 
_refine_ls_restr.type 
_refine_ls_restr.weight 
_refine_ls_restr.pdbx_restraint_function 
'X-RAY DIFFRACTION' ? 0.005  ? 1290 ? f_bond_d           ? ? 
'X-RAY DIFFRACTION' ? 1.128  ? 1999 ? f_angle_d          ? ? 
'X-RAY DIFFRACTION' ? 16.902 ? 646  ? f_dihedral_angle_d ? ? 
'X-RAY DIFFRACTION' ? 0.043  ? 264  ? f_chiral_restr     ? ? 
'X-RAY DIFFRACTION' ? 0.007  ? 54   ? f_plane_restr      ? ? 
# 
loop_
_refine_ls_shell.pdbx_refine_id 
_refine_ls_shell.d_res_high 
_refine_ls_shell.d_res_low 
_refine_ls_shell.number_reflns_all 
_refine_ls_shell.number_reflns_obs 
_refine_ls_shell.number_reflns_R_free 
_refine_ls_shell.number_reflns_R_work 
_refine_ls_shell.percent_reflns_obs 
_refine_ls_shell.percent_reflns_R_free 
_refine_ls_shell.R_factor_all 
_refine_ls_shell.R_factor_obs 
_refine_ls_shell.R_factor_R_free_error 
_refine_ls_shell.R_factor_R_work 
_refine_ls_shell.redundancy_reflns_all 
_refine_ls_shell.redundancy_reflns_obs 
_refine_ls_shell.wR_factor_all 
_refine_ls_shell.wR_factor_obs 
_refine_ls_shell.wR_factor_R_free 
_refine_ls_shell.wR_factor_R_work 
_refine_ls_shell.pdbx_R_complete 
_refine_ls_shell.pdbx_total_number_of_bins_used 
_refine_ls_shell.pdbx_phase_error 
_refine_ls_shell.pdbx_fsc_work 
_refine_ls_shell.pdbx_fsc_free 
_refine_ls_shell.R_factor_R_free 
'X-RAY DIFFRACTION' 1.83 1.94  . . 137 2471 99.00  . . . . 0.2891 . . . . . . . . . . . 0.3522 
'X-RAY DIFFRACTION' 1.94 2.09  . . 127 2530 100.00 . . . . 0.2773 . . . . . . . . . . . 0.3199 
'X-RAY DIFFRACTION' 2.09 2.30  . . 142 2497 100.00 . . . . 0.2777 . . . . . . . . . . . 0.3219 
'X-RAY DIFFRACTION' 2.30 2.63  . . 134 2547 100.00 . . . . 0.2915 . . . . . . . . . . . 0.3348 
'X-RAY DIFFRACTION' 2.64 3.32  . . 144 2570 100.00 . . . . 0.2439 . . . . . . . . . . . 0.2650 
'X-RAY DIFFRACTION' 3.32 24.63 . . 147 2671 100.00 . . . . 0.1602 . . . . . . . . . . . 0.1790 
# 
_struct.entry_id                     8XZQ 
_struct.title                        'Crystal structure of folE riboswitch with 8-N Guanine' 
_struct.pdbx_model_details           ? 
_struct.pdbx_formula_weight          ? 
_struct.pdbx_formula_weight_method   ? 
_struct.pdbx_model_type_details      ? 
_struct.pdbx_CASP_flag               N 
# 
_struct_keywords.entry_id        8XZQ 
_struct_keywords.text            'riboswitch, 8-N Guanine, RNA' 
_struct_keywords.pdbx_keywords   RNA 
# 
loop_
_struct_asym.id 
_struct_asym.pdbx_blank_PDB_chainid_flag 
_struct_asym.pdbx_modified 
_struct_asym.entity_id 
_struct_asym.details 
A N N 1 ? 
B N N 2 ? 
C N N 3 ? 
D N N 4 ? 
E N N 4 ? 
F N N 4 ? 
G N N 4 ? 
H N N 4 ? 
I N N 4 ? 
J N N 4 ? 
K N N 5 ? 
# 
_struct_ref.id                         1 
_struct_ref.db_name                    PDB 
_struct_ref.db_code                    8XZQ 
_struct_ref.pdbx_db_accession          8XZQ 
_struct_ref.pdbx_db_isoform            ? 
_struct_ref.entity_id                  1 
_struct_ref.pdbx_seq_one_letter_code   ? 
_struct_ref.pdbx_align_begin           1 
# 
_struct_ref_seq.align_id                      1 
_struct_ref_seq.ref_id                        1 
_struct_ref_seq.pdbx_PDB_id_code              8XZQ 
_struct_ref_seq.pdbx_strand_id                A 
_struct_ref_seq.seq_align_beg                 1 
_struct_ref_seq.pdbx_seq_align_beg_ins_code   ? 
_struct_ref_seq.seq_align_end                 53 
_struct_ref_seq.pdbx_seq_align_end_ins_code   ? 
_struct_ref_seq.pdbx_db_accession             8XZQ 
_struct_ref_seq.db_align_beg                  1 
_struct_ref_seq.pdbx_db_align_beg_ins_code    ? 
_struct_ref_seq.db_align_end                  53 
_struct_ref_seq.pdbx_db_align_end_ins_code    ? 
_struct_ref_seq.pdbx_auth_seq_align_beg       1 
_struct_ref_seq.pdbx_auth_seq_align_end       53 
# 
_pdbx_struct_assembly.id                   1 
_pdbx_struct_assembly.details              author_defined_assembly 
_pdbx_struct_assembly.method_details       ? 
_pdbx_struct_assembly.oligomeric_details   monomeric 
_pdbx_struct_assembly.oligomeric_count     1 
# 
_pdbx_struct_assembly_gen.assembly_id       1 
_pdbx_struct_assembly_gen.oper_expression   1 
_pdbx_struct_assembly_gen.asym_id_list      A,B,C,D,E,F,G,H,I,J,K 
# 
_pdbx_struct_assembly_auth_evidence.id                     1 
_pdbx_struct_assembly_auth_evidence.assembly_id            1 
_pdbx_struct_assembly_auth_evidence.experimental_support   'surface plasmon resonance' 
_pdbx_struct_assembly_auth_evidence.details                ? 
# 
_pdbx_struct_oper_list.id                   1 
_pdbx_struct_oper_list.type                 'identity operation' 
_pdbx_struct_oper_list.name                 1_555 
_pdbx_struct_oper_list.symmetry_operation   x,y,z 
_pdbx_struct_oper_list.matrix[1][1]         1.0000000000 
_pdbx_struct_oper_list.matrix[1][2]         0.0000000000 
_pdbx_struct_oper_list.matrix[1][3]         0.0000000000 
_pdbx_struct_oper_list.vector[1]            0.0000000000 
_pdbx_struct_oper_list.matrix[2][1]         0.0000000000 
_pdbx_struct_oper_list.matrix[2][2]         1.0000000000 
_pdbx_struct_oper_list.matrix[2][3]         0.0000000000 
_pdbx_struct_oper_list.vector[2]            0.0000000000 
_pdbx_struct_oper_list.matrix[3][1]         0.0000000000 
_pdbx_struct_oper_list.matrix[3][2]         0.0000000000 
_pdbx_struct_oper_list.matrix[3][3]         1.0000000000 
_pdbx_struct_oper_list.vector[3]            0.0000000000 
# 
loop_
_struct_conn.id 
_struct_conn.conn_type_id 
_struct_conn.pdbx_leaving_atom_flag 
_struct_conn.pdbx_PDB_id 
_struct_conn.ptnr1_label_asym_id 
_struct_conn.ptnr1_label_comp_id 
_struct_conn.ptnr1_label_seq_id 
_struct_conn.ptnr1_label_atom_id 
_struct_conn.pdbx_ptnr1_label_alt_id 
_struct_conn.pdbx_ptnr1_PDB_ins_code 
_struct_conn.pdbx_ptnr1_standard_comp_id 
_struct_conn.ptnr1_symmetry 
_struct_conn.ptnr2_label_asym_id 
_struct_conn.ptnr2_label_comp_id 
_struct_conn.ptnr2_label_seq_id 
_struct_conn.ptnr2_label_atom_id 
_struct_conn.pdbx_ptnr2_label_alt_id 
_struct_conn.pdbx_ptnr2_PDB_ins_code 
_struct_conn.ptnr1_auth_asym_id 
_struct_conn.ptnr1_auth_comp_id 
_struct_conn.ptnr1_auth_seq_id 
_struct_conn.ptnr2_auth_asym_id 
_struct_conn.ptnr2_auth_comp_id 
_struct_conn.ptnr2_auth_seq_id 
_struct_conn.ptnr2_symmetry 
_struct_conn.pdbx_ptnr3_label_atom_id 
_struct_conn.pdbx_ptnr3_label_seq_id 
_struct_conn.pdbx_ptnr3_label_comp_id 
_struct_conn.pdbx_ptnr3_label_asym_id 
_struct_conn.pdbx_ptnr3_label_alt_id 
_struct_conn.pdbx_ptnr3_PDB_ins_code 
_struct_conn.details 
_struct_conn.pdbx_dist_value 
_struct_conn.pdbx_value_order 
_struct_conn.pdbx_role 
covale1  covale both ? A GTP 1  "O3'" ? ? ? 1_555 A G   2  P  ? ? A GTP 1   A G   2   1_555 ? ? ? ? ? ? ?             1.702 ? ? 
metalc1  metalc ?    ? A G   2  O6    ? ? ? 1_555 E MG  .  MG ? ? A G   2   A MG  104 1_555 ? ? ? ? ? ? ?             2.966 ? ? 
metalc2  metalc ?    ? A U   4  O4    ? ? ? 1_555 G MG  .  MG ? ? A U   4   A MG  106 1_555 ? ? ? ? ? ? ?             2.761 ? ? 
metalc3  metalc ?    ? A G   5  O6    ? ? ? 1_555 G MG  .  MG ? ? A G   5   A MG  106 1_555 ? ? ? ? ? ? ?             2.686 ? ? 
metalc4  metalc ?    ? A U   22 O4    ? ? ? 1_555 J MG  .  MG ? ? A U   22  A MG  109 1_555 ? ? ? ? ? ? ?             2.549 ? ? 
metalc5  metalc ?    ? A U   53 "O3'" ? ? ? 1_555 D MG  .  MG ? ? A U   53  A MG  103 1_555 ? ? ? ? ? ? ?             2.948 ? ? 
metalc6  metalc ?    ? A U   53 "O2'" ? ? ? 1_555 D MG  .  MG ? ? A U   53  A MG  103 1_555 ? ? ? ? ? ? ?             1.927 ? ? 
metalc7  metalc ?    ? D MG  .  MG    ? ? ? 1_555 K HOH .  O  ? ? A MG  103 A HOH 201 1_555 ? ? ? ? ? ? ?             2.134 ? ? 
metalc8  metalc ?    ? F MG  .  MG    ? ? ? 1_555 K HOH .  O  ? ? A MG  105 A HOH 223 1_555 ? ? ? ? ? ? ?             2.683 ? ? 
metalc9  metalc ?    ? G MG  .  MG    ? ? ? 1_555 K HOH .  O  ? ? A MG  106 A HOH 224 1_555 ? ? ? ? ? ? ?             2.403 ? ? 
metalc10 metalc ?    ? G MG  .  MG    ? ? ? 1_555 K HOH .  O  ? ? A MG  106 A HOH 226 1_555 ? ? ? ? ? ? ?             2.611 ? ? 
metalc11 metalc ?    ? G MG  .  MG    ? ? ? 1_555 K HOH .  O  ? ? A MG  106 A HOH 234 1_555 ? ? ? ? ? ? ?             2.349 ? ? 
metalc12 metalc ?    ? H MG  .  MG    ? ? ? 1_555 K HOH .  O  ? ? A MG  107 A HOH 211 1_555 ? ? ? ? ? ? ?             2.046 ? ? 
metalc13 metalc ?    ? H MG  .  MG    ? ? ? 1_555 K HOH .  O  ? ? A MG  107 A HOH 238 1_555 ? ? ? ? ? ? ?             2.128 ? ? 
metalc14 metalc ?    ? J MG  .  MG    ? ? ? 1_555 K HOH .  O  ? ? A MG  109 A HOH 217 1_555 ? ? ? ? ? ? ?             2.747 ? ? 
metalc15 metalc ?    ? J MG  .  MG    ? ? ? 1_555 K HOH .  O  ? ? A MG  109 A HOH 218 1_555 ? ? ? ? ? ? ?             2.489 ? ? 
metalc16 metalc ?    ? J MG  .  MG    ? ? ? 1_555 K HOH .  O  ? ? A MG  109 A HOH 222 1_555 ? ? ? ? ? ? ?             2.690 ? ? 
hydrog1  hydrog ?    ? A GTP 1  N1    ? ? ? 1_555 A U   53 O2 ? ? A GTP 1   A U   53  1_555 ? ? ? ? ? ? TYPE_28_PAIR  ?     ? ? 
hydrog2  hydrog ?    ? A GTP 1  O6    ? ? ? 1_555 A U   53 N3 ? ? A GTP 1   A U   53  1_555 ? ? ? ? ? ? TYPE_28_PAIR  ?     ? ? 
hydrog3  hydrog ?    ? A G   2  N1    ? ? ? 1_555 A C   52 N3 ? ? A G   2   A C   52  1_555 ? ? ? ? ? ? WATSON-CRICK  ?     ? ? 
hydrog4  hydrog ?    ? A G   2  N2    ? ? ? 1_555 A C   52 O2 ? ? A G   2   A C   52  1_555 ? ? ? ? ? ? WATSON-CRICK  ?     ? ? 
hydrog5  hydrog ?    ? A G   2  O6    ? ? ? 1_555 A C   52 N4 ? ? A G   2   A C   52  1_555 ? ? ? ? ? ? WATSON-CRICK  ?     ? ? 
hydrog6  hydrog ?    ? A G   3  N1    ? ? ? 1_555 A C   51 N3 ? ? A G   3   A C   51  1_555 ? ? ? ? ? ? WATSON-CRICK  ?     ? ? 
hydrog7  hydrog ?    ? A G   3  N2    ? ? ? 1_555 A C   51 O2 ? ? A G   3   A C   51  1_555 ? ? ? ? ? ? WATSON-CRICK  ?     ? ? 
hydrog8  hydrog ?    ? A G   3  O6    ? ? ? 1_555 A C   51 N4 ? ? A G   3   A C   51  1_555 ? ? ? ? ? ? WATSON-CRICK  ?     ? ? 
hydrog9  hydrog ?    ? A U   4  N3    ? ? ? 1_555 A G   50 O6 ? ? A U   4   A G   50  1_555 ? ? ? ? ? ? TYPE_28_PAIR  ?     ? ? 
hydrog10 hydrog ?    ? A U   4  O2    ? ? ? 1_555 A G   50 N1 ? ? A U   4   A G   50  1_555 ? ? ? ? ? ? TYPE_28_PAIR  ?     ? ? 
hydrog11 hydrog ?    ? A G   5  N1    ? ? ? 1_555 A C   49 N3 ? ? A G   5   A C   49  1_555 ? ? ? ? ? ? WATSON-CRICK  ?     ? ? 
hydrog12 hydrog ?    ? A G   5  N2    ? ? ? 1_555 A C   49 O2 ? ? A G   5   A C   49  1_555 ? ? ? ? ? ? WATSON-CRICK  ?     ? ? 
hydrog13 hydrog ?    ? A G   5  O6    ? ? ? 1_555 A C   49 N4 ? ? A G   5   A C   49  1_555 ? ? ? ? ? ? WATSON-CRICK  ?     ? ? 
hydrog14 hydrog ?    ? A U   6  N3    ? ? ? 1_555 A G   48 O6 ? ? A U   6   A G   48  1_555 ? ? ? ? ? ? TYPE_28_PAIR  ?     ? ? 
hydrog15 hydrog ?    ? A U   6  O2    ? ? ? 1_555 A G   48 N1 ? ? A U   6   A G   48  1_555 ? ? ? ? ? ? TYPE_28_PAIR  ?     ? ? 
hydrog16 hydrog ?    ? A G   7  N2    ? ? ? 1_555 A A   47 N7 ? ? A G   7   A A   47  1_555 ? ? ? ? ? ? TYPE_11_PAIR  ?     ? ? 
hydrog17 hydrog ?    ? A G   7  N3    ? ? ? 1_555 A A   47 N6 ? ? A G   7   A A   47  1_555 ? ? ? ? ? ? TYPE_11_PAIR  ?     ? ? 
hydrog18 hydrog ?    ? A A   9  N6    ? ? ? 1_555 A G   46 N3 ? ? A A   9   A G   46  1_555 ? ? ? ? ? ? TYPE_11_PAIR  ?     ? ? 
hydrog19 hydrog ?    ? A A   9  N7    ? ? ? 1_555 A G   46 N2 ? ? A A   9   A G   46  1_555 ? ? ? ? ? ? TYPE_11_PAIR  ?     ? ? 
hydrog20 hydrog ?    ? A C   10 N3    ? ? ? 1_555 A G   45 N1 ? ? A C   10  A G   45  1_555 ? ? ? ? ? ? WATSON-CRICK  ?     ? ? 
hydrog21 hydrog ?    ? A C   10 N4    ? ? ? 1_555 A G   45 O6 ? ? A C   10  A G   45  1_555 ? ? ? ? ? ? WATSON-CRICK  ?     ? ? 
hydrog22 hydrog ?    ? A C   10 O2    ? ? ? 1_555 A G   45 N2 ? ? A C   10  A G   45  1_555 ? ? ? ? ? ? WATSON-CRICK  ?     ? ? 
hydrog23 hydrog ?    ? A C   11 N3    ? ? ? 1_555 A G   44 N1 ? ? A C   11  A G   44  1_555 ? ? ? ? ? ? WATSON-CRICK  ?     ? ? 
hydrog24 hydrog ?    ? A C   11 N4    ? ? ? 1_555 A G   44 O6 ? ? A C   11  A G   44  1_555 ? ? ? ? ? ? WATSON-CRICK  ?     ? ? 
hydrog25 hydrog ?    ? A C   11 O2    ? ? ? 1_555 A G   44 N2 ? ? A C   11  A G   44  1_555 ? ? ? ? ? ? WATSON-CRICK  ?     ? ? 
hydrog26 hydrog ?    ? A G   12 N1    ? ? ? 1_555 A C   43 N3 ? ? A G   12  A C   43  1_555 ? ? ? ? ? ? WATSON-CRICK  ?     ? ? 
hydrog27 hydrog ?    ? A G   12 N2    ? ? ? 1_555 A C   43 O2 ? ? A G   12  A C   43  1_555 ? ? ? ? ? ? WATSON-CRICK  ?     ? ? 
hydrog28 hydrog ?    ? A G   12 O6    ? ? ? 1_555 A C   43 N4 ? ? A G   12  A C   43  1_555 ? ? ? ? ? ? WATSON-CRICK  ?     ? ? 
hydrog29 hydrog ?    ? A U   13 O2    ? ? ? 1_555 A A   16 N6 ? ? A U   13  A A   16  1_555 ? ? ? ? ? ? 'U-A PAIR'    ?     ? ? 
hydrog30 hydrog ?    ? A U   13 N3    ? ? ? 1_555 A A   42 N1 ? ? A U   13  A A   42  1_555 ? ? ? ? ? ? WATSON-CRICK  ?     ? ? 
hydrog31 hydrog ?    ? A U   13 O4    ? ? ? 1_555 A A   42 N6 ? ? A U   13  A A   42  1_555 ? ? ? ? ? ? WATSON-CRICK  ?     ? ? 
hydrog32 hydrog ?    ? A U   14 N3    ? ? ? 1_555 A A   17 N7 ? ? A U   14  A A   17  1_555 ? ? ? ? ? ? HOOGSTEEN     ?     ? ? 
hydrog33 hydrog ?    ? A U   14 O4    ? ? ? 1_555 A A   17 N6 ? ? A U   14  A A   17  1_555 ? ? ? ? ? ? HOOGSTEEN     ?     ? ? 
hydrog34 hydrog ?    ? A A   16 N6    ? ? ? 1_555 A C   43 O2 ? ? A A   16  A C   43  1_555 ? ? ? ? ? ? 'A-C MISPAIR' ?     ? ? 
hydrog35 hydrog ?    ? A A   17 N6    ? ? ? 1_555 A A   42 N3 ? ? A A   17  A A   42  1_555 ? ? ? ? ? ? 'A-A MISPAIR' ?     ? ? 
hydrog36 hydrog ?    ? A G   21 N1    ? ? ? 1_555 A C   40 N3 ? ? A G   21  A C   40  1_555 ? ? ? ? ? ? WATSON-CRICK  ?     ? ? 
hydrog37 hydrog ?    ? A G   21 N2    ? ? ? 1_555 A C   40 O2 ? ? A G   21  A C   40  1_555 ? ? ? ? ? ? WATSON-CRICK  ?     ? ? 
hydrog38 hydrog ?    ? A G   21 O6    ? ? ? 1_555 A C   40 N4 ? ? A G   21  A C   40  1_555 ? ? ? ? ? ? WATSON-CRICK  ?     ? ? 
hydrog39 hydrog ?    ? A U   22 N3    ? ? ? 1_555 A A   39 N1 ? ? A U   22  A A   39  1_555 ? ? ? ? ? ? WATSON-CRICK  ?     ? ? 
hydrog40 hydrog ?    ? A U   22 O4    ? ? ? 1_555 A A   39 N6 ? ? A U   22  A A   39  1_555 ? ? ? ? ? ? WATSON-CRICK  ?     ? ? 
hydrog41 hydrog ?    ? A C   23 N3    ? ? ? 1_555 A G   38 N1 ? ? A C   23  A G   38  1_555 ? ? ? ? ? ? WATSON-CRICK  ?     ? ? 
hydrog42 hydrog ?    ? A C   23 N4    ? ? ? 1_555 A G   38 O6 ? ? A C   23  A G   38  1_555 ? ? ? ? ? ? WATSON-CRICK  ?     ? ? 
hydrog43 hydrog ?    ? A C   23 O2    ? ? ? 1_555 A G   38 N2 ? ? A C   23  A G   38  1_555 ? ? ? ? ? ? WATSON-CRICK  ?     ? ? 
hydrog44 hydrog ?    ? A C   24 N3    ? ? ? 1_555 A G   37 N1 ? ? A C   24  A G   37  1_555 ? ? ? ? ? ? WATSON-CRICK  ?     ? ? 
hydrog45 hydrog ?    ? A C   24 N4    ? ? ? 1_555 A G   37 O6 ? ? A C   24  A G   37  1_555 ? ? ? ? ? ? WATSON-CRICK  ?     ? ? 
hydrog46 hydrog ?    ? A C   24 O2    ? ? ? 1_555 A G   37 N2 ? ? A C   24  A G   37  1_555 ? ? ? ? ? ? WATSON-CRICK  ?     ? ? 
hydrog47 hydrog ?    ? A C   25 N3    ? ? ? 1_555 A G   36 N1 ? ? A C   25  A G   36  1_555 ? ? ? ? ? ? WATSON-CRICK  ?     ? ? 
hydrog48 hydrog ?    ? A C   25 N4    ? ? ? 1_555 A G   36 O6 ? ? A C   25  A G   36  1_555 ? ? ? ? ? ? WATSON-CRICK  ?     ? ? 
hydrog49 hydrog ?    ? A C   25 O2    ? ? ? 1_555 A G   36 N2 ? ? A C   25  A G   36  1_555 ? ? ? ? ? ? WATSON-CRICK  ?     ? ? 
hydrog50 hydrog ?    ? A A   26 N1    ? ? ? 1_555 A U   35 N3 ? ? A A   26  A U   35  1_555 ? ? ? ? ? ? WATSON-CRICK  ?     ? ? 
hydrog51 hydrog ?    ? A A   26 N6    ? ? ? 1_555 A U   35 O4 ? ? A A   26  A U   35  1_555 ? ? ? ? ? ? WATSON-CRICK  ?     ? ? 
hydrog52 hydrog ?    ? A G   27 N1    ? ? ? 1_555 A C   34 N3 ? ? A G   27  A C   34  1_555 ? ? ? ? ? ? WATSON-CRICK  ?     ? ? 
hydrog53 hydrog ?    ? A G   27 N2    ? ? ? 1_555 A C   34 O2 ? ? A G   27  A C   34  1_555 ? ? ? ? ? ? WATSON-CRICK  ?     ? ? 
hydrog54 hydrog ?    ? A G   27 O6    ? ? ? 1_555 A C   34 N4 ? ? A G   27  A C   34  1_555 ? ? ? ? ? ? WATSON-CRICK  ?     ? ? 
hydrog55 hydrog ?    ? A C   28 N3    ? ? ? 1_555 A G   32 N1 ? ? A C   28  A G   32  1_555 ? ? ? ? ? ? WATSON-CRICK  ?     ? ? 
hydrog56 hydrog ?    ? A C   28 N4    ? ? ? 1_555 A G   32 O6 ? ? A C   28  A G   32  1_555 ? ? ? ? ? ? WATSON-CRICK  ?     ? ? 
hydrog57 hydrog ?    ? A C   28 O2    ? ? ? 1_555 A G   32 N2 ? ? A C   28  A G   32  1_555 ? ? ? ? ? ? WATSON-CRICK  ?     ? ? 
# 
loop_
_struct_conn_type.id 
_struct_conn_type.criteria 
_struct_conn_type.reference 
covale ? ? 
metalc ? ? 
hydrog ? ? 
# 
loop_
_pdbx_struct_conn_angle.id 
_pdbx_struct_conn_angle.ptnr1_label_atom_id 
_pdbx_struct_conn_angle.ptnr1_label_alt_id 
_pdbx_struct_conn_angle.ptnr1_label_asym_id 
_pdbx_struct_conn_angle.ptnr1_label_comp_id 
_pdbx_struct_conn_angle.ptnr1_label_seq_id 
_pdbx_struct_conn_angle.ptnr1_auth_atom_id 
_pdbx_struct_conn_angle.ptnr1_auth_asym_id 
_pdbx_struct_conn_angle.ptnr1_auth_comp_id 
_pdbx_struct_conn_angle.ptnr1_auth_seq_id 
_pdbx_struct_conn_angle.ptnr1_PDB_ins_code 
_pdbx_struct_conn_angle.ptnr1_symmetry 
_pdbx_struct_conn_angle.ptnr2_label_atom_id 
_pdbx_struct_conn_angle.ptnr2_label_alt_id 
_pdbx_struct_conn_angle.ptnr2_label_asym_id 
_pdbx_struct_conn_angle.ptnr2_label_comp_id 
_pdbx_struct_conn_angle.ptnr2_label_seq_id 
_pdbx_struct_conn_angle.ptnr2_auth_atom_id 
_pdbx_struct_conn_angle.ptnr2_auth_asym_id 
_pdbx_struct_conn_angle.ptnr2_auth_comp_id 
_pdbx_struct_conn_angle.ptnr2_auth_seq_id 
_pdbx_struct_conn_angle.ptnr2_PDB_ins_code 
_pdbx_struct_conn_angle.ptnr2_symmetry 
_pdbx_struct_conn_angle.ptnr3_label_atom_id 
_pdbx_struct_conn_angle.ptnr3_label_alt_id 
_pdbx_struct_conn_angle.ptnr3_label_asym_id 
_pdbx_struct_conn_angle.ptnr3_label_comp_id 
_pdbx_struct_conn_angle.ptnr3_label_seq_id 
_pdbx_struct_conn_angle.ptnr3_auth_atom_id 
_pdbx_struct_conn_angle.ptnr3_auth_asym_id 
_pdbx_struct_conn_angle.ptnr3_auth_comp_id 
_pdbx_struct_conn_angle.ptnr3_auth_seq_id 
_pdbx_struct_conn_angle.ptnr3_PDB_ins_code 
_pdbx_struct_conn_angle.ptnr3_symmetry 
_pdbx_struct_conn_angle.value 
_pdbx_struct_conn_angle.value_esd 
1  O4    ? A U   4  ? A U   4   ? 1_555 MG ? G MG . ? A MG 106 ? 1_555 O6    ? A G   5  ? A G   5   ? 1_555 101.8 ? 
2  O4    ? A U   4  ? A U   4   ? 1_555 MG ? G MG . ? A MG 106 ? 1_555 O     ? K HOH .  ? A HOH 224 ? 1_555 160.2 ? 
3  O6    ? A G   5  ? A G   5   ? 1_555 MG ? G MG . ? A MG 106 ? 1_555 O     ? K HOH .  ? A HOH 224 ? 1_555 77.6  ? 
4  O4    ? A U   4  ? A U   4   ? 1_555 MG ? G MG . ? A MG 106 ? 1_555 O     ? K HOH .  ? A HOH 226 ? 1_555 89.6  ? 
5  O6    ? A G   5  ? A G   5   ? 1_555 MG ? G MG . ? A MG 106 ? 1_555 O     ? K HOH .  ? A HOH 226 ? 1_555 92.3  ? 
6  O     ? K HOH .  ? A HOH 224 ? 1_555 MG ? G MG . ? A MG 106 ? 1_555 O     ? K HOH .  ? A HOH 226 ? 1_555 110.2 ? 
7  O4    ? A U   4  ? A U   4   ? 1_555 MG ? G MG . ? A MG 106 ? 1_555 O     ? K HOH .  ? A HOH 234 ? 1_555 75.3  ? 
8  O6    ? A G   5  ? A G   5   ? 1_555 MG ? G MG . ? A MG 106 ? 1_555 O     ? K HOH .  ? A HOH 234 ? 1_555 102.2 ? 
9  O     ? K HOH .  ? A HOH 224 ? 1_555 MG ? G MG . ? A MG 106 ? 1_555 O     ? K HOH .  ? A HOH 234 ? 1_555 85.4  ? 
10 O     ? K HOH .  ? A HOH 226 ? 1_555 MG ? G MG . ? A MG 106 ? 1_555 O     ? K HOH .  ? A HOH 234 ? 1_555 160.9 ? 
11 O4    ? A U   22 ? A U   22  ? 1_555 MG ? J MG . ? A MG 109 ? 1_555 O     ? K HOH .  ? A HOH 217 ? 1_555 81.7  ? 
12 O4    ? A U   22 ? A U   22  ? 1_555 MG ? J MG . ? A MG 109 ? 1_555 O     ? K HOH .  ? A HOH 218 ? 1_555 94.7  ? 
13 O     ? K HOH .  ? A HOH 217 ? 1_555 MG ? J MG . ? A MG 109 ? 1_555 O     ? K HOH .  ? A HOH 218 ? 1_555 89.9  ? 
14 O4    ? A U   22 ? A U   22  ? 1_555 MG ? J MG . ? A MG 109 ? 1_555 O     ? K HOH .  ? A HOH 222 ? 1_555 107.9 ? 
15 O     ? K HOH .  ? A HOH 217 ? 1_555 MG ? J MG . ? A MG 109 ? 1_555 O     ? K HOH .  ? A HOH 222 ? 1_555 77.5  ? 
16 O     ? K HOH .  ? A HOH 218 ? 1_555 MG ? J MG . ? A MG 109 ? 1_555 O     ? K HOH .  ? A HOH 222 ? 1_555 151.9 ? 
17 "O3'" ? A U   53 ? A U   53  ? 1_555 MG ? D MG . ? A MG 103 ? 1_555 "O2'" ? A U   53 ? A U   53  ? 1_555 65.2  ? 
18 "O3'" ? A U   53 ? A U   53  ? 1_555 MG ? D MG . ? A MG 103 ? 1_555 O     ? K HOH .  ? A HOH 201 ? 1_555 69.2  ? 
19 "O2'" ? A U   53 ? A U   53  ? 1_555 MG ? D MG . ? A MG 103 ? 1_555 O     ? K HOH .  ? A HOH 201 ? 1_555 69.5  ? 
20 O     ? K HOH .  ? A HOH 211 ? 1_555 MG ? H MG . ? A MG 107 ? 1_555 O     ? K HOH .  ? A HOH 238 ? 1_555 100.2 ? 
# 
_pdbx_validate_rmsd_bond.id                        1 
_pdbx_validate_rmsd_bond.PDB_model_num             1 
_pdbx_validate_rmsd_bond.auth_atom_id_1            "O3'" 
_pdbx_validate_rmsd_bond.auth_asym_id_1            A 
_pdbx_validate_rmsd_bond.auth_comp_id_1            GTP 
_pdbx_validate_rmsd_bond.auth_seq_id_1             1 
_pdbx_validate_rmsd_bond.PDB_ins_code_1            ? 
_pdbx_validate_rmsd_bond.label_alt_id_1            ? 
_pdbx_validate_rmsd_bond.auth_atom_id_2            P 
_pdbx_validate_rmsd_bond.auth_asym_id_2            A 
_pdbx_validate_rmsd_bond.auth_comp_id_2            G 
_pdbx_validate_rmsd_bond.auth_seq_id_2             2 
_pdbx_validate_rmsd_bond.PDB_ins_code_2            ? 
_pdbx_validate_rmsd_bond.label_alt_id_2            ? 
_pdbx_validate_rmsd_bond.bond_value                1.702 
_pdbx_validate_rmsd_bond.bond_target_value         1.607 
_pdbx_validate_rmsd_bond.bond_deviation            0.095 
_pdbx_validate_rmsd_bond.bond_standard_deviation   0.012 
_pdbx_validate_rmsd_bond.linker_flag               Y 
# 
_pdbx_entry_details.entry_id                 8XZQ 
_pdbx_entry_details.has_ligand_of_interest   Y 
_pdbx_entry_details.compound_details         ? 
_pdbx_entry_details.source_details           ? 
_pdbx_entry_details.nonpolymer_details       ? 
_pdbx_entry_details.sequence_details         ? 
# 
loop_
_chem_comp_atom.comp_id 
_chem_comp_atom.atom_id 
_chem_comp_atom.type_symbol 
_chem_comp_atom.pdbx_aromatic_flag 
_chem_comp_atom.pdbx_stereo_config 
_chem_comp_atom.pdbx_ordinal 
A   OP3    O  N N 1   
A   P      P  N N 2   
A   OP1    O  N N 3   
A   OP2    O  N N 4   
A   "O5'"  O  N N 5   
A   "C5'"  C  N N 6   
A   "C4'"  C  N R 7   
A   "O4'"  O  N N 8   
A   "C3'"  C  N S 9   
A   "O3'"  O  N N 10  
A   "C2'"  C  N R 11  
A   "O2'"  O  N N 12  
A   "C1'"  C  N R 13  
A   N9     N  Y N 14  
A   C8     C  Y N 15  
A   N7     N  Y N 16  
A   C5     C  Y N 17  
A   C6     C  Y N 18  
A   N6     N  N N 19  
A   N1     N  Y N 20  
A   C2     C  Y N 21  
A   N3     N  Y N 22  
A   C4     C  Y N 23  
A   HOP3   H  N N 24  
A   HOP2   H  N N 25  
A   "H5'"  H  N N 26  
A   "H5''" H  N N 27  
A   "H4'"  H  N N 28  
A   "H3'"  H  N N 29  
A   "HO3'" H  N N 30  
A   "H2'"  H  N N 31  
A   "HO2'" H  N N 32  
A   "H1'"  H  N N 33  
A   H8     H  N N 34  
A   H61    H  N N 35  
A   H62    H  N N 36  
A   H2     H  N N 37  
AZG C4     C  Y N 38  
AZG N3     N  Y N 39  
AZG C2     C  Y N 40  
AZG N2     N  N N 41  
AZG N1     N  Y N 42  
AZG C6     C  Y N 43  
AZG O6     O  N N 44  
AZG C5     C  Y N 45  
AZG N7     N  Y N 46  
AZG N8     N  Y N 47  
AZG N9     N  Y N 48  
AZG HN21   H  N N 49  
AZG HN22   H  N N 50  
AZG HO6    H  N N 51  
AZG HN7    H  N N 52  
C   OP3    O  N N 53  
C   P      P  N N 54  
C   OP1    O  N N 55  
C   OP2    O  N N 56  
C   "O5'"  O  N N 57  
C   "C5'"  C  N N 58  
C   "C4'"  C  N R 59  
C   "O4'"  O  N N 60  
C   "C3'"  C  N S 61  
C   "O3'"  O  N N 62  
C   "C2'"  C  N R 63  
C   "O2'"  O  N N 64  
C   "C1'"  C  N R 65  
C   N1     N  N N 66  
C   C2     C  N N 67  
C   O2     O  N N 68  
C   N3     N  N N 69  
C   C4     C  N N 70  
C   N4     N  N N 71  
C   C5     C  N N 72  
C   C6     C  N N 73  
C   HOP3   H  N N 74  
C   HOP2   H  N N 75  
C   "H5'"  H  N N 76  
C   "H5''" H  N N 77  
C   "H4'"  H  N N 78  
C   "H3'"  H  N N 79  
C   "HO3'" H  N N 80  
C   "H2'"  H  N N 81  
C   "HO2'" H  N N 82  
C   "H1'"  H  N N 83  
C   H41    H  N N 84  
C   H42    H  N N 85  
C   H5     H  N N 86  
C   H6     H  N N 87  
G   OP3    O  N N 88  
G   P      P  N N 89  
G   OP1    O  N N 90  
G   OP2    O  N N 91  
G   "O5'"  O  N N 92  
G   "C5'"  C  N N 93  
G   "C4'"  C  N R 94  
G   "O4'"  O  N N 95  
G   "C3'"  C  N S 96  
G   "O3'"  O  N N 97  
G   "C2'"  C  N R 98  
G   "O2'"  O  N N 99  
G   "C1'"  C  N R 100 
G   N9     N  Y N 101 
G   C8     C  Y N 102 
G   N7     N  Y N 103 
G   C5     C  Y N 104 
G   C6     C  N N 105 
G   O6     O  N N 106 
G   N1     N  N N 107 
G   C2     C  N N 108 
G   N2     N  N N 109 
G   N3     N  N N 110 
G   C4     C  Y N 111 
G   HOP3   H  N N 112 
G   HOP2   H  N N 113 
G   "H5'"  H  N N 114 
G   "H5''" H  N N 115 
G   "H4'"  H  N N 116 
G   "H3'"  H  N N 117 
G   "HO3'" H  N N 118 
G   "H2'"  H  N N 119 
G   "HO2'" H  N N 120 
G   "H1'"  H  N N 121 
G   H8     H  N N 122 
G   H1     H  N N 123 
G   H21    H  N N 124 
G   H22    H  N N 125 
GTP PG     P  N N 126 
GTP O1G    O  N N 127 
GTP O2G    O  N N 128 
GTP O3G    O  N N 129 
GTP O3B    O  N N 130 
GTP PB     P  N N 131 
GTP O1B    O  N N 132 
GTP O2B    O  N N 133 
GTP O3A    O  N N 134 
GTP PA     P  N N 135 
GTP O1A    O  N N 136 
GTP O2A    O  N N 137 
GTP "O5'"  O  N N 138 
GTP "C5'"  C  N N 139 
GTP "C4'"  C  N R 140 
GTP "O4'"  O  N N 141 
GTP "C3'"  C  N S 142 
GTP "O3'"  O  N N 143 
GTP "C2'"  C  N R 144 
GTP "O2'"  O  N N 145 
GTP "C1'"  C  N R 146 
GTP N9     N  Y N 147 
GTP C8     C  Y N 148 
GTP N7     N  Y N 149 
GTP C5     C  Y N 150 
GTP C6     C  N N 151 
GTP O6     O  N N 152 
GTP N1     N  N N 153 
GTP C2     C  N N 154 
GTP N2     N  N N 155 
GTP N3     N  N N 156 
GTP C4     C  Y N 157 
GTP HOG2   H  N N 158 
GTP HOG3   H  N N 159 
GTP HOB2   H  N N 160 
GTP HOA2   H  N N 161 
GTP "H5'"  H  N N 162 
GTP "H5''" H  N N 163 
GTP "H4'"  H  N N 164 
GTP "H3'"  H  N N 165 
GTP "HO3'" H  N N 166 
GTP "H2'"  H  N N 167 
GTP "HO2'" H  N N 168 
GTP "H1'"  H  N N 169 
GTP H8     H  N N 170 
GTP HN1    H  N N 171 
GTP HN21   H  N N 172 
GTP HN22   H  N N 173 
HOH O      O  N N 174 
HOH H1     H  N N 175 
HOH H2     H  N N 176 
MG  MG     MG N N 177 
SPM N1     N  N N 178 
SPM C2     C  N N 179 
SPM C3     C  N N 180 
SPM C4     C  N N 181 
SPM N5     N  N N 182 
SPM C6     C  N N 183 
SPM C7     C  N N 184 
SPM C8     C  N N 185 
SPM C9     C  N N 186 
SPM N10    N  N N 187 
SPM C11    C  N N 188 
SPM C12    C  N N 189 
SPM C13    C  N N 190 
SPM N14    N  N N 191 
SPM HN11   H  N N 192 
SPM HN12   H  N N 193 
SPM H21    H  N N 194 
SPM H22    H  N N 195 
SPM H31    H  N N 196 
SPM H32    H  N N 197 
SPM H41    H  N N 198 
SPM H42    H  N N 199 
SPM HN5    H  N N 200 
SPM H61    H  N N 201 
SPM H62    H  N N 202 
SPM H71    H  N N 203 
SPM H72    H  N N 204 
SPM H81    H  N N 205 
SPM H82    H  N N 206 
SPM H91    H  N N 207 
SPM H92    H  N N 208 
SPM HN0    H  N N 209 
SPM H111   H  N N 210 
SPM H112   H  N N 211 
SPM H121   H  N N 212 
SPM H122   H  N N 213 
SPM H131   H  N N 214 
SPM H132   H  N N 215 
SPM HN41   H  N N 216 
SPM HN42   H  N N 217 
U   OP3    O  N N 218 
U   P      P  N N 219 
U   OP1    O  N N 220 
U   OP2    O  N N 221 
U   "O5'"  O  N N 222 
U   "C5'"  C  N N 223 
U   "C4'"  C  N R 224 
U   "O4'"  O  N N 225 
U   "C3'"  C  N S 226 
U   "O3'"  O  N N 227 
U   "C2'"  C  N R 228 
U   "O2'"  O  N N 229 
U   "C1'"  C  N R 230 
U   N1     N  N N 231 
U   C2     C  N N 232 
U   O2     O  N N 233 
U   N3     N  N N 234 
U   C4     C  N N 235 
U   O4     O  N N 236 
U   C5     C  N N 237 
U   C6     C  N N 238 
U   HOP3   H  N N 239 
U   HOP2   H  N N 240 
U   "H5'"  H  N N 241 
U   "H5''" H  N N 242 
U   "H4'"  H  N N 243 
U   "H3'"  H  N N 244 
U   "HO3'" H  N N 245 
U   "H2'"  H  N N 246 
U   "HO2'" H  N N 247 
U   "H1'"  H  N N 248 
U   H3     H  N N 249 
U   H5     H  N N 250 
U   H6     H  N N 251 
# 
loop_
_chem_comp_bond.comp_id 
_chem_comp_bond.atom_id_1 
_chem_comp_bond.atom_id_2 
_chem_comp_bond.value_order 
_chem_comp_bond.pdbx_aromatic_flag 
_chem_comp_bond.pdbx_stereo_config 
_chem_comp_bond.pdbx_ordinal 
A   OP3   P      sing N N 1   
A   OP3   HOP3   sing N N 2   
A   P     OP1    doub N N 3   
A   P     OP2    sing N N 4   
A   P     "O5'"  sing N N 5   
A   OP2   HOP2   sing N N 6   
A   "O5'" "C5'"  sing N N 7   
A   "C5'" "C4'"  sing N N 8   
A   "C5'" "H5'"  sing N N 9   
A   "C5'" "H5''" sing N N 10  
A   "C4'" "O4'"  sing N N 11  
A   "C4'" "C3'"  sing N N 12  
A   "C4'" "H4'"  sing N N 13  
A   "O4'" "C1'"  sing N N 14  
A   "C3'" "O3'"  sing N N 15  
A   "C3'" "C2'"  sing N N 16  
A   "C3'" "H3'"  sing N N 17  
A   "O3'" "HO3'" sing N N 18  
A   "C2'" "O2'"  sing N N 19  
A   "C2'" "C1'"  sing N N 20  
A   "C2'" "H2'"  sing N N 21  
A   "O2'" "HO2'" sing N N 22  
A   "C1'" N9     sing N N 23  
A   "C1'" "H1'"  sing N N 24  
A   N9    C8     sing Y N 25  
A   N9    C4     sing Y N 26  
A   C8    N7     doub Y N 27  
A   C8    H8     sing N N 28  
A   N7    C5     sing Y N 29  
A   C5    C6     sing Y N 30  
A   C5    C4     doub Y N 31  
A   C6    N6     sing N N 32  
A   C6    N1     doub Y N 33  
A   N6    H61    sing N N 34  
A   N6    H62    sing N N 35  
A   N1    C2     sing Y N 36  
A   C2    N3     doub Y N 37  
A   C2    H2     sing N N 38  
A   N3    C4     sing Y N 39  
AZG C4    N3     sing Y N 40  
AZG C4    C5     doub Y N 41  
AZG C4    N9     sing Y N 42  
AZG N3    C2     doub Y N 43  
AZG C2    N2     sing N N 44  
AZG C2    N1     sing Y N 45  
AZG N2    HN21   sing N N 46  
AZG N2    HN22   sing N N 47  
AZG N1    C6     doub Y N 48  
AZG C6    O6     sing N N 49  
AZG C6    C5     sing Y N 50  
AZG O6    HO6    sing N N 51  
AZG C5    N7     sing Y N 52  
AZG N7    N8     sing Y N 53  
AZG N7    HN7    sing N N 54  
AZG N8    N9     doub Y N 55  
C   OP3   P      sing N N 56  
C   OP3   HOP3   sing N N 57  
C   P     OP1    doub N N 58  
C   P     OP2    sing N N 59  
C   P     "O5'"  sing N N 60  
C   OP2   HOP2   sing N N 61  
C   "O5'" "C5'"  sing N N 62  
C   "C5'" "C4'"  sing N N 63  
C   "C5'" "H5'"  sing N N 64  
C   "C5'" "H5''" sing N N 65  
C   "C4'" "O4'"  sing N N 66  
C   "C4'" "C3'"  sing N N 67  
C   "C4'" "H4'"  sing N N 68  
C   "O4'" "C1'"  sing N N 69  
C   "C3'" "O3'"  sing N N 70  
C   "C3'" "C2'"  sing N N 71  
C   "C3'" "H3'"  sing N N 72  
C   "O3'" "HO3'" sing N N 73  
C   "C2'" "O2'"  sing N N 74  
C   "C2'" "C1'"  sing N N 75  
C   "C2'" "H2'"  sing N N 76  
C   "O2'" "HO2'" sing N N 77  
C   "C1'" N1     sing N N 78  
C   "C1'" "H1'"  sing N N 79  
C   N1    C2     sing N N 80  
C   N1    C6     sing N N 81  
C   C2    O2     doub N N 82  
C   C2    N3     sing N N 83  
C   N3    C4     doub N N 84  
C   C4    N4     sing N N 85  
C   C4    C5     sing N N 86  
C   N4    H41    sing N N 87  
C   N4    H42    sing N N 88  
C   C5    C6     doub N N 89  
C   C5    H5     sing N N 90  
C   C6    H6     sing N N 91  
G   OP3   P      sing N N 92  
G   OP3   HOP3   sing N N 93  
G   P     OP1    doub N N 94  
G   P     OP2    sing N N 95  
G   P     "O5'"  sing N N 96  
G   OP2   HOP2   sing N N 97  
G   "O5'" "C5'"  sing N N 98  
G   "C5'" "C4'"  sing N N 99  
G   "C5'" "H5'"  sing N N 100 
G   "C5'" "H5''" sing N N 101 
G   "C4'" "O4'"  sing N N 102 
G   "C4'" "C3'"  sing N N 103 
G   "C4'" "H4'"  sing N N 104 
G   "O4'" "C1'"  sing N N 105 
G   "C3'" "O3'"  sing N N 106 
G   "C3'" "C2'"  sing N N 107 
G   "C3'" "H3'"  sing N N 108 
G   "O3'" "HO3'" sing N N 109 
G   "C2'" "O2'"  sing N N 110 
G   "C2'" "C1'"  sing N N 111 
G   "C2'" "H2'"  sing N N 112 
G   "O2'" "HO2'" sing N N 113 
G   "C1'" N9     sing N N 114 
G   "C1'" "H1'"  sing N N 115 
G   N9    C8     sing Y N 116 
G   N9    C4     sing Y N 117 
G   C8    N7     doub Y N 118 
G   C8    H8     sing N N 119 
G   N7    C5     sing Y N 120 
G   C5    C6     sing N N 121 
G   C5    C4     doub Y N 122 
G   C6    O6     doub N N 123 
G   C6    N1     sing N N 124 
G   N1    C2     sing N N 125 
G   N1    H1     sing N N 126 
G   C2    N2     sing N N 127 
G   C2    N3     doub N N 128 
G   N2    H21    sing N N 129 
G   N2    H22    sing N N 130 
G   N3    C4     sing N N 131 
GTP PG    O1G    doub N N 132 
GTP PG    O2G    sing N N 133 
GTP PG    O3G    sing N N 134 
GTP PG    O3B    sing N N 135 
GTP O2G   HOG2   sing N N 136 
GTP O3G   HOG3   sing N N 137 
GTP O3B   PB     sing N N 138 
GTP PB    O1B    doub N N 139 
GTP PB    O2B    sing N N 140 
GTP PB    O3A    sing N N 141 
GTP O2B   HOB2   sing N N 142 
GTP O3A   PA     sing N N 143 
GTP PA    O1A    doub N N 144 
GTP PA    O2A    sing N N 145 
GTP PA    "O5'"  sing N N 146 
GTP O2A   HOA2   sing N N 147 
GTP "O5'" "C5'"  sing N N 148 
GTP "C5'" "C4'"  sing N N 149 
GTP "C5'" "H5'"  sing N N 150 
GTP "C5'" "H5''" sing N N 151 
GTP "C4'" "O4'"  sing N N 152 
GTP "C4'" "C3'"  sing N N 153 
GTP "C4'" "H4'"  sing N N 154 
GTP "O4'" "C1'"  sing N N 155 
GTP "C3'" "O3'"  sing N N 156 
GTP "C3'" "C2'"  sing N N 157 
GTP "C3'" "H3'"  sing N N 158 
GTP "O3'" "HO3'" sing N N 159 
GTP "C2'" "O2'"  sing N N 160 
GTP "C2'" "C1'"  sing N N 161 
GTP "C2'" "H2'"  sing N N 162 
GTP "O2'" "HO2'" sing N N 163 
GTP "C1'" N9     sing N N 164 
GTP "C1'" "H1'"  sing N N 165 
GTP N9    C8     sing Y N 166 
GTP N9    C4     sing Y N 167 
GTP C8    N7     doub Y N 168 
GTP C8    H8     sing N N 169 
GTP N7    C5     sing Y N 170 
GTP C5    C6     sing N N 171 
GTP C5    C4     doub Y N 172 
GTP C6    O6     doub N N 173 
GTP C6    N1     sing N N 174 
GTP N1    C2     sing N N 175 
GTP N1    HN1    sing N N 176 
GTP C2    N2     sing N N 177 
GTP C2    N3     doub N N 178 
GTP N2    HN21   sing N N 179 
GTP N2    HN22   sing N N 180 
GTP N3    C4     sing N N 181 
HOH O     H1     sing N N 182 
HOH O     H2     sing N N 183 
SPM N1    C2     sing N N 184 
SPM N1    HN11   sing N N 185 
SPM N1    HN12   sing N N 186 
SPM C2    C3     sing N N 187 
SPM C2    H21    sing N N 188 
SPM C2    H22    sing N N 189 
SPM C3    C4     sing N N 190 
SPM C3    H31    sing N N 191 
SPM C3    H32    sing N N 192 
SPM C4    N5     sing N N 193 
SPM C4    H41    sing N N 194 
SPM C4    H42    sing N N 195 
SPM N5    C6     sing N N 196 
SPM N5    HN5    sing N N 197 
SPM C6    C7     sing N N 198 
SPM C6    H61    sing N N 199 
SPM C6    H62    sing N N 200 
SPM C7    C8     sing N N 201 
SPM C7    H71    sing N N 202 
SPM C7    H72    sing N N 203 
SPM C8    C9     sing N N 204 
SPM C8    H81    sing N N 205 
SPM C8    H82    sing N N 206 
SPM C9    N10    sing N N 207 
SPM C9    H91    sing N N 208 
SPM C9    H92    sing N N 209 
SPM N10   C11    sing N N 210 
SPM N10   HN0    sing N N 211 
SPM C11   C12    sing N N 212 
SPM C11   H111   sing N N 213 
SPM C11   H112   sing N N 214 
SPM C12   C13    sing N N 215 
SPM C12   H121   sing N N 216 
SPM C12   H122   sing N N 217 
SPM C13   N14    sing N N 218 
SPM C13   H131   sing N N 219 
SPM C13   H132   sing N N 220 
SPM N14   HN41   sing N N 221 
SPM N14   HN42   sing N N 222 
U   OP3   P      sing N N 223 
U   OP3   HOP3   sing N N 224 
U   P     OP1    doub N N 225 
U   P     OP2    sing N N 226 
U   P     "O5'"  sing N N 227 
U   OP2   HOP2   sing N N 228 
U   "O5'" "C5'"  sing N N 229 
U   "C5'" "C4'"  sing N N 230 
U   "C5'" "H5'"  sing N N 231 
U   "C5'" "H5''" sing N N 232 
U   "C4'" "O4'"  sing N N 233 
U   "C4'" "C3'"  sing N N 234 
U   "C4'" "H4'"  sing N N 235 
U   "O4'" "C1'"  sing N N 236 
U   "C3'" "O3'"  sing N N 237 
U   "C3'" "C2'"  sing N N 238 
U   "C3'" "H3'"  sing N N 239 
U   "O3'" "HO3'" sing N N 240 
U   "C2'" "O2'"  sing N N 241 
U   "C2'" "C1'"  sing N N 242 
U   "C2'" "H2'"  sing N N 243 
U   "O2'" "HO2'" sing N N 244 
U   "C1'" N1     sing N N 245 
U   "C1'" "H1'"  sing N N 246 
U   N1    C2     sing N N 247 
U   N1    C6     sing N N 248 
U   C2    O2     doub N N 249 
U   C2    N3     sing N N 250 
U   N3    C4     sing N N 251 
U   N3    H3     sing N N 252 
U   C4    O4     doub N N 253 
U   C4    C5     sing N N 254 
U   C5    C6     doub N N 255 
U   C5    H5     sing N N 256 
U   C6    H6     sing N N 257 
# 
loop_
_ndb_struct_conf_na.entry_id 
_ndb_struct_conf_na.feature 
8XZQ 'double helix'         
8XZQ 'a-form double helix'  
8XZQ 'hairpin loop'         
8XZQ 'bulge loop'           
8XZQ 'mismatched base pair' 
8XZQ 'quadruple helix'      
# 
loop_
_ndb_struct_na_base_pair.model_number 
_ndb_struct_na_base_pair.i_label_asym_id 
_ndb_struct_na_base_pair.i_label_comp_id 
_ndb_struct_na_base_pair.i_label_seq_id 
_ndb_struct_na_base_pair.i_symmetry 
_ndb_struct_na_base_pair.j_label_asym_id 
_ndb_struct_na_base_pair.j_label_comp_id 
_ndb_struct_na_base_pair.j_label_seq_id 
_ndb_struct_na_base_pair.j_symmetry 
_ndb_struct_na_base_pair.shear 
_ndb_struct_na_base_pair.stretch 
_ndb_struct_na_base_pair.stagger 
_ndb_struct_na_base_pair.buckle 
_ndb_struct_na_base_pair.propeller 
_ndb_struct_na_base_pair.opening 
_ndb_struct_na_base_pair.pair_number 
_ndb_struct_na_base_pair.pair_name 
_ndb_struct_na_base_pair.i_auth_asym_id 
_ndb_struct_na_base_pair.i_auth_seq_id 
_ndb_struct_na_base_pair.i_PDB_ins_code 
_ndb_struct_na_base_pair.j_auth_asym_id 
_ndb_struct_na_base_pair.j_auth_seq_id 
_ndb_struct_na_base_pair.j_PDB_ins_code 
_ndb_struct_na_base_pair.hbond_type_28 
_ndb_struct_na_base_pair.hbond_type_12 
1 A GTP 1  1_555 A U 53 1_555 -2.328 -0.654 -0.351 -4.890  -2.814  -4.929  1  A_GTP1:U53_A A 1  ? A 53 ? 28 1  
1 A G   2  1_555 A C 52 1_555 -0.258 -0.132 -0.067 -1.707  -9.807  1.561   2  A_G2:C52_A   A 2  ? A 52 ? 19 1  
1 A G   3  1_555 A C 51 1_555 -0.498 -0.080 -0.260 -7.679  -14.506 5.113   3  A_G3:C51_A   A 3  ? A 51 ? 19 1  
1 A U   4  1_555 A G 50 1_555 2.222  -0.529 0.051  -2.770  -10.545 2.200   4  A_U4:G50_A   A 4  ? A 50 ? 28 1  
1 A G   5  1_555 A C 49 1_555 -0.259 -0.117 -0.346 -11.710 -10.146 -0.420  5  A_G5:C49_A   A 5  ? A 49 ? 19 1  
1 A U   6  1_555 A G 48 1_555 2.476  -0.643 -0.056 -3.482  -2.756  -5.659  6  A_U6:G48_A   A 6  ? A 48 ? 28 1  
1 A G   7  1_555 A A 47 1_555 6.789  -4.702 0.154  11.014  -1.546  -10.461 7  A_G7:A47_A   A 7  ? A 47 ? 11 10 
1 A A   9  1_555 A G 46 1_555 -6.751 -4.370 0.731  -14.998 -13.678 0.444   8  A_A9:G46_A   A 9  ? A 46 ? 11 9  
1 A C   10 1_555 A G 45 1_555 0.080  -0.118 0.234  -2.073  -5.718  0.738   9  A_C10:G45_A  A 10 ? A 45 ? 19 1  
1 A C   11 1_555 A G 44 1_555 0.131  -0.201 -0.043 1.978   -7.750  -1.653  10 A_C11:G44_A  A 11 ? A 44 ? 19 1  
1 A G   12 1_555 A C 43 1_555 -0.381 -0.143 -0.108 -12.030 -18.625 1.332   11 A_G12:C43_A  A 12 ? A 43 ? 19 1  
1 A U   13 1_555 A A 42 1_555 0.073  -0.007 0.344  -11.654 -13.784 0.007   12 A_U13:A42_A  A 13 ? A 42 ? 20 1  
1 A U   14 1_555 A A 17 1_555 -0.795 3.606  -0.208 2.980   20.528  -75.354 13 A_U14:A17_A  A 14 ? A 17 ? 23 3  
1 A G   21 1_555 A C 40 1_555 -0.218 -0.194 0.164  1.274   -15.363 0.188   14 A_G21:C40_A  A 21 ? A 40 ? 19 1  
1 A U   22 1_555 A A 39 1_555 0.029  -0.147 -0.096 -0.941  -18.483 3.041   15 A_U22:A39_A  A 22 ? A 39 ? 20 1  
1 A C   23 1_555 A G 38 1_555 0.291  -0.154 -0.087 3.964   -10.050 -0.825  16 A_C23:G38_A  A 23 ? A 38 ? 19 1  
1 A C   24 1_555 A G 37 1_555 0.247  -0.151 -0.016 2.734   -14.140 -1.262  17 A_C24:G37_A  A 24 ? A 37 ? 19 1  
1 A C   25 1_555 A G 36 1_555 0.140  -0.099 0.001  1.816   -10.953 2.247   18 A_C25:G36_A  A 25 ? A 36 ? 19 1  
1 A A   26 1_555 A U 35 1_555 0.037  -0.035 0.136  -2.899  -15.610 3.656   19 A_A26:U35_A  A 26 ? A 35 ? 20 1  
1 A G   27 1_555 A C 34 1_555 -0.355 -0.145 0.211  -6.913  -14.380 1.935   20 A_G27:C34_A  A 27 ? A 34 ? 19 1  
1 A C   28 1_555 A G 32 1_555 0.262  -0.127 -0.245 5.660   -1.929  -3.209  21 A_C28:G32_A  A 28 ? A 32 ? 19 1  
# 
loop_
_ndb_struct_na_base_pair_step.model_number 
_ndb_struct_na_base_pair_step.i_label_asym_id_1 
_ndb_struct_na_base_pair_step.i_label_comp_id_1 
_ndb_struct_na_base_pair_step.i_label_seq_id_1 
_ndb_struct_na_base_pair_step.i_symmetry_1 
_ndb_struct_na_base_pair_step.j_label_asym_id_1 
_ndb_struct_na_base_pair_step.j_label_comp_id_1 
_ndb_struct_na_base_pair_step.j_label_seq_id_1 
_ndb_struct_na_base_pair_step.j_symmetry_1 
_ndb_struct_na_base_pair_step.i_label_asym_id_2 
_ndb_struct_na_base_pair_step.i_label_comp_id_2 
_ndb_struct_na_base_pair_step.i_label_seq_id_2 
_ndb_struct_na_base_pair_step.i_symmetry_2 
_ndb_struct_na_base_pair_step.j_label_asym_id_2 
_ndb_struct_na_base_pair_step.j_label_comp_id_2 
_ndb_struct_na_base_pair_step.j_label_seq_id_2 
_ndb_struct_na_base_pair_step.j_symmetry_2 
_ndb_struct_na_base_pair_step.shift 
_ndb_struct_na_base_pair_step.slide 
_ndb_struct_na_base_pair_step.rise 
_ndb_struct_na_base_pair_step.tilt 
_ndb_struct_na_base_pair_step.roll 
_ndb_struct_na_base_pair_step.twist 
_ndb_struct_na_base_pair_step.x_displacement 
_ndb_struct_na_base_pair_step.y_displacement 
_ndb_struct_na_base_pair_step.helical_rise 
_ndb_struct_na_base_pair_step.inclination 
_ndb_struct_na_base_pair_step.tip 
_ndb_struct_na_base_pair_step.helical_twist 
_ndb_struct_na_base_pair_step.step_number 
_ndb_struct_na_base_pair_step.step_name 
_ndb_struct_na_base_pair_step.i_auth_asym_id_1 
_ndb_struct_na_base_pair_step.i_auth_seq_id_1 
_ndb_struct_na_base_pair_step.i_PDB_ins_code_1 
_ndb_struct_na_base_pair_step.j_auth_asym_id_1 
_ndb_struct_na_base_pair_step.j_auth_seq_id_1 
_ndb_struct_na_base_pair_step.j_PDB_ins_code_1 
_ndb_struct_na_base_pair_step.i_auth_asym_id_2 
_ndb_struct_na_base_pair_step.i_auth_seq_id_2 
_ndb_struct_na_base_pair_step.i_PDB_ins_code_2 
_ndb_struct_na_base_pair_step.j_auth_asym_id_2 
_ndb_struct_na_base_pair_step.j_auth_seq_id_2 
_ndb_struct_na_base_pair_step.j_PDB_ins_code_2 
1 A GTP 1  1_555 A U 53 1_555 A G 2  1_555 A C 52 1_555 0.013  -1.312 3.286 -5.268 7.604  39.294 -2.734  -0.595 2.966  11.122 
7.705   40.326 1  AA_GTP1G2:C52U53_AA A 1  ? A 53 ? A 2  ? A 52 ? 
1 A G   2  1_555 A C 52 1_555 A G 3  1_555 A C 51 1_555 0.147  -1.821 3.356 0.505  7.324  30.341 -4.728  -0.180 2.851  13.742 
-0.948  31.196 2  AA_G2G3:C51C52_AA   A 2  ? A 52 ? A 3  ? A 51 ? 
1 A G   3  1_555 A C 51 1_555 A U 4  1_555 A G 50 1_555 0.070  -1.270 3.178 -1.267 3.439  41.900 -2.110  -0.223 3.066  4.799  
1.768   42.053 3  AA_G3U4:G50C51_AA   A 3  ? A 51 ? A 4  ? A 50 ? 
1 A U   4  1_555 A G 50 1_555 A G 5  1_555 A C 49 1_555 -0.405 -2.060 3.355 5.014  11.403 24.241 -6.893  1.967  2.071  25.141 
-11.055 27.212 4  AA_U4G5:C49G50_AA   A 4  ? A 50 ? A 5  ? A 49 ? 
1 A G   5  1_555 A C 49 1_555 A U 6  1_555 A G 48 1_555 -0.013 -1.289 3.099 0.010  4.776  40.173 -2.360  0.020  2.933  6.924  
-0.015  40.444 5  AA_G5U6:G48C49_AA   A 5  ? A 49 ? A 6  ? A 48 ? 
1 A U   6  1_555 A G 48 1_555 A G 7  1_555 A A 47 1_555 -0.136 -1.340 2.991 4.212  5.325  51.431 -1.852  0.409  2.830  6.106  
-4.830  51.847 6  AA_U6G7:A47G48_AA   A 6  ? A 48 ? A 7  ? A 47 ? 
1 A G   7  1_555 A A 47 1_555 A A 9  1_555 A G 46 1_555 -1.808 -0.445 5.567 7.012  18.805 6.083  -13.024 9.369  0.620  68.688 
-25.612 20.962 7  AA_G7A9:G46A47_AA   A 7  ? A 47 ? A 9  ? A 46 ? 
1 A A   9  1_555 A G 46 1_555 A C 10 1_555 A G 45 1_555 0.193  -0.540 3.111 -0.698 7.952  59.976 -0.901  -0.223 3.022  7.917  
0.695   60.456 8  AA_A9C10:G45G46_AA  A 9  ? A 46 ? A 10 ? A 45 ? 
1 A C   10 1_555 A G 45 1_555 A C 11 1_555 A G 44 1_555 0.385  -2.188 3.063 3.058  5.954  25.631 -6.148  -0.136 2.527  13.138 
-6.748  26.476 9  AA_C10C11:G44G45_AA A 10 ? A 45 ? A 11 ? A 44 ? 
1 A C   11 1_555 A G 44 1_555 A G 12 1_555 A C 43 1_555 0.078  -1.819 3.426 1.517  12.320 32.222 -4.890  0.092  2.580  21.240 
-2.616  34.471 10 AA_C11G12:C43G44_AA A 11 ? A 44 ? A 12 ? A 43 ? 
1 A G   12 1_555 A C 43 1_555 A U 13 1_555 A A 42 1_555 0.044  -1.344 3.269 -1.387 3.578  33.641 -2.872  -0.294 3.110  6.157  
2.387   33.853 11 AA_G12U13:A42C43_AA A 12 ? A 43 ? A 13 ? A 42 ? 
1 A U   13 1_555 A A 42 1_555 A U 14 1_555 A A 17 1_555 -6.500 -1.369 0.699 32.729 -3.908 12.205 -2.943  5.151  -5.641 -8.328 
-69.740 35.089 12 AA_U13U14:A17A42_AA A 13 ? A 42 ? A 14 ? A 17 ? 
1 A G   21 1_555 A C 40 1_555 A U 22 1_555 A A 39 1_555 -0.055 -1.274 3.278 0.340  8.270  33.182 -3.419  0.145  2.885  14.207 
-0.585  34.171 13 AA_G21U22:A39C40_AA A 21 ? A 40 ? A 22 ? A 39 ? 
1 A U   22 1_555 A A 39 1_555 A C 23 1_555 A G 38 1_555 -0.264 -1.110 3.115 -1.267 6.059  34.087 -2.728  0.264  2.889  10.231 
2.139   34.628 14 AA_U22C23:G38A39_AA A 22 ? A 39 ? A 23 ? A 38 ? 
1 A C   23 1_555 A G 38 1_555 A C 24 1_555 A G 37 1_555 0.386  -1.729 3.243 2.356  7.560  30.976 -4.423  -0.303 2.776  13.873 
-4.323  31.948 15 AA_C23C24:G37G38_AA A 23 ? A 38 ? A 24 ? A 37 ? 
1 A C   24 1_555 A G 37 1_555 A C 25 1_555 A G 36 1_555 0.496  -1.987 3.237 1.948  7.612  28.174 -5.453  -0.596 2.648  15.264 
-3.905  29.228 16 AA_C24C25:G36G37_AA A 24 ? A 37 ? A 25 ? A 36 ? 
1 A C   25 1_555 A G 36 1_555 A A 26 1_555 A U 35 1_555 -0.030 -1.787 3.272 0.186  7.932  28.486 -5.067  0.095  2.687  15.737 
-0.369  29.548 17 AA_C25A26:U35G36_AA A 25 ? A 36 ? A 26 ? A 35 ? 
1 A A   26 1_555 A U 35 1_555 A G 27 1_555 A C 34 1_555 -0.124 -1.546 3.205 -0.186 6.852  34.169 -3.557  0.181  2.851  11.518 
0.313   34.829 18 AA_A26G27:C34U35_AA A 26 ? A 35 ? A 27 ? A 34 ? 
1 A G   27 1_555 A C 34 1_555 A C 28 1_555 A G 32 1_555 -0.804 -0.659 2.986 6.387  5.729  27.759 -2.407  2.822  2.558  11.595 
-12.927 29.030 19 AA_G27C28:G32C34_AA A 27 ? A 34 ? A 28 ? A 32 ? 
# 
_pdbx_audit_support.funding_organization   'National Natural Science Foundation of China (NSFC)' 
_pdbx_audit_support.country                China 
_pdbx_audit_support.grant_number           ? 
_pdbx_audit_support.ordinal                1 
# 
_pdbx_entity_instance_feature.ordinal        1 
_pdbx_entity_instance_feature.comp_id        AZG 
_pdbx_entity_instance_feature.asym_id        ? 
_pdbx_entity_instance_feature.seq_num        ? 
_pdbx_entity_instance_feature.auth_comp_id   AZG 
_pdbx_entity_instance_feature.auth_asym_id   ? 
_pdbx_entity_instance_feature.auth_seq_num   ? 
_pdbx_entity_instance_feature.feature_type   'SUBJECT OF INVESTIGATION' 
_pdbx_entity_instance_feature.details        ? 
# 
_pdbx_initial_refinement_model.id               1 
_pdbx_initial_refinement_model.entity_id_list   ? 
_pdbx_initial_refinement_model.type             'experimental model' 
_pdbx_initial_refinement_model.source_name      PDB 
_pdbx_initial_refinement_model.accession_code   8XZE 
_pdbx_initial_refinement_model.details          ? 
# 
_atom_sites.entry_id                    8XZQ 
_atom_sites.Cartn_transf_matrix[1][1]   ? 
_atom_sites.Cartn_transf_matrix[1][2]   ? 
_atom_sites.Cartn_transf_matrix[1][3]   ? 
_atom_sites.Cartn_transf_matrix[2][1]   ? 
_atom_sites.Cartn_transf_matrix[2][2]   ? 
_atom_sites.Cartn_transf_matrix[2][3]   ? 
_atom_sites.Cartn_transf_matrix[3][1]   ? 
_atom_sites.Cartn_transf_matrix[3][2]   ? 
_atom_sites.Cartn_transf_matrix[3][3]   ? 
_atom_sites.Cartn_transf_vector[1]      ? 
_atom_sites.Cartn_transf_vector[2]      ? 
_atom_sites.Cartn_transf_vector[3]      ? 
_atom_sites.Cartn_transform_axes        ? 
_atom_sites.fract_transf_matrix[1][1]   -0.00253172 
_atom_sites.fract_transf_matrix[1][2]   -0.00226070 
_atom_sites.fract_transf_matrix[1][3]   0.02001119 
_atom_sites.fract_transf_matrix[2][1]   0.01138208 
_atom_sites.fract_transf_matrix[2][2]   -0.01341347 
_atom_sites.fract_transf_matrix[2][3]   -0.00007534 
_atom_sites.fract_transf_matrix[3][1]   0.01198204 
_atom_sites.fract_transf_matrix[3][2]   0.01015248 
_atom_sites.fract_transf_matrix[3][3]   0.00266286 
_atom_sites.fract_transf_vector[1]      0.540998 
_atom_sites.fract_transf_vector[2]      0.383946 
_atom_sites.fract_transf_vector[3]      0.436900 
_atom_sites.solution_primary            ? 
_atom_sites.solution_secondary          ? 
_atom_sites.solution_hydrogens          ? 
_atom_sites.special_details             ? 
# 
loop_
_atom_type.symbol 
C  
MG 
N  
O  
P  
# 
loop_
_atom_site.group_PDB 
_atom_site.id 
_atom_site.type_symbol 
_atom_site.label_atom_id 
_atom_site.label_alt_id 
_atom_site.label_comp_id 
_atom_site.label_asym_id 
_atom_site.label_entity_id 
_atom_site.label_seq_id 
_atom_site.pdbx_PDB_ins_code 
_atom_site.Cartn_x 
_atom_site.Cartn_y 
_atom_site.Cartn_z 
_atom_site.occupancy 
_atom_site.B_iso_or_equiv 
_atom_site.pdbx_formal_charge 
_atom_site.auth_seq_id 
_atom_site.auth_comp_id 
_atom_site.auth_asym_id 
_atom_site.auth_atom_id 
_atom_site.pdbx_PDB_model_num 
HETATM 1    P  PG    . GTP A 1 1  ? 29.435  7.963   -7.572  1.00 130.79 ? 1   GTP A PG    1 
HETATM 2    O  O1G   . GTP A 1 1  ? 28.086  7.829   -6.898  1.00 121.76 ? 1   GTP A O1G   1 
HETATM 3    O  O2G   . GTP A 1 1  ? 29.387  9.089   -8.580  1.00 125.24 ? 1   GTP A O2G   1 
HETATM 4    O  O3G   . GTP A 1 1  ? 29.767  6.681   -8.305  1.00 127.24 ? 1   GTP A O3G   1 
HETATM 5    O  O3B   . GTP A 1 1  ? 30.603  8.261   -6.488  1.00 121.11 ? 1   GTP A O3B   1 
HETATM 6    P  PB    . GTP A 1 1  ? 30.411  8.163   -4.885  1.00 113.18 ? 1   GTP A PB    1 
HETATM 7    O  O1B   . GTP A 1 1  ? 31.741  7.828   -4.247  1.00 107.77 ? 1   GTP A O1B   1 
HETATM 8    O  O2B   . GTP A 1 1  ? 29.879  9.475   -4.346  1.00 105.24 ? 1   GTP A O2B   1 
HETATM 9    O  O3A   . GTP A 1 1  ? 29.402  6.916   -4.660  1.00 108.34 ? 1   GTP A O3A   1 
HETATM 10   P  PA    . GTP A 1 1  ? 28.169  6.917   -3.613  1.00 102.90 ? 1   GTP A PA    1 
HETATM 11   O  O1A   . GTP A 1 1  ? 27.683  8.318   -3.306  1.00 99.17  ? 1   GTP A O1A   1 
HETATM 12   O  O2A   . GTP A 1 1  ? 27.026  6.087   -4.157  1.00 101.36 ? 1   GTP A O2A   1 
HETATM 13   O  "O5'" . GTP A 1 1  ? 28.770  6.259   -2.265  1.00 94.64  ? 1   GTP A "O5'" 1 
HETATM 14   C  "C5'" . GTP A 1 1  ? 30.137  6.353   -1.926  1.00 89.44  ? 1   GTP A "C5'" 1 
HETATM 15   C  "C4'" . GTP A 1 1  ? 30.312  6.711   -0.453  1.00 84.48  ? 1   GTP A "C4'" 1 
HETATM 16   O  "O4'" . GTP A 1 1  ? 31.075  7.901   -0.376  1.00 84.67  ? 1   GTP A "O4'" 1 
HETATM 17   C  "C3'" . GTP A 1 1  ? 29.011  7.031   0.271   1.00 79.96  ? 1   GTP A "C3'" 1 
HETATM 18   O  "O3'" . GTP A 1 1  ? 28.397  5.912   0.876   1.00 78.37  ? 1   GTP A "O3'" 1 
HETATM 19   C  "C2'" . GTP A 1 1  ? 29.453  8.034   1.316   1.00 76.38  ? 1   GTP A "C2'" 1 
HETATM 20   O  "O2'" . GTP A 1 1  ? 29.903  7.358   2.464   1.00 74.04  ? 1   GTP A "O2'" 1 
HETATM 21   C  "C1'" . GTP A 1 1  ? 30.620  8.750   0.663   1.00 77.28  ? 1   GTP A "C1'" 1 
HETATM 22   N  N9    . GTP A 1 1  ? 30.108  10.013  0.091   1.00 75.56  ? 1   GTP A N9    1 
HETATM 23   C  C8    . GTP A 1 1  ? 29.894  10.286  -1.239  1.00 78.59  ? 1   GTP A C8    1 
HETATM 24   N  N7    . GTP A 1 1  ? 29.420  11.549  -1.360  1.00 71.99  ? 1   GTP A N7    1 
HETATM 25   C  C5    . GTP A 1 1  ? 29.333  12.096  -0.125  1.00 69.92  ? 1   GTP A C5    1 
HETATM 26   C  C6    . GTP A 1 1  ? 28.916  13.351  0.327   1.00 66.86  ? 1   GTP A C6    1 
HETATM 27   O  O6    . GTP A 1 1  ? 28.528  14.219  -0.457  1.00 63.37  ? 1   GTP A O6    1 
HETATM 28   N  N1    . GTP A 1 1  ? 28.936  13.619  1.680   1.00 65.48  ? 1   GTP A N1    1 
HETATM 29   C  C2    . GTP A 1 1  ? 29.368  12.658  2.571   1.00 66.92  ? 1   GTP A C2    1 
HETATM 30   N  N2    . GTP A 1 1  ? 29.386  12.929  3.873   1.00 65.19  ? 1   GTP A N2    1 
HETATM 31   N  N3    . GTP A 1 1  ? 29.779  11.421  2.120   1.00 69.10  ? 1   GTP A N3    1 
HETATM 32   C  C4    . GTP A 1 1  ? 29.762  11.141  0.794   1.00 71.68  ? 1   GTP A C4    1 
ATOM   33   P  P     . G   A 1 2  ? 26.720  5.887   1.169   1.00 79.32  ? 2   G   A P     1 
ATOM   34   O  OP1   . G   A 1 2  ? 26.214  4.568   1.638   1.00 75.62  ? 2   G   A OP1   1 
ATOM   35   O  OP2   . G   A 1 2  ? 26.302  6.389   -0.167  1.00 74.92  ? 2   G   A OP2   1 
ATOM   36   O  "O5'" . G   A 1 2  ? 26.313  6.973   2.269   1.00 73.66  ? 2   G   A "O5'" 1 
ATOM   37   C  "C5'" . G   A 1 2  ? 26.657  6.799   3.637   1.00 69.16  ? 2   G   A "C5'" 1 
ATOM   38   C  "C4'" . G   A 1 2  ? 26.402  8.047   4.451   1.00 67.20  ? 2   G   A "C4'" 1 
ATOM   39   O  "O4'" . G   A 1 2  ? 27.242  9.136   3.980   1.00 66.16  ? 2   G   A "O4'" 1 
ATOM   40   C  "C3'" . G   A 1 2  ? 24.996  8.620   4.389   1.00 64.33  ? 2   G   A "C3'" 1 
ATOM   41   O  "O3'" . G   A 1 2  ? 24.071  7.935   5.212   1.00 64.59  ? 2   G   A "O3'" 1 
ATOM   42   C  "C2'" . G   A 1 2  ? 25.217  10.074  4.785   1.00 62.85  ? 2   G   A "C2'" 1 
ATOM   43   O  "O2'" . G   A 1 2  ? 25.396  10.202  6.188   1.00 60.46  ? 2   G   A "O2'" 1 
ATOM   44   C  "C1'" . G   A 1 2  ? 26.548  10.364  4.092   1.00 64.73  ? 2   G   A "C1'" 1 
ATOM   45   N  N9    . G   A 1 2  ? 26.325  10.905  2.740   1.00 63.02  ? 2   G   A N9    1 
ATOM   46   C  C8    . G   A 1 2  ? 26.529  10.270  1.540   1.00 65.61  ? 2   G   A C8    1 
ATOM   47   N  N7    . G   A 1 2  ? 26.222  11.012  0.509   1.00 65.41  ? 2   G   A N7    1 
ATOM   48   C  C5    . G   A 1 2  ? 25.774  12.204  1.058   1.00 60.49  ? 2   G   A C5    1 
ATOM   49   C  C6    . G   A 1 2  ? 25.302  13.388  0.428   1.00 58.27  ? 2   G   A C6    1 
ATOM   50   O  O6    . G   A 1 2  ? 25.185  13.622  -0.783  1.00 56.78  ? 2   G   A O6    1 
ATOM   51   N  N1    . G   A 1 2  ? 24.946  14.356  1.366   1.00 55.82  ? 2   G   A N1    1 
ATOM   52   C  C2    . G   A 1 2  ? 25.040  14.206  2.734   1.00 58.00  ? 2   G   A C2    1 
ATOM   53   N  N2    . G   A 1 2  ? 24.654  15.255  3.476   1.00 53.14  ? 2   G   A N2    1 
ATOM   54   N  N3    . G   A 1 2  ? 25.482  13.110  3.333   1.00 55.76  ? 2   G   A N3    1 
ATOM   55   C  C4    . G   A 1 2  ? 25.828  12.154  2.438   1.00 61.48  ? 2   G   A C4    1 
ATOM   56   P  P     . G   A 1 3  ? 22.562  7.710   4.704   1.00 67.98  ? 3   G   A P     1 
ATOM   57   O  OP1   . G   A 1 3  ? 21.926  6.713   5.603   1.00 67.97  ? 3   G   A OP1   1 
ATOM   58   O  OP2   . G   A 1 3  ? 22.601  7.435   3.242   1.00 67.59  ? 3   G   A OP2   1 
ATOM   59   O  "O5'" . G   A 1 3  ? 21.854  9.117   4.968   1.00 59.94  ? 3   G   A "O5'" 1 
ATOM   60   C  "C5'" . G   A 1 3  ? 21.916  9.720   6.254   1.00 62.14  ? 3   G   A "C5'" 1 
ATOM   61   C  "C4'" . G   A 1 3  ? 21.501  11.172  6.233   1.00 59.90  ? 3   G   A "C4'" 1 
ATOM   62   O  "O4'" . G   A 1 3  ? 22.458  11.967  5.484   1.00 56.85  ? 3   G   A "O4'" 1 
ATOM   63   C  "C3'" . G   A 1 3  ? 20.172  11.483  5.571   1.00 54.91  ? 3   G   A "C3'" 1 
ATOM   64   O  "O3'" . G   A 1 3  ? 19.063  11.204  6.399   1.00 56.97  ? 3   G   A "O3'" 1 
ATOM   65   C  "C2'" . G   A 1 3  ? 20.314  12.956  5.234   1.00 53.00  ? 3   G   A "C2'" 1 
ATOM   66   O  "O2'" . G   A 1 3  ? 20.118  13.746  6.395   1.00 54.31  ? 3   G   A "O2'" 1 
ATOM   67   C  "C1'" . G   A 1 3  ? 21.787  13.028  4.829   1.00 56.14  ? 3   G   A "C1'" 1 
ATOM   68   N  N9    . G   A 1 3  ? 21.943  12.859  3.370   1.00 55.60  ? 3   G   A N9    1 
ATOM   69   C  C8    . G   A 1 3  ? 22.419  11.751  2.707   1.00 54.85  ? 3   G   A C8    1 
ATOM   70   N  N7    . G   A 1 3  ? 22.422  11.894  1.407   1.00 55.80  ? 3   G   A N7    1 
ATOM   71   C  C5    . G   A 1 3  ? 21.913  13.173  1.194   1.00 53.31  ? 3   G   A C5    1 
ATOM   72   C  C6    . G   A 1 3  ? 21.679  13.882  -0.017  1.00 49.60  ? 3   G   A C6    1 
ATOM   73   O  O6    . G   A 1 3  ? 21.877  13.522  -1.187  1.00 48.52  ? 3   G   A O6    1 
ATOM   74   N  N1    . G   A 1 3  ? 21.156  15.141  0.228   1.00 46.02  ? 3   G   A N1    1 
ATOM   75   C  C2    . G   A 1 3  ? 20.886  15.660  1.467   1.00 49.87  ? 3   G   A C2    1 
ATOM   76   N  N2    . G   A 1 3  ? 20.386  16.897  1.477   1.00 45.57  ? 3   G   A N2    1 
ATOM   77   N  N3    . G   A 1 3  ? 21.098  15.019  2.606   1.00 51.04  ? 3   G   A N3    1 
ATOM   78   C  C4    . G   A 1 3  ? 21.609  13.782  2.396   1.00 52.98  ? 3   G   A C4    1 
ATOM   79   P  P     . U   A 1 4  ? 17.754  10.533  5.762   1.00 60.15  ? 4   U   A P     1 
ATOM   80   O  OP1   . U   A 1 4  ? 16.788  10.197  6.843   1.00 59.09  ? 4   U   A OP1   1 
ATOM   81   O  OP2   . U   A 1 4  ? 18.241  9.503   4.804   1.00 55.82  ? 4   U   A OP2   1 
ATOM   82   O  "O5'" . U   A 1 4  ? 17.084  11.723  4.939   1.00 58.10  ? 4   U   A "O5'" 1 
ATOM   83   C  "C5'" . U   A 1 4  ? 16.733  12.940  5.577   1.00 51.27  ? 4   U   A "C5'" 1 
ATOM   84   C  "C4'" . U   A 1 4  ? 16.479  14.040  4.576   1.00 50.64  ? 4   U   A "C4'" 1 
ATOM   85   O  "O4'" . U   A 1 4  ? 17.685  14.305  3.815   1.00 51.05  ? 4   U   A "O4'" 1 
ATOM   86   C  "C3'" . U   A 1 4  ? 15.438  13.756  3.504   1.00 50.80  ? 4   U   A "C3'" 1 
ATOM   87   O  "O3'" . U   A 1 4  ? 14.105  13.896  3.951   1.00 50.46  ? 4   U   A "O3'" 1 
ATOM   88   C  "C2'" . U   A 1 4  ? 15.819  14.749  2.422   1.00 47.83  ? 4   U   A "C2'" 1 
ATOM   89   O  "O2'" . U   A 1 4  ? 15.423  16.058  2.800   1.00 44.02  ? 4   U   A "O2'" 1 
ATOM   90   C  "C1'" . U   A 1 4  ? 17.343  14.682  2.495   1.00 48.69  ? 4   U   A "C1'" 1 
ATOM   91   N  N1    . U   A 1 4  ? 17.909  13.686  1.554   1.00 47.85  ? 4   U   A N1    1 
ATOM   92   C  C2    . U   A 1 4  ? 17.984  14.042  0.217   1.00 46.77  ? 4   U   A C2    1 
ATOM   93   O  O2    . U   A 1 4  ? 17.607  15.114  -0.216  1.00 42.02  ? 4   U   A O2    1 
ATOM   94   N  N3    . U   A 1 4  ? 18.521  13.092  -0.610  1.00 45.38  ? 4   U   A N3    1 
ATOM   95   C  C4    . U   A 1 4  ? 18.982  11.844  -0.265  1.00 47.78  ? 4   U   A C4    1 
ATOM   96   O  O4    . U   A 1 4  ? 19.433  11.122  -1.157  1.00 47.03  ? 4   U   A O4    1 
ATOM   97   C  C5    . U   A 1 4  ? 18.873  11.536  1.133   1.00 50.37  ? 4   U   A C5    1 
ATOM   98   C  C6    . U   A 1 4  ? 18.353  12.447  1.970   1.00 48.90  ? 4   U   A C6    1 
ATOM   99   P  P     . G   A 1 5  ? 12.940  13.037  3.253   1.00 52.93  ? 5   G   A P     1 
ATOM   100  O  OP1   . G   A 1 5  ? 11.750  13.065  4.139   1.00 53.91  ? 5   G   A OP1   1 
ATOM   101  O  OP2   . G   A 1 5  ? 13.495  11.737  2.807   1.00 50.41  ? 5   G   A OP2   1 
ATOM   102  O  "O5'" . G   A 1 5  ? 12.580  13.864  1.948   1.00 48.83  ? 5   G   A "O5'" 1 
ATOM   103  C  "C5'" . G   A 1 5  ? 11.975  15.140  2.051   1.00 49.66  ? 5   G   A "C5'" 1 
ATOM   104  C  "C4'" . G   A 1 5  ? 11.842  15.799  0.705   1.00 44.84  ? 5   G   A "C4'" 1 
ATOM   105  O  "O4'" . G   A 1 5  ? 13.158  16.019  0.139   1.00 45.16  ? 5   G   A "O4'" 1 
ATOM   106  C  "C3'" . G   A 1 5  ? 11.119  15.007  -0.374  1.00 43.80  ? 5   G   A "C3'" 1 
ATOM   107  O  "O3'" . G   A 1 5  ? 9.706   15.019  -0.249  1.00 43.18  ? 5   G   A "O3'" 1 
ATOM   108  C  "C2'" . G   A 1 5  ? 11.633  15.673  -1.643  1.00 42.68  ? 5   G   A "C2'" 1 
ATOM   109  O  "O2'" . G   A 1 5  ? 11.023  16.948  -1.803  1.00 42.24  ? 5   G   A "O2'" 1 
ATOM   110  C  "C1'" . G   A 1 5  ? 13.099  15.892  -1.270  1.00 44.42  ? 5   G   A "C1'" 1 
ATOM   111  N  N9    . G   A 1 5  ? 13.935  14.745  -1.662  1.00 41.15  ? 5   G   A N9    1 
ATOM   112  C  C8    . G   A 1 5  ? 14.411  13.745  -0.848  1.00 43.81  ? 5   G   A C8    1 
ATOM   113  N  N7    . G   A 1 5  ? 15.124  12.864  -1.495  1.00 41.04  ? 5   G   A N7    1 
ATOM   114  C  C5    . G   A 1 5  ? 15.128  13.314  -2.812  1.00 41.21  ? 5   G   A C5    1 
ATOM   115  C  C6    . G   A 1 5  ? 15.742  12.769  -3.971  1.00 40.91  ? 5   G   A C6    1 
ATOM   116  O  O6    . G   A 1 5  ? 16.441  11.748  -4.076  1.00 38.47  ? 5   G   A O6    1 
ATOM   117  N  N1    . G   A 1 5  ? 15.483  13.540  -5.093  1.00 40.84  ? 5   G   A N1    1 
ATOM   118  C  C2    . G   A 1 5  ? 14.737  14.694  -5.104  1.00 40.09  ? 5   G   A C2    1 
ATOM   119  N  N2    . G   A 1 5  ? 14.602  15.293  -6.292  1.00 41.08  ? 5   G   A N2    1 
ATOM   120  N  N3    . G   A 1 5  ? 14.161  15.213  -4.032  1.00 40.93  ? 5   G   A N3    1 
ATOM   121  C  C4    . G   A 1 5  ? 14.402  14.476  -2.929  1.00 39.42  ? 5   G   A C4    1 
ATOM   122  P  P     . U   A 1 6  ? 8.856   13.716  -0.626  1.00 47.11  ? 6   U   A P     1 
ATOM   123  O  OP1   . U   A 1 6  ? 7.433   13.997  -0.294  1.00 40.67  ? 6   U   A OP1   1 
ATOM   124  O  OP2   . U   A 1 6  ? 9.501   12.496  -0.084  1.00 45.90  ? 6   U   A OP2   1 
ATOM   125  O  "O5'" . U   A 1 6  ? 8.969   13.637  -2.215  1.00 40.62  ? 6   U   A "O5'" 1 
ATOM   126  C  "C5'" . U   A 1 6  ? 8.557   14.729  -3.025  1.00 43.40  ? 6   U   A "C5'" 1 
ATOM   127  C  "C4'" . U   A 1 6  ? 9.018   14.558  -4.449  1.00 38.33  ? 6   U   A "C4'" 1 
ATOM   128  O  "O4'" . U   A 1 6  ? 10.467  14.591  -4.507  1.00 39.47  ? 6   U   A "O4'" 1 
ATOM   129  C  "C3'" . U   A 1 6  ? 8.672   13.237  -5.111  1.00 35.68  ? 6   U   A "C3'" 1 
ATOM   130  O  "O3'" . U   A 1 6  ? 7.327   13.164  -5.544  1.00 41.00  ? 6   U   A "O3'" 1 
ATOM   131  C  "C2'" . U   A 1 6  ? 9.694   13.178  -6.234  1.00 40.94  ? 6   U   A "C2'" 1 
ATOM   132  O  "O2'" . U   A 1 6  ? 9.359   14.104  -7.256  1.00 38.26  ? 6   U   A "O2'" 1 
ATOM   133  C  "C1'" . U   A 1 6  ? 10.926  13.720  -5.519  1.00 39.07  ? 6   U   A "C1'" 1 
ATOM   134  N  N1    . U   A 1 6  ? 11.720  12.634  -4.897  1.00 39.84  ? 6   U   A N1    1 
ATOM   135  C  C2    . U   A 1 6  ? 12.561  11.937  -5.740  1.00 41.29  ? 6   U   A C2    1 
ATOM   136  O  O2    . U   A 1 6  ? 12.641  12.202  -6.934  1.00 39.53  ? 6   U   A O2    1 
ATOM   137  N  N3    . U   A 1 6  ? 13.288  10.934  -5.141  1.00 37.44  ? 6   U   A N3    1 
ATOM   138  C  C4    . U   A 1 6  ? 13.244  10.569  -3.809  1.00 37.74  ? 6   U   A C4    1 
ATOM   139  O  O4    . U   A 1 6  ? 13.952  9.651   -3.414  1.00 40.65  ? 6   U   A O4    1 
ATOM   140  C  C5    . U   A 1 6  ? 12.356  11.334  -3.002  1.00 38.16  ? 6   U   A C5    1 
ATOM   141  C  C6    . U   A 1 6  ? 11.632  12.316  -3.562  1.00 40.02  ? 6   U   A C6    1 
ATOM   142  P  P     . G   A 1 7  ? 6.480   11.815  -5.357  1.00 41.60  ? 7   G   A P     1 
ATOM   143  O  OP1   . G   A 1 7  ? 5.109   12.157  -5.838  1.00 36.33  ? 7   G   A OP1   1 
ATOM   144  O  OP2   . G   A 1 7  ? 6.699   11.269  -3.985  1.00 40.62  ? 7   G   A OP2   1 
ATOM   145  O  "O5'" . G   A 1 7  ? 7.154   10.782  -6.347  1.00 36.28  ? 7   G   A "O5'" 1 
ATOM   146  C  "C5'" . G   A 1 7  ? 7.322   11.099  -7.721  1.00 40.04  ? 7   G   A "C5'" 1 
ATOM   147  C  "C4'" . G   A 1 7  ? 8.299   10.164  -8.381  1.00 35.76  ? 7   G   A "C4'" 1 
ATOM   148  O  "O4'" . G   A 1 7  ? 9.617   10.298  -7.778  1.00 38.71  ? 7   G   A "O4'" 1 
ATOM   149  C  "C3'" . G   A 1 7  ? 7.967   8.684   -8.266  1.00 38.60  ? 7   G   A "C3'" 1 
ATOM   150  O  "O3'" . G   A 1 7  ? 6.998   8.327   -9.242  1.00 38.21  ? 7   G   A "O3'" 1 
ATOM   151  C  "C2'" . G   A 1 7  ? 9.333   8.017   -8.426  1.00 39.93  ? 7   G   A "C2'" 1 
ATOM   152  O  "O2'" . G   A 1 7  ? 9.682   7.865   -9.798  1.00 39.46  ? 7   G   A "O2'" 1 
ATOM   153  C  "C1'" . G   A 1 7  ? 10.270  9.046   -7.764  1.00 38.21  ? 7   G   A "C1'" 1 
ATOM   154  N  N9    . G   A 1 7  ? 10.569  8.702   -6.354  1.00 39.21  ? 7   G   A N9    1 
ATOM   155  C  C8    . G   A 1 7  ? 9.872   9.127   -5.247  1.00 40.86  ? 7   G   A C8    1 
ATOM   156  N  N7    . G   A 1 7  ? 10.351  8.659   -4.116  1.00 41.37  ? 7   G   A N7    1 
ATOM   157  C  C5    . G   A 1 7  ? 11.436  7.891   -4.505  1.00 41.36  ? 7   G   A C5    1 
ATOM   158  C  C6    . G   A 1 7  ? 12.343  7.137   -3.713  1.00 39.48  ? 7   G   A C6    1 
ATOM   159  O  O6    . G   A 1 7  ? 12.362  7.016   -2.481  1.00 39.67  ? 7   G   A O6    1 
ATOM   160  N  N1    . G   A 1 7  ? 13.298  6.510   -4.487  1.00 39.03  ? 7   G   A N1    1 
ATOM   161  C  C2    . G   A 1 7  ? 13.375  6.595   -5.853  1.00 40.21  ? 7   G   A C2    1 
ATOM   162  N  N2    . G   A 1 7  ? 14.366  5.907   -6.419  1.00 41.94  ? 7   G   A N2    1 
ATOM   163  N  N3    . G   A 1 7  ? 12.522  7.278   -6.608  1.00 40.04  ? 7   G   A N3    1 
ATOM   164  C  C4    . G   A 1 7  ? 11.588  7.907   -5.874  1.00 38.69  ? 7   G   A C4    1 
ATOM   165  P  P     . U   A 1 8  ? 6.553   6.818   -9.570  1.00 40.93  ? 8   U   A P     1 
ATOM   166  O  OP1   . U   A 1 8  ? 5.113   6.966   -9.911  1.00 39.17  ? 8   U   A OP1   1 
ATOM   167  O  OP2   . U   A 1 8  ? 6.992   5.833   -8.535  1.00 37.52  ? 8   U   A OP2   1 
ATOM   168  O  "O5'" . U   A 1 8  ? 7.303   6.497   -10.932 1.00 38.87  ? 8   U   A "O5'" 1 
ATOM   169  C  "C5'" . U   A 1 8  ? 7.337   7.484   -11.950 1.00 43.62  ? 8   U   A "C5'" 1 
ATOM   170  C  "C4'" . U   A 1 8  ? 8.145   7.037   -13.129 1.00 43.16  ? 8   U   A "C4'" 1 
ATOM   171  O  "O4'" . U   A 1 8  ? 9.557   7.032   -12.805 1.00 43.61  ? 8   U   A "O4'" 1 
ATOM   172  C  "C3'" . U   A 1 8  ? 7.882   5.627   -13.616 1.00 43.02  ? 8   U   A "C3'" 1 
ATOM   173  O  "O3'" . U   A 1 8  ? 6.701   5.547   -14.390 1.00 46.14  ? 8   U   A "O3'" 1 
ATOM   174  C  "C2'" . U   A 1 8  ? 9.142   5.307   -14.402 1.00 45.73  ? 8   U   A "C2'" 1 
ATOM   175  O  "O2'" . U   A 1 8  ? 9.068   5.865   -15.708 1.00 45.71  ? 8   U   A "O2'" 1 
ATOM   176  C  "C1'" . U   A 1 8  ? 10.214  6.074   -13.605 1.00 44.72  ? 8   U   A "C1'" 1 
ATOM   177  N  N1    . U   A 1 8  ? 11.050  5.193   -12.757 1.00 45.12  ? 8   U   A N1    1 
ATOM   178  C  C2    . U   A 1 8  ? 11.934  4.370   -13.417 1.00 45.32  ? 8   U   A C2    1 
ATOM   179  O  O2    . U   A 1 8  ? 12.018  4.347   -14.632 1.00 48.48  ? 8   U   A O2    1 
ATOM   180  N  N3    . U   A 1 8  ? 12.700  3.553   -12.626 1.00 44.49  ? 8   U   A N3    1 
ATOM   181  C  C4    . U   A 1 8  ? 12.685  3.499   -11.253 1.00 44.97  ? 8   U   A C4    1 
ATOM   182  O  O4    . U   A 1 8  ? 13.451  2.721   -10.672 1.00 44.12  ? 8   U   A O4    1 
ATOM   183  C  C5    . U   A 1 8  ? 11.752  4.393   -10.637 1.00 42.05  ? 8   U   A C5    1 
ATOM   184  C  C6    . U   A 1 8  ? 10.987  5.202   -11.386 1.00 44.38  ? 8   U   A C6    1 
ATOM   185  P  P     . A   A 1 9  ? 5.736   4.268   -14.273 1.00 48.39  ? 9   A   A P     1 
ATOM   186  O  OP1   . A   A 1 9  ? 4.632   4.500   -15.247 1.00 48.83  ? 9   A   A OP1   1 
ATOM   187  O  OP2   . A   A 1 9  ? 5.446   4.039   -12.827 1.00 42.18  ? 9   A   A OP2   1 
ATOM   188  O  "O5'" . A   A 1 9  ? 6.619   3.058   -14.798 1.00 48.10  ? 9   A   A "O5'" 1 
ATOM   189  C  "C5'" . A   A 1 9  ? 6.975   2.952   -16.168 1.00 50.44  ? 9   A   A "C5'" 1 
ATOM   190  C  "C4'" . A   A 1 9  ? 8.050   1.917   -16.374 1.00 50.20  ? 9   A   A "C4'" 1 
ATOM   191  O  "O4'" . A   A 1 9  ? 9.251   2.314   -15.663 1.00 50.33  ? 9   A   A "O4'" 1 
ATOM   192  C  "C3'" . A   A 1 9  ? 7.753   0.523   -15.837 1.00 50.92  ? 9   A   A "C3'" 1 
ATOM   193  O  "O3'" . A   A 1 9  ? 6.934   -0.246  -16.703 1.00 61.36  ? 9   A   A "O3'" 1 
ATOM   194  C  "C2'" . A   A 1 9  ? 9.145   -0.061  -15.650 1.00 50.73  ? 9   A   A "C2'" 1 
ATOM   195  O  "O2'" . A   A 1 9  ? 9.681   -0.521  -16.882 1.00 54.60  ? 9   A   A "O2'" 1 
ATOM   196  C  "C1'" . A   A 1 9  ? 9.935   1.168   -15.204 1.00 48.12  ? 9   A   A "C1'" 1 
ATOM   197  N  N9    . A   A 1 9  ? 10.046  1.227   -13.739 1.00 48.97  ? 9   A   A N9    1 
ATOM   198  C  C8    . A   A 1 9  ? 9.385   2.033   -12.843 1.00 46.87  ? 9   A   A C8    1 
ATOM   199  N  N7    . A   A 1 9  ? 9.728   1.800   -11.593 1.00 45.14  ? 9   A   A N7    1 
ATOM   200  C  C5    . A   A 1 9  ? 10.670  0.772   -11.680 1.00 45.82  ? 9   A   A C5    1 
ATOM   201  C  C6    . A   A 1 9  ? 11.431  0.059   -10.723 1.00 45.32  ? 9   A   A C6    1 
ATOM   202  N  N6    . A   A 1 9  ? 11.382  0.268   -9.400  1.00 43.34  ? 9   A   A N6    1 
ATOM   203  N  N1    . A   A 1 9  ? 12.274  -0.904  -11.176 1.00 45.78  ? 9   A   A N1    1 
ATOM   204  C  C2    . A   A 1 9  ? 12.348  -1.134  -12.488 1.00 45.81  ? 9   A   A C2    1 
ATOM   205  N  N3    . A   A 1 9  ? 11.693  -0.534  -13.478 1.00 46.82  ? 9   A   A N3    1 
ATOM   206  C  C4    . A   A 1 9  ? 10.865  0.417   -13.001 1.00 46.68  ? 9   A   A C4    1 
ATOM   207  P  P     . C   A 1 10 ? 5.650   -1.036  -16.143 1.00 58.29  ? 10  C   A P     1 
ATOM   208  O  OP1   . C   A 1 10 ? 5.032   -1.742  -17.296 1.00 60.85  ? 10  C   A OP1   1 
ATOM   209  O  OP2   . C   A 1 10 ? 4.819   -0.118  -15.325 1.00 54.01  ? 10  C   A OP2   1 
ATOM   210  O  "O5'" . C   A 1 10 ? 6.254   -2.112  -15.130 1.00 57.13  ? 10  C   A "O5'" 1 
ATOM   211  C  "C5'" . C   A 1 10 ? 7.258   -3.028  -15.539 1.00 56.57  ? 10  C   A "C5'" 1 
ATOM   212  C  "C4'" . C   A 1 10 ? 8.015   -3.592  -14.361 1.00 54.63  ? 10  C   A "C4'" 1 
ATOM   213  O  "O4'" . C   A 1 10 ? 8.751   -2.540  -13.680 1.00 54.92  ? 10  C   A "O4'" 1 
ATOM   214  C  "C3'" . C   A 1 10 ? 7.186   -4.206  -13.247 1.00 57.30  ? 10  C   A "C3'" 1 
ATOM   215  O  "O3'" . C   A 1 10 ? 6.665   -5.486  -13.567 1.00 61.82  ? 10  C   A "O3'" 1 
ATOM   216  C  "C2'" . C   A 1 10 ? 8.170   -4.191  -12.079 1.00 52.73  ? 10  C   A "C2'" 1 
ATOM   217  O  "O2'" . C   A 1 10 ? 9.160   -5.204  -12.226 1.00 55.41  ? 10  C   A "O2'" 1 
ATOM   218  C  "C1'" . C   A 1 10 ? 8.850   -2.844  -12.298 1.00 51.66  ? 10  C   A "C1'" 1 
ATOM   219  N  N1    . C   A 1 10 ? 8.209   -1.765  -11.510 1.00 48.87  ? 10  C   A N1    1 
ATOM   220  C  C2    . C   A 1 10 ? 8.590   -1.609  -10.170 1.00 45.77  ? 10  C   A C2    1 
ATOM   221  O  O2    . C   A 1 10 ? 9.446   -2.372  -9.697  1.00 45.66  ? 10  C   A O2    1 
ATOM   222  N  N3    . C   A 1 10 ? 8.025   -0.631  -9.422  1.00 41.00  ? 10  C   A N3    1 
ATOM   223  C  C4    . C   A 1 10 ? 7.113   0.175   -9.960  1.00 42.96  ? 10  C   A C4    1 
ATOM   224  N  N4    . C   A 1 10 ? 6.581   1.126   -9.188  1.00 39.26  ? 10  C   A N4    1 
ATOM   225  C  C5    . C   A 1 10 ? 6.707   0.036   -11.323 1.00 47.09  ? 10  C   A C5    1 
ATOM   226  C  C6    . C   A 1 10 ? 7.269   -0.935  -12.054 1.00 49.76  ? 10  C   A C6    1 
ATOM   227  P  P     . C   A 1 11 ? 5.393   -6.060  -12.768 1.00 62.07  ? 11  C   A P     1 
ATOM   228  O  OP1   . C   A 1 11 ? 5.364   -7.524  -13.030 1.00 65.87  ? 11  C   A OP1   1 
ATOM   229  O  OP2   . C   A 1 11 ? 4.184   -5.234  -13.005 1.00 58.93  ? 11  C   A OP2   1 
ATOM   230  O  "O5'" . C   A 1 11 ? 5.765   -5.799  -11.246 1.00 58.48  ? 11  C   A "O5'" 1 
ATOM   231  C  "C5'" . C   A 1 11 ? 5.686   -6.841  -10.305 1.00 52.72  ? 11  C   A "C5'" 1 
ATOM   232  C  "C4'" . C   A 1 11 ? 6.602   -6.627  -9.130  1.00 50.81  ? 11  C   A "C4'" 1 
ATOM   233  O  "O4'" . C   A 1 11 ? 7.219   -5.308  -9.131  1.00 49.44  ? 11  C   A "O4'" 1 
ATOM   234  C  "C3'" . C   A 1 11 ? 5.916   -6.692  -7.789  1.00 46.56  ? 11  C   A "C3'" 1 
ATOM   235  O  "O3'" . C   A 1 11 ? 5.591   -8.012  -7.417  1.00 47.49  ? 11  C   A "O3'" 1 
ATOM   236  C  "C2'" . C   A 1 11 ? 6.926   -6.014  -6.881  1.00 46.76  ? 11  C   A "C2'" 1 
ATOM   237  O  "O2'" . C   A 1 11 ? 8.014   -6.880  -6.619  1.00 46.11  ? 11  C   A "O2'" 1 
ATOM   238  C  "C1'" . C   A 1 11 ? 7.422   -4.887  -7.789  1.00 44.32  ? 11  C   A "C1'" 1 
ATOM   239  N  N1    . C   A 1 11 ? 6.668   -3.632  -7.563  1.00 43.34  ? 11  C   A N1    1 
ATOM   240  C  C2    . C   A 1 11 ? 6.779   -2.947  -6.335  1.00 41.94  ? 11  C   A C2    1 
ATOM   241  O  O2    . C   A 1 11 ? 7.505   -3.400  -5.440  1.00 42.93  ? 11  C   A O2    1 
ATOM   242  N  N3    . C   A 1 11 ? 6.090   -1.795  -6.147  1.00 38.79  ? 11  C   A N3    1 
ATOM   243  C  C4    . C   A 1 11 ? 5.308   -1.332  -7.117  1.00 39.78  ? 11  C   A C4    1 
ATOM   244  N  N4    . C   A 1 11 ? 4.638   -0.200  -6.901  1.00 39.74  ? 11  C   A N4    1 
ATOM   245  C  C5    . C   A 1 11 ? 5.177   -1.998  -8.370  1.00 43.05  ? 11  C   A C5    1 
ATOM   246  C  C6    . C   A 1 11 ? 5.867   -3.131  -8.549  1.00 43.69  ? 11  C   A C6    1 
ATOM   247  P  P     . G   A 1 12 ? 4.178   -8.295  -6.730  1.00 48.41  ? 12  G   A P     1 
ATOM   248  O  OP1   . G   A 1 12 ? 3.951   -9.769  -6.769  1.00 50.91  ? 12  G   A OP1   1 
ATOM   249  O  OP2   . G   A 1 12 ? 3.156   -7.396  -7.291  1.00 45.71  ? 12  G   A OP2   1 
ATOM   250  O  "O5'" . G   A 1 12 ? 4.449   -7.912  -5.215  1.00 44.69  ? 12  G   A "O5'" 1 
ATOM   251  C  "C5'" . G   A 1 12 ? 5.584   -8.439  -4.548  1.00 45.01  ? 12  G   A "C5'" 1 
ATOM   252  C  "C4'" . G   A 1 12 ? 5.799   -7.743  -3.234  1.00 44.17  ? 12  G   A "C4'" 1 
ATOM   253  O  "O4'" . G   A 1 12 ? 6.220   -6.378  -3.478  1.00 43.28  ? 12  G   A "O4'" 1 
ATOM   254  C  "C3'" . G   A 1 12 ? 4.560   -7.588  -2.372  1.00 44.68  ? 12  G   A "C3'" 1 
ATOM   255  O  "O3'" . G   A 1 12 ? 4.222   -8.759  -1.651  1.00 45.93  ? 12  G   A "O3'" 1 
ATOM   256  C  "C2'" . G   A 1 12 ? 4.920   -6.398  -1.493  1.00 42.26  ? 12  G   A "C2'" 1 
ATOM   257  O  "O2'" . G   A 1 12 ? 5.835   -6.792  -0.481  1.00 42.10  ? 12  G   A "O2'" 1 
ATOM   258  C  "C1'" . G   A 1 12 ? 5.675   -5.523  -2.487  1.00 43.43  ? 12  G   A "C1'" 1 
ATOM   259  N  N9    . G   A 1 12 ? 4.809   -4.515  -3.139  1.00 40.94  ? 12  G   A N9    1 
ATOM   260  C  C8    . G   A 1 12 ? 4.380   -4.504  -4.444  1.00 38.63  ? 12  G   A C8    1 
ATOM   261  N  N7    . G   A 1 12 ? 3.640   -3.466  -4.737  1.00 39.95  ? 12  G   A N7    1 
ATOM   262  C  C5    . G   A 1 12 ? 3.595   -2.726  -3.549  1.00 36.21  ? 12  G   A C5    1 
ATOM   263  C  C6    . G   A 1 12 ? 2.949   -1.501  -3.252  1.00 37.48  ? 12  G   A C6    1 
ATOM   264  O  O6    . G   A 1 12 ? 2.276   -0.804  -4.019  1.00 37.15  ? 12  G   A O6    1 
ATOM   265  N  N1    . G   A 1 12 ? 3.142   -1.090  -1.931  1.00 34.67  ? 12  G   A N1    1 
ATOM   266  C  C2    . G   A 1 12 ? 3.884   -1.789  -1.018  1.00 37.00  ? 12  G   A C2    1 
ATOM   267  N  N2    . G   A 1 12 ? 3.957   -1.251  0.206   1.00 36.53  ? 12  G   A N2    1 
ATOM   268  N  N3    . G   A 1 12 ? 4.491   -2.943  -1.277  1.00 37.08  ? 12  G   A N3    1 
ATOM   269  C  C4    . G   A 1 12 ? 4.310   -3.356  -2.555  1.00 38.71  ? 12  G   A C4    1 
ATOM   270  P  P     . U   A 1 13 ? 2.679   -9.110  -1.393  1.00 46.98  ? 13  U   A P     1 
ATOM   271  O  OP1   . U   A 1 13 ? 2.609   -10.449 -0.728  1.00 47.22  ? 13  U   A OP1   1 
ATOM   272  O  OP2   . U   A 1 13 ? 1.901   -8.896  -2.639  1.00 39.31  ? 13  U   A OP2   1 
ATOM   273  O  "O5'" . U   A 1 13 ? 2.227   -8.020  -0.328  1.00 41.76  ? 13  U   A "O5'" 1 
ATOM   274  C  "C5'" . U   A 1 13 ? 2.906   -7.896  0.912   1.00 41.22  ? 13  U   A "C5'" 1 
ATOM   275  C  "C4'" . U   A 1 13 ? 2.423   -6.703  1.694   1.00 39.43  ? 13  U   A "C4'" 1 
ATOM   276  O  "O4'" . U   A 1 13 ? 2.813   -5.472  1.031   1.00 39.62  ? 13  U   A "O4'" 1 
ATOM   277  C  "C3'" . U   A 1 13 ? 0.918   -6.560  1.846   1.00 42.57  ? 13  U   A "C3'" 1 
ATOM   278  O  "O3'" . U   A 1 13 ? 0.359   -7.415  2.821   1.00 43.33  ? 13  U   A "O3'" 1 
ATOM   279  C  "C2'" . U   A 1 13 ? 0.775   -5.086  2.186   1.00 39.37  ? 13  U   A "C2'" 1 
ATOM   280  O  "O2'" . U   A 1 13 ? 1.154   -4.865  3.540   1.00 36.13  ? 13  U   A "O2'" 1 
ATOM   281  C  "C1'" . U   A 1 13 ? 1.837   -4.476  1.268   1.00 36.52  ? 13  U   A "C1'" 1 
ATOM   282  N  N1    . U   A 1 13 ? 1.262   -4.052  -0.034  1.00 37.37  ? 13  U   A N1    1 
ATOM   283  C  C2    . U   A 1 13 ? 0.623   -2.824  -0.047  1.00 36.71  ? 13  U   A C2    1 
ATOM   284  O  O2    . U   A 1 13 ? 0.543   -2.145  0.951   1.00 36.00  ? 13  U   A O2    1 
ATOM   285  N  N3    . U   A 1 13 ? 0.078   -2.434  -1.247  1.00 35.23  ? 13  U   A N3    1 
ATOM   286  C  C4    . U   A 1 13 ? 0.120   -3.166  -2.421  1.00 34.79  ? 13  U   A C4    1 
ATOM   287  O  O4    . U   A 1 13 ? -0.407  -2.699  -3.430  1.00 36.94  ? 13  U   A O4    1 
ATOM   288  C  C5    . U   A 1 13 ? 0.795   -4.431  -2.346  1.00 35.78  ? 13  U   A C5    1 
ATOM   289  C  C6    . U   A 1 13 ? 1.325   -4.821  -1.177  1.00 38.64  ? 13  U   A C6    1 
ATOM   290  P  P     . U   A 1 14 ? -1.193  -7.814  2.725   1.00 44.84  ? 14  U   A P     1 
ATOM   291  O  OP1   . U   A 1 14 ? -1.299  -9.298  2.732   1.00 43.62  ? 14  U   A OP1   1 
ATOM   292  O  OP2   . U   A 1 14 ? -1.821  -7.094  1.590   1.00 43.70  ? 14  U   A OP2   1 
ATOM   293  O  "O5'" . U   A 1 14 ? -1.818  -7.191  4.038   1.00 41.54  ? 14  U   A "O5'" 1 
ATOM   294  C  "C5'" . U   A 1 14 ? -1.381  -7.593  5.327   1.00 45.40  ? 14  U   A "C5'" 1 
ATOM   295  C  "C4'" . U   A 1 14 ? -2.034  -6.763  6.405   1.00 47.47  ? 14  U   A "C4'" 1 
ATOM   296  O  "O4'" . U   A 1 14 ? -1.563  -5.396  6.299   1.00 45.01  ? 14  U   A "O4'" 1 
ATOM   297  C  "C3'" . U   A 1 14 ? -3.560  -6.690  6.358   1.00 51.01  ? 14  U   A "C3'" 1 
ATOM   298  O  "O3'" . U   A 1 14 ? -4.068  -6.598  7.683   1.00 56.95  ? 14  U   A "O3'" 1 
ATOM   299  C  "C2'" . U   A 1 14 ? -3.816  -5.367  5.657   1.00 47.97  ? 14  U   A "C2'" 1 
ATOM   300  O  "O2'" . U   A 1 14 ? -5.067  -4.776  5.951   1.00 47.97  ? 14  U   A "O2'" 1 
ATOM   301  C  "C1'" . U   A 1 14 ? -2.661  -4.518  6.178   1.00 43.96  ? 14  U   A "C1'" 1 
ATOM   302  N  N1    . U   A 1 14 ? -2.318  -3.436  5.254   1.00 38.72  ? 14  U   A N1    1 
ATOM   303  C  C2    . U   A 1 14 ? -2.236  -2.166  5.771   1.00 39.08  ? 14  U   A C2    1 
ATOM   304  O  O2    . U   A 1 14 ? -2.389  -1.932  6.958   1.00 41.94  ? 14  U   A O2    1 
ATOM   305  N  N3    . U   A 1 14 ? -1.960  -1.188  4.845   1.00 38.65  ? 14  U   A N3    1 
ATOM   306  C  C4    . U   A 1 14 ? -1.778  -1.367  3.485   1.00 35.89  ? 14  U   A C4    1 
ATOM   307  O  O4    . U   A 1 14 ? -1.556  -0.384  2.792   1.00 37.13  ? 14  U   A O4    1 
ATOM   308  C  C5    . U   A 1 14 ? -1.883  -2.721  3.026   1.00 38.27  ? 14  U   A C5    1 
ATOM   309  C  C6    . U   A 1 14 ? -2.162  -3.691  3.910   1.00 38.50  ? 14  U   A C6    1 
ATOM   310  P  P     . C   A 1 15 ? -5.115  -7.698  8.199   1.00 66.94  ? 15  C   A P     1 
ATOM   311  O  OP1   . C   A 1 15 ? -4.463  -9.012  7.993   1.00 66.23  ? 15  C   A OP1   1 
ATOM   312  O  OP2   . C   A 1 15 ? -6.429  -7.440  7.555   1.00 65.92  ? 15  C   A OP2   1 
ATOM   313  O  "O5'" . C   A 1 15 ? -5.242  -7.396  9.757   1.00 67.65  ? 15  C   A "O5'" 1 
ATOM   314  C  "C5'" . C   A 1 15 ? -4.125  -6.932  10.491  1.00 70.79  ? 15  C   A "C5'" 1 
ATOM   315  C  "C4'" . C   A 1 15 ? -3.640  -7.973  11.463  1.00 77.74  ? 15  C   A "C4'" 1 
ATOM   316  O  "O4'" . C   A 1 15 ? -4.019  -9.300  11.010  1.00 84.50  ? 15  C   A "O4'" 1 
ATOM   317  C  "C3'" . C   A 1 15 ? -2.138  -8.072  11.613  1.00 77.37  ? 15  C   A "C3'" 1 
ATOM   318  O  "O3'" . C   A 1 15 ? -1.579  -7.048  12.394  1.00 75.31  ? 15  C   A "O3'" 1 
ATOM   319  C  "C2'" . C   A 1 15 ? -1.958  -9.477  12.172  1.00 81.98  ? 15  C   A "C2'" 1 
ATOM   320  O  "O2'" . C   A 1 15 ? -2.317  -9.520  13.546  1.00 78.78  ? 15  C   A "O2'" 1 
ATOM   321  C  "C1'" . C   A 1 15 ? -3.020  -10.236 11.376  1.00 84.30  ? 15  C   A "C1'" 1 
ATOM   322  N  N1    . C   A 1 15 ? -2.457  -10.853 10.147  1.00 89.83  ? 15  C   A N1    1 
ATOM   323  C  C2    . C   A 1 15 ? -2.397  -12.255 10.076  1.00 95.12  ? 15  C   A C2    1 
ATOM   324  O  O2    . C   A 1 15 ? -2.833  -12.932 11.027  1.00 95.22  ? 15  C   A O2    1 
ATOM   325  N  N3    . C   A 1 15 ? -1.879  -12.836 8.960   1.00 98.19  ? 15  C   A N3    1 
ATOM   326  C  C4    . C   A 1 15 ? -1.420  -12.085 7.949   1.00 96.75  ? 15  C   A C4    1 
ATOM   327  N  N4    . C   A 1 15 ? -0.918  -12.706 6.874   1.00 99.20  ? 15  C   A N4    1 
ATOM   328  C  C5    . C   A 1 15 ? -1.457  -10.659 7.997   1.00 86.18  ? 15  C   A C5    1 
ATOM   329  C  C6    . C   A 1 15 ? -1.970  -10.100 9.100   1.00 82.95  ? 15  C   A C6    1 
ATOM   330  P  P     . A   A 1 16 ? -0.224  -6.370  11.885  1.00 68.57  ? 16  A   A P     1 
ATOM   331  O  OP1   . A   A 1 16 ? 0.838   -7.415  11.880  1.00 69.44  ? 16  A   A OP1   1 
ATOM   332  O  OP2   . A   A 1 16 ? -0.051  -5.139  12.706  1.00 64.78  ? 16  A   A OP2   1 
ATOM   333  O  "O5'" . A   A 1 16 ? -0.498  -6.073  10.335  1.00 64.38  ? 16  A   A "O5'" 1 
ATOM   334  C  "C5'" . A   A 1 16 ? -1.100  -4.863  9.902   1.00 53.41  ? 16  A   A "C5'" 1 
ATOM   335  C  "C4'" . A   A 1 16 ? -0.171  -3.696  10.103  1.00 50.07  ? 16  A   A "C4'" 1 
ATOM   336  O  "O4'" . A   A 1 16 ? 0.848   -3.666  9.076   1.00 46.51  ? 16  A   A "O4'" 1 
ATOM   337  C  "C3'" . A   A 1 16 ? -0.806  -2.325  10.045  1.00 47.03  ? 16  A   A "C3'" 1 
ATOM   338  O  "O3'" . A   A 1 16 ? -1.427  -1.999  11.283  1.00 54.66  ? 16  A   A "O3'" 1 
ATOM   339  C  "C2'" . A   A 1 16 ? 0.372   -1.411  9.682   1.00 45.33  ? 16  A   A "C2'" 1 
ATOM   340  O  "O2'" . A   A 1 16 ? 1.080   -1.012  10.840  1.00 47.19  ? 16  A   A "O2'" 1 
ATOM   341  C  "C1'" . A   A 1 16 ? 1.271   -2.339  8.860   1.00 43.91  ? 16  A   A "C1'" 1 
ATOM   342  N  N9    . A   A 1 16 ? 1.255   -2.067  7.407   1.00 43.04  ? 16  A   A N9    1 
ATOM   343  C  C8    . A   A 1 16 ? 0.956   -2.996  6.444   1.00 39.43  ? 16  A   A C8    1 
ATOM   344  N  N7    . A   A 1 16 ? 1.021   -2.538  5.220   1.00 40.09  ? 16  A   A N7    1 
ATOM   345  C  C5    . A   A 1 16 ? 1.427   -1.225  5.381   1.00 39.18  ? 16  A   A C5    1 
ATOM   346  C  C6    . A   A 1 16 ? 1.678   -0.207  4.450   1.00 35.81  ? 16  A   A C6    1 
ATOM   347  N  N6    . A   A 1 16 ? 1.588   -0.380  3.124   1.00 36.58  ? 16  A   A N6    1 
ATOM   348  N  N1    . A   A 1 16 ? 2.060   0.998   4.922   1.00 38.75  ? 16  A   A N1    1 
ATOM   349  C  C2    . A   A 1 16 ? 2.176   1.158   6.251   1.00 38.70  ? 16  A   A C2    1 
ATOM   350  N  N3    . A   A 1 16 ? 1.952   0.276   7.221   1.00 40.16  ? 16  A   A N3    1 
ATOM   351  C  C4    . A   A 1 16 ? 1.583   -0.915  6.724   1.00 38.62  ? 16  A   A C4    1 
ATOM   352  P  P     . A   A 1 17 ? -2.766  -1.102  11.362  1.00 53.67  ? 17  A   A P     1 
ATOM   353  O  OP1   . A   A 1 17 ? -3.408  -1.296  12.688  1.00 58.27  ? 17  A   A OP1   1 
ATOM   354  O  OP2   . A   A 1 17 ? -3.546  -1.266  10.112  1.00 51.19  ? 17  A   A OP2   1 
ATOM   355  O  "O5'" . A   A 1 17 ? -2.217  0.370   11.485  1.00 48.73  ? 17  A   A "O5'" 1 
ATOM   356  C  "C5'" . A   A 1 17 ? -1.770  1.000   10.329  1.00 46.34  ? 17  A   A "C5'" 1 
ATOM   357  C  "C4'" . A   A 1 17 ? -1.236  2.367   10.567  1.00 45.53  ? 17  A   A "C4'" 1 
ATOM   358  O  "O4'" . A   A 1 17 ? -0.129  2.504   9.649   1.00 44.86  ? 17  A   A "O4'" 1 
ATOM   359  C  "C3'" . A   A 1 17 ? -2.239  3.442   10.166  1.00 42.91  ? 17  A   A "C3'" 1 
ATOM   360  O  "O3'" . A   A 1 17 ? -2.973  3.966   11.267  1.00 47.89  ? 17  A   A "O3'" 1 
ATOM   361  C  "C2'" . A   A 1 17 ? -1.418  4.459   9.385   1.00 42.83  ? 17  A   A "C2'" 1 
ATOM   362  O  "O2'" . A   A 1 17 ? -0.796  5.395   10.254  1.00 43.83  ? 17  A   A "O2'" 1 
ATOM   363  C  "C1'" . A   A 1 17 ? -0.348  3.567   8.766   1.00 42.69  ? 17  A   A "C1'" 1 
ATOM   364  N  N9    . A   A 1 17 ? -0.764  2.977   7.475   1.00 38.54  ? 17  A   A N9    1 
ATOM   365  C  C8    . A   A 1 17 ? -1.113  1.681   7.200   1.00 37.57  ? 17  A   A C8    1 
ATOM   366  N  N7    . A   A 1 17 ? -1.427  1.464   5.933   1.00 38.18  ? 17  A   A N7    1 
ATOM   367  C  C5    . A   A 1 17 ? -1.273  2.712   5.349   1.00 38.47  ? 17  A   A C5    1 
ATOM   368  C  C6    . A   A 1 17 ? -1.427  3.170   4.032   1.00 36.74  ? 17  A   A C6    1 
ATOM   369  N  N6    . A   A 1 17 ? -1.822  2.407   3.003   1.00 34.03  ? 17  A   A N6    1 
ATOM   370  N  N1    . A   A 1 17 ? -1.178  4.474   3.804   1.00 40.47  ? 17  A   A N1    1 
ATOM   371  C  C2    . A   A 1 17 ? -0.790  5.270   4.810   1.00 39.46  ? 17  A   A C2    1 
ATOM   372  N  N3    . A   A 1 17 ? -0.592  4.949   6.083   1.00 39.51  ? 17  A   A N3    1 
ATOM   373  C  C4    . A   A 1 17 ? -0.853  3.646   6.284   1.00 37.89  ? 17  A   A C4    1 
ATOM   374  P  P     . C   A 1 18 ? -4.582  3.867   11.269  1.00 43.84  ? 18  C   A P     1 
ATOM   375  O  OP1   . C   A 1 18 ? -5.085  4.764   12.337  1.00 45.75  ? 18  C   A OP1   1 
ATOM   376  O  OP2   . C   A 1 18 ? -4.972  2.438   11.224  1.00 38.51  ? 18  C   A OP2   1 
ATOM   377  O  "O5'" . C   A 1 18 ? -4.972  4.468   9.848   1.00 38.72  ? 18  C   A "O5'" 1 
ATOM   378  C  "C5'" . C   A 1 18 ? -4.659  5.801   9.487   1.00 38.58  ? 18  C   A "C5'" 1 
ATOM   379  C  "C4'" . C   A 1 18 ? -4.795  5.992   7.999   1.00 40.18  ? 18  C   A "C4'" 1 
ATOM   380  O  "O4'" . C   A 1 18 ? -3.955  5.043   7.292   1.00 40.67  ? 18  C   A "O4'" 1 
ATOM   381  C  "C3'" . C   A 1 18 ? -6.178  5.735   7.426   1.00 36.20  ? 18  C   A "C3'" 1 
ATOM   382  O  "O3'" . C   A 1 18 ? -7.044  6.833   7.622   1.00 38.18  ? 18  C   A "O3'" 1 
ATOM   383  C  "C2'" . C   A 1 18 ? -5.877  5.456   5.959   1.00 38.65  ? 18  C   A "C2'" 1 
ATOM   384  O  "O2'" . C   A 1 18 ? -5.633  6.668   5.257   1.00 35.61  ? 18  C   A "O2'" 1 
ATOM   385  C  "C1'" . C   A 1 18 ? -4.556  4.698   6.061   1.00 39.90  ? 18  C   A "C1'" 1 
ATOM   386  N  N1    . C   A 1 18 ? -4.731  3.229   5.998   1.00 33.68  ? 18  C   A N1    1 
ATOM   387  C  C2    . C   A 1 18 ? -4.847  2.666   4.736   1.00 35.27  ? 18  C   A C2    1 
ATOM   388  O  O2    . C   A 1 18 ? -4.861  3.421   3.758   1.00 34.52  ? 18  C   A O2    1 
ATOM   389  N  N3    . C   A 1 18 ? -4.979  1.326   4.607   1.00 33.06  ? 18  C   A N3    1 
ATOM   390  C  C4    . C   A 1 18 ? -4.998  0.558   5.682   1.00 31.77  ? 18  C   A C4    1 
ATOM   391  N  N4    . C   A 1 18 ? -5.140  -0.753  5.478   1.00 34.97  ? 18  C   A N4    1 
ATOM   392  C  C5    . C   A 1 18 ? -4.861  1.109   6.997   1.00 35.98  ? 18  C   A C5    1 
ATOM   393  C  C6    . C   A 1 18 ? -4.720  2.437   7.114   1.00 36.81  ? 18  C   A C6    1 
ATOM   394  P  P     . U   A 1 19 ? -8.624  6.695   7.370   1.00 37.17  ? 19  U   A P     1 
ATOM   395  O  OP1   . U   A 1 19 ? -8.868  6.225   5.978   1.00 36.75  ? 19  U   A OP1   1 
ATOM   396  O  OP2   . U   A 1 19 ? -9.170  8.025   7.793   1.00 37.18  ? 19  U   A OP2   1 
ATOM   397  O  "O5'" . U   A 1 19 ? -9.063  5.529   8.343   1.00 36.01  ? 19  U   A "O5'" 1 
ATOM   398  C  "C5'" . U   A 1 19 ? -8.970  5.682   9.756   1.00 38.70  ? 19  U   A "C5'" 1 
ATOM   399  C  "C4'" . U   A 1 19 ? -10.269 5.316   10.431  1.00 37.90  ? 19  U   A "C4'" 1 
ATOM   400  O  "O4'" . U   A 1 19 ? -11.266 6.326   10.140  1.00 37.59  ? 19  U   A "O4'" 1 
ATOM   401  C  "C3'" . U   A 1 19 ? -10.872 3.973   10.019  1.00 39.46  ? 19  U   A "C3'" 1 
ATOM   402  O  "O3'" . U   A 1 19 ? -11.371 3.311   11.175  1.00 36.93  ? 19  U   A "O3'" 1 
ATOM   403  C  "C2'" . U   A 1 19 ? -12.041 4.364   9.120   1.00 39.03  ? 19  U   A "C2'" 1 
ATOM   404  O  "O2'" . U   A 1 19 ? -13.096 3.423   9.132   1.00 39.00  ? 19  U   A "O2'" 1 
ATOM   405  C  "C1'" . U   A 1 19 ? -12.463 5.698   9.725   1.00 42.47  ? 19  U   A "C1'" 1 
ATOM   406  N  N1    . U   A 1 19 ? -13.138 6.619   8.801   1.00 39.68  ? 19  U   A N1    1 
ATOM   407  C  C2    . U   A 1 19 ? -14.260 7.266   9.289   1.00 43.56  ? 19  U   A C2    1 
ATOM   408  O  O2    . U   A 1 19 ? -14.685 7.097   10.427  1.00 42.05  ? 19  U   A O2    1 
ATOM   409  N  N3    . U   A 1 19 ? -14.855 8.126   8.407   1.00 42.53  ? 19  U   A N3    1 
ATOM   410  C  C4    . U   A 1 19 ? -14.450 8.401   7.114   1.00 45.51  ? 19  U   A C4    1 
ATOM   411  O  O4    . U   A 1 19 ? -15.091 9.209   6.446   1.00 42.96  ? 19  U   A O4    1 
ATOM   412  C  C5    . U   A 1 19 ? -13.283 7.693   6.680   1.00 44.34  ? 19  U   A C5    1 
ATOM   413  C  C6    . U   A 1 19 ? -12.679 6.841   7.521   1.00 44.38  ? 19  U   A C6    1 
ATOM   414  P  P     . C   A 1 20 ? -10.642 1.993   11.678  1.00 41.59  ? 20  C   A P     1 
ATOM   415  O  OP1   . C   A 1 20 ? -11.374 1.481   12.879  1.00 38.27  ? 20  C   A OP1   1 
ATOM   416  O  OP2   . C   A 1 20 ? -9.175  2.295   11.767  1.00 38.36  ? 20  C   A OP2   1 
ATOM   417  O  "O5'" . C   A 1 20 ? -10.810 0.993   10.458  1.00 42.09  ? 20  C   A "O5'" 1 
ATOM   418  C  "C5'" . C   A 1 20 ? -12.032 0.325   10.217  1.00 37.45  ? 20  C   A "C5'" 1 
ATOM   419  C  "C4'" . C   A 1 20 ? -11.761 -1.114  9.897   1.00 37.78  ? 20  C   A "C4'" 1 
ATOM   420  O  "O4'" . C   A 1 20 ? -13.008 -1.832  9.789   1.00 42.49  ? 20  C   A "O4'" 1 
ATOM   421  C  "C3'" . C   A 1 20 ? -11.051 -1.383  8.577   1.00 34.60  ? 20  C   A "C3'" 1 
ATOM   422  O  "O3'" . C   A 1 20 ? -9.647  -1.215  8.698   1.00 38.11  ? 20  C   A "O3'" 1 
ATOM   423  C  "C2'" . C   A 1 20 ? -11.473 -2.813  8.255   1.00 43.31  ? 20  C   A "C2'" 1 
ATOM   424  O  "O2'" . C   A 1 20 ? -10.677 -3.732  8.980   1.00 41.87  ? 20  C   A "O2'" 1 
ATOM   425  C  "C1'" . C   A 1 20 ? -12.891 -2.862  8.836   1.00 38.52  ? 20  C   A "C1'" 1 
ATOM   426  N  N1    . C   A 1 20 ? -13.946 -2.675  7.825   1.00 42.48  ? 20  C   A N1    1 
ATOM   427  C  C2    . C   A 1 20 ? -14.410 -3.812  7.162   1.00 45.51  ? 20  C   A C2    1 
ATOM   428  O  O2    . C   A 1 20 ? -13.889 -4.900  7.442   1.00 44.87  ? 20  C   A O2    1 
ATOM   429  N  N3    . C   A 1 20 ? -15.388 -3.681  6.240   1.00 43.15  ? 20  C   A N3    1 
ATOM   430  C  C4    . C   A 1 20 ? -15.912 -2.484  5.989   1.00 44.60  ? 20  C   A C4    1 
ATOM   431  N  N4    . C   A 1 20 ? -16.879 -2.411  5.073   1.00 49.34  ? 20  C   A N4    1 
ATOM   432  C  C5    . C   A 1 20 ? -15.459 -1.300  6.652   1.00 43.90  ? 20  C   A C5    1 
ATOM   433  C  C6    . C   A 1 20 ? -14.490 -1.442  7.570   1.00 39.47  ? 20  C   A C6    1 
ATOM   434  P  P     . G   A 1 21 ? -8.671  -1.183  7.410   1.00 39.63  ? 21  G   A P     1 
ATOM   435  O  OP1   . G   A 1 21 ? -9.031  -2.232  6.441   1.00 36.28  ? 21  G   A OP1   1 
ATOM   436  O  OP2   . G   A 1 21 ? -7.288  -1.073  7.941   1.00 39.78  ? 21  G   A OP2   1 
ATOM   437  O  "O5'" . G   A 1 21 ? -9.011  0.192   6.686   1.00 37.01  ? 21  G   A "O5'" 1 
ATOM   438  C  "C5'" . G   A 1 21 ? -8.792  1.445   7.307   1.00 36.18  ? 21  G   A "C5'" 1 
ATOM   439  C  "C4'" . G   A 1 21 ? -9.115  2.565   6.351   1.00 34.86  ? 21  G   A "C4'" 1 
ATOM   440  O  "O4'" . G   A 1 21 ? -8.047  2.699   5.378   1.00 35.09  ? 21  G   A "O4'" 1 
ATOM   441  C  "C3'" . G   A 1 21 ? -10.362 2.351   5.505   1.00 34.98  ? 21  G   A "C3'" 1 
ATOM   442  O  "O3'" . G   A 1 21 ? -11.539 2.709   6.181   1.00 33.68  ? 21  G   A "O3'" 1 
ATOM   443  C  "C2'" . G   A 1 21 ? -10.086 3.204   4.279   1.00 34.36  ? 21  G   A "C2'" 1 
ATOM   444  O  "O2'" . G   A 1 21 ? -10.290 4.581   4.566   1.00 34.53  ? 21  G   A "O2'" 1 
ATOM   445  C  "C1'" . G   A 1 21 ? -8.591  2.984   4.106   1.00 34.83  ? 21  G   A "C1'" 1 
ATOM   446  N  N9    . G   A 1 21 ? -8.288  1.849   3.212   1.00 32.89  ? 21  G   A N9    1 
ATOM   447  C  C8    . G   A 1 21 ? -7.853  0.585   3.565   1.00 31.03  ? 21  G   A C8    1 
ATOM   448  N  N7    . G   A 1 21 ? -7.646  -0.177  2.521   1.00 34.12  ? 21  G   A N7    1 
ATOM   449  C  C5    . G   A 1 21 ? -7.933  0.636   1.422   1.00 34.20  ? 21  G   A C5    1 
ATOM   450  C  C6    . G   A 1 21 ? -7.887  0.365   0.026   1.00 33.29  ? 21  G   A C6    1 
ATOM   451  O  O6    . G   A 1 21 ? -7.545  -0.680  -0.548  1.00 33.96  ? 21  G   A O6    1 
ATOM   452  N  N1    . G   A 1 21 ? -8.290  1.468   -0.707  1.00 34.62  ? 21  G   A N1    1 
ATOM   453  C  C2    . G   A 1 21 ? -8.675  2.676   -0.192  1.00 35.82  ? 21  G   A C2    1 
ATOM   454  N  N2    . G   A 1 21 ? -9.034  3.601   -1.090  1.00 36.79  ? 21  G   A N2    1 
ATOM   455  N  N3    . G   A 1 21 ? -8.708  2.957   1.100   1.00 33.24  ? 21  G   A N3    1 
ATOM   456  C  C4    . G   A 1 21 ? -8.340  1.887   1.836   1.00 33.32  ? 21  G   A C4    1 
ATOM   457  P  P     . U   A 1 22 ? -12.911 1.934   5.884   1.00 33.42  ? 22  U   A P     1 
ATOM   458  O  OP1   . U   A 1 22 ? -13.852 2.434   6.921   1.00 34.23  ? 22  U   A OP1   1 
ATOM   459  O  OP2   . U   A 1 22 ? -12.665 0.475   5.697   1.00 33.30  ? 22  U   A OP2   1 
ATOM   460  O  "O5'" . U   A 1 22 ? -13.316 2.484   4.453   1.00 33.11  ? 22  U   A "O5'" 1 
ATOM   461  C  "C5'" . U   A 1 22 ? -13.562 3.857   4.236   1.00 35.68  ? 22  U   A "C5'" 1 
ATOM   462  C  "C4'" . U   A 1 22 ? -13.779 4.112   2.771   1.00 35.65  ? 22  U   A "C4'" 1 
ATOM   463  O  "O4'" . U   A 1 22 ? -12.542 3.872   2.053   1.00 33.84  ? 22  U   A "O4'" 1 
ATOM   464  C  "C3'" . U   A 1 22 ? -14.775 3.186   2.089   1.00 35.62  ? 22  U   A "C3'" 1 
ATOM   465  O  "O3'" . U   A 1 22 ? -16.123 3.562   2.319   1.00 38.34  ? 22  U   A "O3'" 1 
ATOM   466  C  "C2'" . U   A 1 22 ? -14.344 3.278   0.636   1.00 37.73  ? 22  U   A "C2'" 1 
ATOM   467  O  "O2'" . U   A 1 22 ? -14.718 4.545   0.111   1.00 40.92  ? 22  U   A "O2'" 1 
ATOM   468  C  "C1'" . U   A 1 22 ? -12.824 3.298   0.794   1.00 36.62  ? 22  U   A "C1'" 1 
ATOM   469  N  N1    . U   A 1 22 ? -12.204 1.947   0.733   1.00 35.79  ? 22  U   A N1    1 
ATOM   470  C  C2    . U   A 1 22 ? -11.945 1.450   -0.528  1.00 36.88  ? 22  U   A C2    1 
ATOM   471  O  O2    . U   A 1 22 ? -12.249 2.082   -1.526  1.00 36.57  ? 22  U   A O2    1 
ATOM   472  N  N3    . U   A 1 22 ? -11.341 0.210   -0.572  1.00 33.62  ? 22  U   A N3    1 
ATOM   473  C  C4    . U   A 1 22 ? -10.980 -0.569  0.508   1.00 34.15  ? 22  U   A C4    1 
ATOM   474  O  O4    . U   A 1 22 ? -10.451 -1.666  0.304   1.00 36.37  ? 22  U   A O4    1 
ATOM   475  C  C5    . U   A 1 22 ? -11.281 0.007   1.796   1.00 32.90  ? 22  U   A C5    1 
ATOM   476  C  C6    . U   A 1 22 ? -11.859 1.215   1.852   1.00 34.36  ? 22  U   A C6    1 
ATOM   477  P  P     . C   A 1 23 ? -17.277 2.449   2.407   1.00 41.31  ? 23  C   A P     1 
ATOM   478  O  OP1   . C   A 1 23 ? -18.473 3.149   2.964   1.00 42.07  ? 23  C   A OP1   1 
ATOM   479  O  OP2   . C   A 1 23 ? -16.826 1.193   3.039   1.00 39.43  ? 23  C   A OP2   1 
ATOM   480  O  "O5'" . C   A 1 23 ? -17.570 2.057   0.886   1.00 40.58  ? 23  C   A "O5'" 1 
ATOM   481  C  "C5'" . C   A 1 23 ? -18.012 3.032   -0.047  1.00 41.01  ? 23  C   A "C5'" 1 
ATOM   482  C  "C4'" . C   A 1 23 ? -17.906 2.530   -1.465  1.00 40.62  ? 23  C   A "C4'" 1 
ATOM   483  O  "O4'" . C   A 1 23 ? -16.513 2.324   -1.811  1.00 39.89  ? 23  C   A "O4'" 1 
ATOM   484  C  "C3'" . C   A 1 23 ? -18.550 1.187   -1.757  1.00 41.89  ? 23  C   A "C3'" 1 
ATOM   485  O  "O3'" . C   A 1 23 ? -19.962 1.251   -1.921  1.00 43.13  ? 23  C   A "O3'" 1 
ATOM   486  C  "C2'" . C   A 1 23 ? -17.797 0.726   -3.000  1.00 41.81  ? 23  C   A "C2'" 1 
ATOM   487  O  "O2'" . C   A 1 23 ? -18.244 1.429   -4.152  1.00 42.17  ? 23  C   A "O2'" 1 
ATOM   488  C  "C1'" . C   A 1 23 ? -16.388 1.216   -2.679  1.00 39.00  ? 23  C   A "C1'" 1 
ATOM   489  N  N1    . C   A 1 23 ? -15.577 0.181   -2.004  1.00 40.08  ? 23  C   A N1    1 
ATOM   490  C  C2    . C   A 1 23 ? -14.929 -0.754  -2.810  1.00 41.62  ? 23  C   A C2    1 
ATOM   491  O  O2    . C   A 1 23 ? -15.080 -0.686  -4.052  1.00 40.29  ? 23  C   A O2    1 
ATOM   492  N  N3    . C   A 1 23 ? -14.175 -1.711  -2.221  1.00 38.35  ? 23  C   A N3    1 
ATOM   493  C  C4    . C   A 1 23 ? -14.048 -1.746  -0.889  1.00 39.11  ? 23  C   A C4    1 
ATOM   494  N  N4    . C   A 1 23 ? -13.290 -2.715  -0.374  1.00 35.59  ? 23  C   A N4    1 
ATOM   495  C  C5    . C   A 1 23 ? -14.697 -0.801  -0.038  1.00 38.20  ? 23  C   A C5    1 
ATOM   496  C  C6    . C   A 1 23 ? -15.452 0.141   -0.633  1.00 40.31  ? 23  C   A C6    1 
ATOM   497  P  P     . C   A 1 24 ? -20.870 -0.005  -1.500  1.00 46.40  ? 24  C   A P     1 
ATOM   498  O  OP1   . C   A 1 24 ? -22.269 0.475   -1.684  1.00 51.61  ? 24  C   A OP1   1 
ATOM   499  O  OP2   . C   A 1 24 ? -20.477 -0.540  -0.163  1.00 47.72  ? 24  C   A OP2   1 
ATOM   500  O  "O5'" . C   A 1 24 ? -20.493 -1.149  -2.548  1.00 46.86  ? 24  C   A "O5'" 1 
ATOM   501  C  "C5'" . C   A 1 24 ? -20.813 -1.014  -3.924  1.00 49.02  ? 24  C   A "C5'" 1 
ATOM   502  C  "C4'" . C   A 1 24 ? -20.170 -2.081  -4.778  1.00 47.37  ? 24  C   A "C4'" 1 
ATOM   503  O  "O4'" . C   A 1 24 ? -18.724 -2.019  -4.660  1.00 48.17  ? 24  C   A "O4'" 1 
ATOM   504  C  "C3'" . C   A 1 24 ? -20.485 -3.532  -4.449  1.00 49.75  ? 24  C   A "C3'" 1 
ATOM   505  O  "O3'" . C   A 1 24 ? -21.768 -3.955  -4.881  1.00 55.75  ? 24  C   A "O3'" 1 
ATOM   506  C  "C2'" . C   A 1 24 ? -19.346 -4.257  -5.146  1.00 48.71  ? 24  C   A "C2'" 1 
ATOM   507  O  "O2'" . C   A 1 24 ? -19.565 -4.281  -6.547  1.00 55.41  ? 24  C   A "O2'" 1 
ATOM   508  C  "C1'" . C   A 1 24 ? -18.177 -3.310  -4.862  1.00 48.97  ? 24  C   A "C1'" 1 
ATOM   509  N  N1    . C   A 1 24 ? -17.447 -3.740  -3.646  1.00 47.47  ? 24  C   A N1    1 
ATOM   510  C  C2    . C   A 1 24 ? -16.516 -4.779  -3.780  1.00 44.91  ? 24  C   A C2    1 
ATOM   511  O  O2    . C   A 1 24 ? -16.306 -5.260  -4.904  1.00 44.31  ? 24  C   A O2    1 
ATOM   512  N  N3    . C   A 1 24 ? -15.856 -5.227  -2.688  1.00 41.77  ? 24  C   A N3    1 
ATOM   513  C  C4    . C   A 1 24 ? -16.121 -4.687  -1.503  1.00 42.94  ? 24  C   A C4    1 
ATOM   514  N  N4    . C   A 1 24 ? -15.452 -5.164  -0.455  1.00 43.48  ? 24  C   A N4    1 
ATOM   515  C  C5    . C   A 1 24 ? -17.076 -3.639  -1.330  1.00 43.47  ? 24  C   A C5    1 
ATOM   516  C  C6    . C   A 1 24 ? -17.708 -3.197  -2.415  1.00 44.60  ? 24  C   A C6    1 
ATOM   517  P  P     . C   A 1 25 ? -22.586 -5.077  -4.060  1.00 61.52  ? 25  C   A P     1 
ATOM   518  O  OP1   . C   A 1 25 ? -23.921 -5.132  -4.716  1.00 63.74  ? 25  C   A OP1   1 
ATOM   519  O  OP2   . C   A 1 25 ? -22.519 -4.820  -2.594  1.00 54.31  ? 25  C   A OP2   1 
ATOM   520  O  "O5'" . C   A 1 25 ? -21.797 -6.434  -4.332  1.00 51.72  ? 25  C   A "O5'" 1 
ATOM   521  C  "C5'" . C   A 1 25 ? -21.764 -7.000  -5.628  1.00 52.67  ? 25  C   A "C5'" 1 
ATOM   522  C  "C4'" . C   A 1 25 ? -20.729 -8.091  -5.749  1.00 54.42  ? 25  C   A "C4'" 1 
ATOM   523  O  "O4'" . C   A 1 25 ? -19.421 -7.611  -5.330  1.00 55.51  ? 25  C   A "O4'" 1 
ATOM   524  C  "C3'" . C   A 1 25 ? -20.928 -9.336  -4.902  1.00 54.56  ? 25  C   A "C3'" 1 
ATOM   525  O  "O3'" . C   A 1 25 ? -21.944 -10.202 -5.384  1.00 57.43  ? 25  C   A "O3'" 1 
ATOM   526  C  "C2'" . C   A 1 25 ? -19.537 -9.952  -4.939  1.00 49.70  ? 25  C   A "C2'" 1 
ATOM   527  O  "O2'" . C   A 1 25 ? -19.300 -10.539 -6.210  1.00 51.68  ? 25  C   A "O2'" 1 
ATOM   528  C  "C1'" . C   A 1 25 ? -18.659 -8.702  -4.840  1.00 50.36  ? 25  C   A "C1'" 1 
ATOM   529  N  N1    . C   A 1 25 ? -18.225 -8.433  -3.443  1.00 48.32  ? 25  C   A N1    1 
ATOM   530  C  C2    . C   A 1 25 ? -17.183 -9.217  -2.906  1.00 44.75  ? 25  C   A C2    1 
ATOM   531  O  O2    . C   A 1 25 ? -16.660 -10.092 -3.610  1.00 46.12  ? 25  C   A O2    1 
ATOM   532  N  N3    . C   A 1 25 ? -16.770 -9.009  -1.636  1.00 43.90  ? 25  C   A N3    1 
ATOM   533  C  C4    . C   A 1 25 ? -17.352 -8.060  -0.901  1.00 44.52  ? 25  C   A C4    1 
ATOM   534  N  N4    . C   A 1 25 ? -16.924 -7.876  0.353   1.00 43.33  ? 25  C   A N4    1 
ATOM   535  C  C5    . C   A 1 25 ? -18.410 -7.248  -1.416  1.00 48.42  ? 25  C   A C5    1 
ATOM   536  C  C6    . C   A 1 25 ? -18.812 -7.467  -2.674  1.00 47.53  ? 25  C   A C6    1 
ATOM   537  P  P     . A   A 1 26 ? -22.767 -11.130 -4.359  1.00 60.42  ? 26  A   A P     1 
ATOM   538  O  OP1   . A   A 1 26 ? -23.892 -11.692 -5.149  1.00 59.46  ? 26  A   A OP1   1 
ATOM   539  O  OP2   . A   A 1 26 ? -23.045 -10.426 -3.075  1.00 56.71  ? 26  A   A OP2   1 
ATOM   540  O  "O5'" . A   A 1 26 ? -21.742 -12.281 -3.961  1.00 51.74  ? 26  A   A "O5'" 1 
ATOM   541  C  "C5'" . A   A 1 26 ? -21.337 -13.251 -4.907  1.00 52.38  ? 26  A   A "C5'" 1 
ATOM   542  C  "C4'" . A   A 1 26 ? -20.150 -14.033 -4.413  1.00 49.16  ? 26  A   A "C4'" 1 
ATOM   543  O  "O4'" . A   A 1 26 ? -19.087 -13.132 -4.013  1.00 50.74  ? 26  A   A "O4'" 1 
ATOM   544  C  "C3'" . A   A 1 26 ? -20.362 -14.895 -3.182  1.00 45.77  ? 26  A   A "C3'" 1 
ATOM   545  O  "O3'" . A   A 1 26 ? -21.034 -16.106 -3.477  1.00 52.08  ? 26  A   A "O3'" 1 
ATOM   546  C  "C2'" . A   A 1 26 ? -18.935 -15.102 -2.699  1.00 45.93  ? 26  A   A "C2'" 1 
ATOM   547  O  "O2'" . A   A 1 26 ? -18.266 -16.036 -3.528  1.00 47.19  ? 26  A   A "O2'" 1 
ATOM   548  C  "C1'" . A   A 1 26 ? -18.332 -13.725 -2.973  1.00 48.28  ? 26  A   A "C1'" 1 
ATOM   549  N  N9    . A   A 1 26 ? -18.383 -12.862 -1.780  1.00 45.92  ? 26  A   A N9    1 
ATOM   550  C  C8    . A   A 1 26 ? -19.189 -11.781 -1.533  1.00 45.32  ? 26  A   A C8    1 
ATOM   551  N  N7    . A   A 1 26 ? -18.987 -11.234 -0.363  1.00 42.48  ? 26  A   A N7    1 
ATOM   552  C  C5    . A   A 1 26 ? -17.973 -12.007 0.200   1.00 43.70  ? 26  A   A C5    1 
ATOM   553  C  C6    . A   A 1 26 ? -17.295 -11.937 1.429   1.00 40.36  ? 26  A   A C6    1 
ATOM   554  N  N6    . A   A 1 26 ? -17.551 -11.019 2.361   1.00 39.50  ? 26  A   A N6    1 
ATOM   555  N  N1    . A   A 1 26 ? -16.342 -12.864 1.670   1.00 42.84  ? 26  A   A N1    1 
ATOM   556  C  C2    . A   A 1 26 ? -16.074 -13.786 0.734   1.00 45.37  ? 26  A   A C2    1 
ATOM   557  N  N3    . A   A 1 26 ? -16.638 -13.951 -0.466  1.00 43.93  ? 26  A   A N3    1 
ATOM   558  C  C4    . A   A 1 26 ? -17.590 -13.017 -0.666  1.00 45.91  ? 26  A   A C4    1 
ATOM   559  P  P     . G   A 1 27 ? -21.896 -16.874 -2.354  1.00 50.24  ? 27  G   A P     1 
ATOM   560  O  OP1   . G   A 1 27 ? -22.595 -17.977 -3.070  1.00 48.04  ? 27  G   A OP1   1 
ATOM   561  O  OP2   . G   A 1 27 ? -22.680 -15.959 -1.512  1.00 40.27  ? 27  G   A OP2   1 
ATOM   562  O  "O5'" . G   A 1 27 ? -20.790 -17.539 -1.431  1.00 46.32  ? 27  G   A "O5'" 1 
ATOM   563  C  "C5'" . G   A 1 27 ? -19.833 -18.432 -1.982  1.00 46.42  ? 27  G   A "C5'" 1 
ATOM   564  C  "C4'" . G   A 1 27 ? -18.838 -18.850 -0.937  1.00 44.59  ? 27  G   A "C4'" 1 
ATOM   565  O  "O4'" . G   A 1 27 ? -18.063 -17.706 -0.505  1.00 46.65  ? 27  G   A "O4'" 1 
ATOM   566  C  "C3'" . G   A 1 27 ? -19.447 -19.396 0.338   1.00 43.96  ? 27  G   A "C3'" 1 
ATOM   567  O  "O3'" . G   A 1 27 ? -19.731 -20.772 0.192   1.00 45.76  ? 27  G   A "O3'" 1 
ATOM   568  C  "C2'" . G   A 1 27 ? -18.379 -19.113 1.378   1.00 43.79  ? 27  G   A "C2'" 1 
ATOM   569  O  "O2'" . G   A 1 27 ? -17.343 -20.078 1.264   1.00 44.20  ? 27  G   A "O2'" 1 
ATOM   570  C  "C1'" . G   A 1 27 ? -17.810 -17.788 0.877   1.00 45.14  ? 27  G   A "C1'" 1 
ATOM   571  N  N9    . G   A 1 27 ? -18.371 -16.583 1.517   1.00 42.33  ? 27  G   A N9    1 
ATOM   572  C  C8    . G   A 1 27 ? -19.302 -15.716 0.983   1.00 43.57  ? 27  G   A C8    1 
ATOM   573  N  N7    . G   A 1 27 ? -19.551 -14.698 1.762   1.00 41.43  ? 27  G   A N7    1 
ATOM   574  C  C5    . G   A 1 27 ? -18.708 -14.881 2.861   1.00 41.40  ? 27  G   A C5    1 
ATOM   575  C  C6    . G   A 1 27 ? -18.513 -14.107 4.047   1.00 43.41  ? 27  G   A C6    1 
ATOM   576  O  O6    . G   A 1 27 ? -19.050 -13.047 4.394   1.00 42.32  ? 27  G   A O6    1 
ATOM   577  N  N1    . G   A 1 27 ? -17.561 -14.675 4.900   1.00 41.90  ? 27  G   A N1    1 
ATOM   578  C  C2    . G   A 1 27 ? -16.892 -15.842 4.652   1.00 42.37  ? 27  G   A C2    1 
ATOM   579  N  N2    . G   A 1 27 ? -16.020 -16.220 5.602   1.00 42.20  ? 27  G   A N2    1 
ATOM   580  N  N3    . G   A 1 27 ? -17.055 -16.570 3.555   1.00 42.36  ? 27  G   A N3    1 
ATOM   581  C  C4    . G   A 1 27 ? -17.973 -16.040 2.717   1.00 42.64  ? 27  G   A C4    1 
ATOM   582  P  P     . C   A 1 28 ? -20.945 -21.435 0.990   1.00 50.47  ? 28  C   A P     1 
ATOM   583  O  OP1   . C   A 1 28 ? -21.102 -22.797 0.401   1.00 47.35  ? 28  C   A OP1   1 
ATOM   584  O  OP2   . C   A 1 28 ? -22.095 -20.498 1.091   1.00 46.72  ? 28  C   A OP2   1 
ATOM   585  O  "O5'" . C   A 1 28 ? -20.366 -21.561 2.468   1.00 44.59  ? 28  C   A "O5'" 1 
ATOM   586  C  "C5'" . C   A 1 28 ? -19.133 -22.221 2.717   1.00 40.42  ? 28  C   A "C5'" 1 
ATOM   587  C  "C4'" . C   A 1 28 ? -18.768 -22.131 4.175   1.00 43.56  ? 28  C   A "C4'" 1 
ATOM   588  O  "O4'" . C   A 1 28 ? -18.551 -20.729 4.530   1.00 43.57  ? 28  C   A "O4'" 1 
ATOM   589  C  "C3'" . C   A 1 28 ? -19.849 -22.647 5.126   1.00 41.88  ? 28  C   A "C3'" 1 
ATOM   590  O  "O3'" . C   A 1 28 ? -19.248 -23.186 6.302   1.00 41.74  ? 28  C   A "O3'" 1 
ATOM   591  C  "C2'" . C   A 1 28 ? -20.575 -21.368 5.507   1.00 40.54  ? 28  C   A "C2'" 1 
ATOM   592  O  "O2'" . C   A 1 28 ? -21.312 -21.437 6.708   1.00 39.76  ? 28  C   A "O2'" 1 
ATOM   593  C  "C1'" . C   A 1 28 ? -19.413 -20.387 5.599   1.00 42.99  ? 28  C   A "C1'" 1 
ATOM   594  N  N1    . C   A 1 28 ? -19.843 -18.992 5.469   1.00 40.77  ? 28  C   A N1    1 
ATOM   595  C  C2    . C   A 1 28 ? -19.423 -18.050 6.417   1.00 44.89  ? 28  C   A C2    1 
ATOM   596  O  O2    . C   A 1 28 ? -18.639 -18.389 7.326   1.00 43.41  ? 28  C   A O2    1 
ATOM   597  N  N3    . C   A 1 28 ? -19.869 -16.780 6.300   1.00 40.50  ? 28  C   A N3    1 
ATOM   598  C  C4    . C   A 1 28 ? -20.699 -16.445 5.309   1.00 39.69  ? 28  C   A C4    1 
ATOM   599  N  N4    . C   A 1 28 ? -21.124 -15.183 5.237   1.00 38.86  ? 28  C   A N4    1 
ATOM   600  C  C5    . C   A 1 28 ? -21.148 -17.389 4.344   1.00 43.54  ? 28  C   A C5    1 
ATOM   601  C  C6    . C   A 1 28 ? -20.705 -18.646 4.467   1.00 43.29  ? 28  C   A C6    1 
ATOM   602  P  P     . U   A 1 29 ? -18.500 -24.606 6.268   1.00 45.85  ? 29  U   A P     1 
ATOM   603  O  OP1   . U   A 1 29 ? -17.057 -24.342 6.357   1.00 40.78  ? 29  U   A OP1   1 
ATOM   604  O  OP2   . U   A 1 29 ? -19.085 -25.377 5.151   1.00 44.15  ? 29  U   A OP2   1 
ATOM   605  O  "O5'" . U   A 1 29 ? -18.927 -25.277 7.648   1.00 42.41  ? 29  U   A "O5'" 1 
ATOM   606  C  "C5'" . U   A 1 29 ? -20.271 -25.621 7.919   1.00 42.99  ? 29  U   A "C5'" 1 
ATOM   607  C  "C4'" . U   A 1 29 ? -20.463 -25.843 9.393   1.00 43.85  ? 29  U   A "C4'" 1 
ATOM   608  O  "O4'" . U   A 1 29 ? -19.508 -26.832 9.852   1.00 42.81  ? 29  U   A "O4'" 1 
ATOM   609  C  "C3'" . U   A 1 29 ? -20.175 -24.632 10.264  1.00 41.73  ? 29  U   A "C3'" 1 
ATOM   610  O  "O3'" . U   A 1 29 ? -21.272 -23.740 10.329  1.00 42.29  ? 29  U   A "O3'" 1 
ATOM   611  C  "C2'" . U   A 1 29 ? -19.813 -25.258 11.608  1.00 41.67  ? 29  U   A "C2'" 1 
ATOM   612  O  "O2'" . U   A 1 29 ? -20.981 -25.637 12.325  1.00 39.97  ? 29  U   A "O2'" 1 
ATOM   613  C  "C1'" . U   A 1 29 ? -19.081 -26.521 11.164  1.00 39.52  ? 29  U   A "C1'" 1 
ATOM   614  N  N1    . U   A 1 29 ? -17.618 -26.340 11.145  1.00 39.19  ? 29  U   A N1    1 
ATOM   615  C  C2    . U   A 1 29 ? -17.001 -26.476 12.364  1.00 39.59  ? 29  U   A C2    1 
ATOM   616  O  O2    . U   A 1 29 ? -17.621 -26.695 13.396  1.00 39.41  ? 29  U   A O2    1 
ATOM   617  N  N3    . U   A 1 29 ? -15.649 -26.327 12.321  1.00 41.41  ? 29  U   A N3    1 
ATOM   618  C  C4    . U   A 1 29 ? -14.889 -26.082 11.194  1.00 40.89  ? 29  U   A C4    1 
ATOM   619  O  O4    . U   A 1 29 ? -13.677 -25.986 11.332  1.00 40.83  ? 29  U   A O4    1 
ATOM   620  C  C5    . U   A 1 29 ? -15.604 -25.981 9.959   1.00 39.53  ? 29  U   A C5    1 
ATOM   621  C  C6    . U   A 1 29 ? -16.930 -26.112 9.974   1.00 38.30  ? 29  U   A C6    1 
ATOM   622  P  P     . U   A 1 30 ? -21.013 -22.155 10.281  1.00 42.19  ? 30  U   A P     1 
ATOM   623  O  OP1   . U   A 1 30 ? -22.327 -21.511 10.532  1.00 44.52  ? 30  U   A OP1   1 
ATOM   624  O  OP2   . U   A 1 30 ? -20.206 -21.844 9.072   1.00 43.00  ? 30  U   A OP2   1 
ATOM   625  O  "O5'" . U   A 1 30 ? -20.051 -21.910 11.522  1.00 42.46  ? 30  U   A "O5'" 1 
ATOM   626  C  "C5'" . U   A 1 30 ? -20.524 -22.066 12.858  1.00 43.12  ? 30  U   A "C5'" 1 
ATOM   627  C  "C4'" . U   A 1 30 ? -19.893 -21.052 13.773  1.00 41.02  ? 30  U   A "C4'" 1 
ATOM   628  O  "O4'" . U   A 1 30 ? -18.513 -21.425 14.018  1.00 40.91  ? 30  U   A "O4'" 1 
ATOM   629  C  "C3'" . U   A 1 30 ? -19.851 -19.638 13.207  1.00 44.27  ? 30  U   A "C3'" 1 
ATOM   630  O  "O3'" . U   A 1 30 ? -19.927 -18.709 14.282  1.00 45.88  ? 30  U   A "O3'" 1 
ATOM   631  C  "C2'" . U   A 1 30 ? -18.464 -19.563 12.587  1.00 44.81  ? 30  U   A "C2'" 1 
ATOM   632  O  "O2'" . U   A 1 30 ? -17.949 -18.253 12.468  1.00 44.88  ? 30  U   A "O2'" 1 
ATOM   633  C  "C1'" . U   A 1 30 ? -17.651 -20.396 13.570  1.00 43.99  ? 30  U   A "C1'" 1 
ATOM   634  N  N1    . U   A 1 30 ? -16.465 -21.026 12.979  1.00 45.94  ? 30  U   A N1    1 
ATOM   635  C  C2    . U   A 1 30 ? -15.252 -20.695 13.532  1.00 43.86  ? 30  U   A C2    1 
ATOM   636  O  O2    . U   A 1 30 ? -15.149 -19.910 14.454  1.00 46.95  ? 30  U   A O2    1 
ATOM   637  N  N3    . U   A 1 30 ? -14.169 -21.317 12.972  1.00 45.56  ? 30  U   A N3    1 
ATOM   638  C  C4    . U   A 1 30 ? -14.178 -22.218 11.933  1.00 42.33  ? 30  U   A C4    1 
ATOM   639  O  O4    . U   A 1 30 ? -13.108 -22.683 11.538  1.00 47.12  ? 30  U   A O4    1 
ATOM   640  C  C5    . U   A 1 30 ? -15.478 -22.513 11.412  1.00 45.62  ? 30  U   A C5    1 
ATOM   641  C  C6    . U   A 1 30 ? -16.562 -21.926 11.939  1.00 45.51  ? 30  U   A C6    1 
ATOM   642  P  P     . C   A 1 31 ? -21.216 -17.783 14.441  1.00 47.95  ? 31  C   A P     1 
ATOM   643  O  OP1   . C   A 1 31 ? -20.946 -16.899 15.607  1.00 49.47  ? 31  C   A OP1   1 
ATOM   644  O  OP2   . C   A 1 31 ? -22.454 -18.596 14.382  1.00 42.30  ? 31  C   A OP2   1 
ATOM   645  O  "O5'" . C   A 1 31 ? -21.213 -16.913 13.110  1.00 43.40  ? 31  C   A "O5'" 1 
ATOM   646  C  "C5'" . C   A 1 31 ? -20.386 -15.757 13.010  1.00 45.16  ? 31  C   A "C5'" 1 
ATOM   647  C  "C4'" . C   A 1 31 ? -21.073 -14.661 12.240  1.00 44.42  ? 31  C   A "C4'" 1 
ATOM   648  O  "O4'" . C   A 1 31 ? -21.114 -15.035 10.839  1.00 42.02  ? 31  C   A "O4'" 1 
ATOM   649  C  "C3'" . C   A 1 31 ? -22.520 -14.395 12.653  1.00 47.16  ? 31  C   A "C3'" 1 
ATOM   650  O  "O3'" . C   A 1 31 ? -22.829 -13.007 12.471  1.00 48.48  ? 31  C   A "O3'" 1 
ATOM   651  C  "C2'" . C   A 1 31 ? -23.304 -15.219 11.645  1.00 44.58  ? 31  C   A "C2'" 1 
ATOM   652  O  "O2'" . C   A 1 31 ? -24.635 -14.792 11.459  1.00 49.14  ? 31  C   A "O2'" 1 
ATOM   653  C  "C1'" . C   A 1 31 ? -22.452 -15.037 10.389  1.00 46.06  ? 31  C   A "C1'" 1 
ATOM   654  N  N1    . C   A 1 31 ? -22.592 -16.106 9.386   1.00 45.21  ? 31  C   A N1    1 
ATOM   655  C  C2    . C   A 1 31 ? -23.324 -15.871 8.216   1.00 45.54  ? 31  C   A C2    1 
ATOM   656  O  O2    . C   A 1 31 ? -23.848 -14.765 8.053   1.00 45.13  ? 31  C   A O2    1 
ATOM   657  N  N3    . C   A 1 31 ? -23.465 -16.849 7.297   1.00 44.77  ? 31  C   A N3    1 
ATOM   658  C  C4    . C   A 1 31 ? -22.896 -18.036 7.508   1.00 46.58  ? 31  C   A C4    1 
ATOM   659  N  N4    . C   A 1 31 ? -23.048 -18.976 6.573   1.00 44.88  ? 31  C   A N4    1 
ATOM   660  C  C5    . C   A 1 31 ? -22.134 -18.306 8.682   1.00 43.04  ? 31  C   A C5    1 
ATOM   661  C  C6    . C   A 1 31 ? -22.006 -17.327 9.587   1.00 44.84  ? 31  C   A C6    1 
ATOM   662  P  P     . G   A 1 32 ? -22.572 -11.936 13.654  1.00 52.42  ? 32  G   A P     1 
ATOM   663  O  OP1   . G   A 1 32 ? -23.004 -12.492 14.967  1.00 49.29  ? 32  G   A OP1   1 
ATOM   664  O  OP2   . G   A 1 32 ? -23.069 -10.627 13.171  1.00 49.99  ? 32  G   A OP2   1 
ATOM   665  O  "O5'" . G   A 1 32 ? -20.994 -11.772 13.702  1.00 45.19  ? 32  G   A "O5'" 1 
ATOM   666  C  "C5'" . G   A 1 32 ? -20.240 -12.089 14.863  1.00 44.03  ? 32  G   A "C5'" 1 
ATOM   667  C  "C4'" . G   A 1 32 ? -18.774 -11.990 14.550  1.00 43.55  ? 32  G   A "C4'" 1 
ATOM   668  O  "O4'" . G   A 1 32 ? -18.470 -12.933 13.492  1.00 45.47  ? 32  G   A "O4'" 1 
ATOM   669  C  "C3'" . G   A 1 32 ? -18.340 -10.639 13.996  1.00 46.08  ? 32  G   A "C3'" 1 
ATOM   670  O  "O3'" . G   A 1 32 ? -17.986 -9.732  15.016  1.00 46.43  ? 32  G   A "O3'" 1 
ATOM   671  C  "C2'" . G   A 1 32 ? -17.188 -10.984 13.070  1.00 44.33  ? 32  G   A "C2'" 1 
ATOM   672  O  "O2'" . G   A 1 32 ? -15.979 -11.141 13.801  1.00 42.01  ? 32  G   A "O2'" 1 
ATOM   673  C  "C1'" . G   A 1 32 ? -17.617 -12.348 12.538  1.00 44.95  ? 32  G   A "C1'" 1 
ATOM   674  N  N9    . G   A 1 32 ? -18.381 -12.254 11.287  1.00 45.03  ? 32  G   A N9    1 
ATOM   675  C  C8    . G   A 1 32 ? -19.084 -11.186 10.783  1.00 44.40  ? 32  G   A C8    1 
ATOM   676  N  N7    . G   A 1 32 ? -19.661 -11.475 9.649   1.00 44.29  ? 32  G   A N7    1 
ATOM   677  C  C5    . G   A 1 32 ? -19.350 -12.814 9.407   1.00 44.84  ? 32  G   A C5    1 
ATOM   678  C  C6    . G   A 1 32 ? -19.703 -13.689 8.340   1.00 44.24  ? 32  G   A C6    1 
ATOM   679  O  O6    . G   A 1 32 ? -20.396 -13.467 7.337   1.00 42.75  ? 32  G   A O6    1 
ATOM   680  N  N1    . G   A 1 32 ? -19.166 -14.966 8.520   1.00 42.63  ? 32  G   A N1    1 
ATOM   681  C  C2    . G   A 1 32 ? -18.380 -15.350 9.581   1.00 43.45  ? 32  G   A C2    1 
ATOM   682  N  N2    . G   A 1 32 ? -17.951 -16.624 9.575   1.00 44.72  ? 32  G   A N2    1 
ATOM   683  N  N3    . G   A 1 32 ? -18.044 -14.545 10.574  1.00 44.22  ? 32  G   A N3    1 
ATOM   684  C  C4    . G   A 1 32 ? -18.559 -13.302 10.419  1.00 45.75  ? 32  G   A C4    1 
ATOM   685  P  P     . A   A 1 33 ? -18.702 -8.300  15.110  1.00 42.34  ? 33  A   A P     1 
ATOM   686  O  OP1   . A   A 1 33 ? -17.978 -7.600  16.197  1.00 42.57  ? 33  A   A OP1   1 
ATOM   687  O  OP2   . A   A 1 33 ? -20.164 -8.493  15.151  1.00 42.05  ? 33  A   A OP2   1 
ATOM   688  O  "O5'" . A   A 1 33 ? -18.429 -7.630  13.690  1.00 42.84  ? 33  A   A "O5'" 1 
ATOM   689  C  "C5'" . A   A 1 33 ? -17.120 -7.312  13.259  1.00 40.63  ? 33  A   A "C5'" 1 
ATOM   690  C  "C4'" . A   A 1 33 ? -17.057 -7.287  11.756  1.00 45.68  ? 33  A   A "C4'" 1 
ATOM   691  O  "O4'" . A   A 1 33 ? -17.727 -6.109  11.248  1.00 40.76  ? 33  A   A "O4'" 1 
ATOM   692  C  "C3'" . A   A 1 33 ? -15.664 -7.216  11.162  1.00 46.85  ? 33  A   A "C3'" 1 
ATOM   693  O  "O3'" . A   A 1 33 ? -15.077 -8.491  11.065  1.00 48.07  ? 33  A   A "O3'" 1 
ATOM   694  C  "C2'" . A   A 1 33 ? -15.900 -6.562  9.808   1.00 43.90  ? 33  A   A "C2'" 1 
ATOM   695  O  "O2'" . A   A 1 33 ? -16.390 -7.515  8.875   1.00 42.09  ? 33  A   A "O2'" 1 
ATOM   696  C  "C1'" . A   A 1 33 ? -17.032 -5.592  10.138  1.00 43.00  ? 33  A   A "C1'" 1 
ATOM   697  N  N9    . A   A 1 33 ? -16.535 -4.271  10.531  1.00 45.01  ? 33  A   A N9    1 
ATOM   698  C  C8    . A   A 1 33 ? -15.576 -3.970  11.480  1.00 42.03  ? 33  A   A C8    1 
ATOM   699  N  N7    . A   A 1 33 ? -15.369 -2.693  11.631  1.00 50.83  ? 33  A   A N7    1 
ATOM   700  C  C5    . A   A 1 33 ? -16.255 -2.136  10.730  1.00 43.38  ? 33  A   A C5    1 
ATOM   701  C  C6    . A   A 1 33 ? -16.511 -0.807  10.410  1.00 51.90  ? 33  A   A C6    1 
ATOM   702  N  N6    . A   A 1 33 ? -15.859 0.192   11.030  1.00 46.52  ? 33  A   A N6    1 
ATOM   703  N  N1    . A   A 1 33 ? -17.456 -0.568  9.462   1.00 48.59  ? 33  A   A N1    1 
ATOM   704  C  C2    . A   A 1 33 ? -18.081 -1.610  8.883   1.00 50.16  ? 33  A   A C2    1 
ATOM   705  N  N3    . A   A 1 33 ? -17.932 -2.920  9.103   1.00 45.75  ? 33  A   A N3    1 
ATOM   706  C  C4    . A   A 1 33 ? -16.995 -3.095  10.050  1.00 47.36  ? 33  A   A C4    1 
ATOM   707  P  P     . C   A 1 34 ? -13.490 -8.620  11.107  1.00 56.16  ? 34  C   A P     1 
ATOM   708  O  OP1   . C   A 1 34 ? -13.094 -8.237  12.490  1.00 55.58  ? 34  C   A OP1   1 
ATOM   709  O  OP2   . C   A 1 34 ? -12.945 -7.952  9.892   1.00 47.67  ? 34  C   A OP2   1 
ATOM   710  O  "O5'" . C   A 1 34 ? -13.225 -10.174 10.931  1.00 50.59  ? 34  C   A "O5'" 1 
ATOM   711  C  "C5'" . C   A 1 34 ? -13.254 -11.055 12.037  1.00 46.67  ? 34  C   A "C5'" 1 
ATOM   712  C  "C4'" . C   A 1 34 ? -13.250 -12.470 11.536  1.00 47.45  ? 34  C   A "C4'" 1 
ATOM   713  O  "O4'" . C   A 1 34 ? -14.616 -12.887 11.269  1.00 46.89  ? 34  C   A "O4'" 1 
ATOM   714  C  "C3'" . C   A 1 34 ? -12.527 -12.664 10.208  1.00 46.31  ? 34  C   A "C3'" 1 
ATOM   715  O  "O3'" . C   A 1 34 ? -11.126 -12.840 10.367  1.00 48.92  ? 34  C   A "O3'" 1 
ATOM   716  C  "C2'" . C   A 1 34 ? -13.222 -13.875 9.621   1.00 47.92  ? 34  C   A "C2'" 1 
ATOM   717  O  "O2'" . C   A 1 34 ? -12.716 -15.045 10.236  1.00 46.84  ? 34  C   A "O2'" 1 
ATOM   718  C  "C1'" . C   A 1 34 ? -14.664 -13.658 10.094  1.00 47.83  ? 34  C   A "C1'" 1 
ATOM   719  N  N1    . C   A 1 34 ? -15.500 -12.935 9.105   1.00 45.02  ? 34  C   A N1    1 
ATOM   720  C  C2    . C   A 1 34 ? -15.997 -13.639 8.003   1.00 44.95  ? 34  C   A C2    1 
ATOM   721  O  O2    . C   A 1 34 ? -15.699 -14.835 7.866   1.00 42.38  ? 34  C   A O2    1 
ATOM   722  N  N3    . C   A 1 34 ? -16.776 -13.000 7.107   1.00 43.51  ? 34  C   A N3    1 
ATOM   723  C  C4    . C   A 1 34 ? -17.079 -11.710 7.277   1.00 46.37  ? 34  C   A C4    1 
ATOM   724  N  N4    . C   A 1 34 ? -17.859 -11.126 6.363   1.00 42.42  ? 34  C   A N4    1 
ATOM   725  C  C5    . C   A 1 34 ? -16.600 -10.966 8.390   1.00 42.87  ? 34  C   A C5    1 
ATOM   726  C  C6    . C   A 1 34 ? -15.831 -11.619 9.276   1.00 46.37  ? 34  C   A C6    1 
ATOM   727  P  P     . U   A 1 35 ? -10.100 -12.373 9.218   1.00 54.77  ? 35  U   A P     1 
ATOM   728  O  OP1   . U   A 1 35 ? -8.719  -12.664 9.690   1.00 54.45  ? 35  U   A OP1   1 
ATOM   729  O  OP2   . U   A 1 35 ? -10.455 -10.994 8.792   1.00 50.03  ? 35  U   A OP2   1 
ATOM   730  O  "O5'" . U   A 1 35 ? -10.380 -13.371 8.009   1.00 50.95  ? 35  U   A "O5'" 1 
ATOM   731  C  "C5'" . U   A 1 35 ? -9.958  -14.724 8.053   1.00 49.98  ? 35  U   A "C5'" 1 
ATOM   732  C  "C4'" . U   A 1 35 ? -10.417 -15.477 6.831   1.00 50.77  ? 35  U   A "C4'" 1 
ATOM   733  O  "O4'" . U   A 1 35 ? -11.871 -15.505 6.777   1.00 50.13  ? 35  U   A "O4'" 1 
ATOM   734  C  "C3'" . U   A 1 35 ? -10.028 -14.874 5.494   1.00 53.28  ? 35  U   A "C3'" 1 
ATOM   735  O  "O3'" . U   A 1 35 ? -8.686  -15.117 5.125   1.00 57.45  ? 35  U   A "O3'" 1 
ATOM   736  C  "C2'" . U   A 1 35 ? -11.041 -15.501 4.553   1.00 51.34  ? 35  U   A "C2'" 1 
ATOM   737  O  "O2'" . U   A 1 35 ? -10.700 -16.859 4.308   1.00 53.99  ? 35  U   A "O2'" 1 
ATOM   738  C  "C1'" . U   A 1 35 ? -12.297 -15.466 5.425   1.00 48.07  ? 35  U   A "C1'" 1 
ATOM   739  N  N1    . U   A 1 35 ? -13.084 -14.225 5.214   1.00 47.46  ? 35  U   A N1    1 
ATOM   740  C  C2    . U   A 1 35 ? -13.933 -14.168 4.121   1.00 45.84  ? 35  U   A C2    1 
ATOM   741  O  O2    . U   A 1 35 ? -14.051 -15.077 3.331   1.00 44.84  ? 35  U   A O2    1 
ATOM   742  N  N3    . U   A 1 35 ? -14.637 -13.001 3.980   1.00 42.87  ? 35  U   A N3    1 
ATOM   743  C  C4    . U   A 1 35 ? -14.590 -11.893 4.802   1.00 44.54  ? 35  U   A C4    1 
ATOM   744  O  O4    . U   A 1 35 ? -15.297 -10.918 4.542   1.00 43.10  ? 35  U   A O4    1 
ATOM   745  C  C5    . U   A 1 35 ? -13.694 -12.016 5.918   1.00 46.68  ? 35  U   A C5    1 
ATOM   746  C  C6    . U   A 1 35 ? -12.991 -13.153 6.080   1.00 47.76  ? 35  U   A C6    1 
ATOM   747  P  P     . G   A 1 36 ? -7.878  -13.983 4.323   1.00 60.47  ? 36  G   A P     1 
ATOM   748  O  OP1   . G   A 1 36 ? -6.446  -14.379 4.369   1.00 59.36  ? 36  G   A OP1   1 
ATOM   749  O  OP2   . G   A 1 36 ? -8.301  -12.645 4.802   1.00 52.68  ? 36  G   A OP2   1 
ATOM   750  O  "O5'" . G   A 1 36 ? -8.429  -14.101 2.831   1.00 55.50  ? 36  G   A "O5'" 1 
ATOM   751  C  "C5'" . G   A 1 36 ? -8.447  -15.349 2.159   1.00 58.70  ? 36  G   A "C5'" 1 
ATOM   752  C  "C4'" . G   A 1 36 ? -9.313  -15.309 0.925   1.00 57.57  ? 36  G   A "C4'" 1 
ATOM   753  O  "O4'" . G   A 1 36 ? -10.713 -15.173 1.296   1.00 57.90  ? 36  G   A "O4'" 1 
ATOM   754  C  "C3'" . G   A 1 36 ? -9.092  -14.148 -0.032  1.00 55.69  ? 36  G   A "C3'" 1 
ATOM   755  O  "O3'" . G   A 1 36 ? -7.939  -14.277 -0.844  1.00 59.99  ? 36  G   A "O3'" 1 
ATOM   756  C  "C2'" . G   A 1 36 ? -10.391 -14.147 -0.820  1.00 52.24  ? 36  G   A "C2'" 1 
ATOM   757  O  "O2'" . G   A 1 36 ? -10.410 -15.216 -1.752  1.00 57.59  ? 36  G   A "O2'" 1 
ATOM   758  C  "C1'" . G   A 1 36 ? -11.400 -14.465 0.281   1.00 53.92  ? 36  G   A "C1'" 1 
ATOM   759  N  N9    . G   A 1 36 ? -11.984 -13.233 0.836   1.00 46.60  ? 36  G   A N9    1 
ATOM   760  C  C8    . G   A 1 36 ? -11.691 -12.592 2.009   1.00 49.45  ? 36  G   A C8    1 
ATOM   761  N  N7    . G   A 1 36 ? -12.399 -11.501 2.179   1.00 50.02  ? 36  G   A N7    1 
ATOM   762  C  C5    . G   A 1 36 ? -13.205 -11.420 1.047   1.00 48.20  ? 36  G   A C5    1 
ATOM   763  C  C6    . G   A 1 36 ? -14.181 -10.456 0.660   1.00 45.18  ? 36  G   A C6    1 
ATOM   764  O  O6    . G   A 1 36 ? -14.556 -9.443  1.271   1.00 47.54  ? 36  G   A O6    1 
ATOM   765  N  N1    . G   A 1 36 ? -14.747 -10.768 -0.568  1.00 45.14  ? 36  G   A N1    1 
ATOM   766  C  C2    . G   A 1 36 ? -14.426 -11.856 -1.338  1.00 45.53  ? 36  G   A C2    1 
ATOM   767  N  N2    . G   A 1 36 ? -15.080 -11.991 -2.497  1.00 46.15  ? 36  G   A N2    1 
ATOM   768  N  N3    . G   A 1 36 ? -13.524 -12.760 -0.990  1.00 51.05  ? 36  G   A N3    1 
ATOM   769  C  C4    . G   A 1 36 ? -12.951 -12.478 0.205   1.00 46.97  ? 36  G   A C4    1 
ATOM   770  P  P     . G   A 1 37 ? -7.235  -12.963 -1.453  1.00 63.99  ? 37  G   A P     1 
ATOM   771  O  OP1   . G   A 1 37 ? -5.923  -13.395 -2.008  1.00 63.78  ? 37  G   A OP1   1 
ATOM   772  O  OP2   . G   A 1 37 ? -7.284  -11.840 -0.478  1.00 59.79  ? 37  G   A OP2   1 
ATOM   773  O  "O5'" . G   A 1 37 ? -8.194  -12.528 -2.647  1.00 56.89  ? 37  G   A "O5'" 1 
ATOM   774  C  "C5'" . G   A 1 37 ? -8.464  -13.408 -3.722  1.00 53.04  ? 37  G   A "C5'" 1 
ATOM   775  C  "C4'" . G   A 1 37 ? -9.510  -12.833 -4.637  1.00 52.47  ? 37  G   A "C4'" 1 
ATOM   776  O  "O4'" . G   A 1 37 ? -10.779 -12.718 -3.939  1.00 52.34  ? 37  G   A "O4'" 1 
ATOM   777  C  "C3'" . G   A 1 37 ? -9.262  -11.425 -5.139  1.00 50.54  ? 37  G   A "C3'" 1 
ATOM   778  O  "O3'" . G   A 1 37 ? -8.307  -11.350 -6.178  1.00 53.96  ? 37  G   A "O3'" 1 
ATOM   779  C  "C2'" . G   A 1 37 ? -10.658 -10.998 -5.560  1.00 49.20  ? 37  G   A "C2'" 1 
ATOM   780  O  "O2'" . G   A 1 37 ? -11.018 -11.652 -6.768  1.00 48.60  ? 37  G   A "O2'" 1 
ATOM   781  C  "C1'" . G   A 1 37 ? -11.488 -11.600 -4.430  1.00 46.91  ? 37  G   A "C1'" 1 
ATOM   782  N  N9    . G   A 1 37 ? -11.701 -10.634 -3.338  1.00 46.82  ? 37  G   A N9    1 
ATOM   783  C  C8    . G   A 1 37 ? -11.104 -10.554 -2.101  1.00 48.91  ? 37  G   A C8    1 
ATOM   784  N  N7    . G   A 1 37 ? -11.544 -9.550  -1.385  1.00 45.60  ? 37  G   A N7    1 
ATOM   785  C  C5    . G   A 1 37 ? -12.494 -8.929  -2.194  1.00 45.44  ? 37  G   A C5    1 
ATOM   786  C  C6    . G   A 1 37 ? -13.315 -7.788  -1.968  1.00 44.87  ? 37  G   A C6    1 
ATOM   787  O  O6    . G   A 1 37 ? -13.378 -7.072  -0.961  1.00 47.27  ? 37  G   A O6    1 
ATOM   788  N  N1    . G   A 1 37 ? -14.135 -7.507  -3.062  1.00 45.08  ? 37  G   A N1    1 
ATOM   789  C  C2    . G   A 1 37 ? -14.150 -8.246  -4.231  1.00 46.21  ? 37  G   A C2    1 
ATOM   790  N  N2    . G   A 1 37 ? -14.995 -7.837  -5.186  1.00 45.03  ? 37  G   A N2    1 
ATOM   791  N  N3    . G   A 1 37 ? -13.395 -9.312  -4.455  1.00 46.17  ? 37  G   A N3    1 
ATOM   792  C  C4    . G   A 1 37 ? -12.596 -9.590  -3.402  1.00 46.92  ? 37  G   A C4    1 
ATOM   793  P  P     . G   A 1 38 ? -7.429  -10.019 -6.350  1.00 50.79  ? 38  G   A P     1 
ATOM   794  O  OP1   . G   A 1 38 ? -6.300  -10.338 -7.269  1.00 51.94  ? 38  G   A OP1   1 
ATOM   795  O  OP2   . G   A 1 38 ? -7.110  -9.485  -5.004  1.00 50.03  ? 38  G   A OP2   1 
ATOM   796  O  "O5'" . G   A 1 38 ? -8.427  -9.000  -7.060  1.00 46.80  ? 38  G   A "O5'" 1 
ATOM   797  C  "C5'" . G   A 1 38 ? -9.066  -9.342  -8.283  1.00 49.64  ? 38  G   A "C5'" 1 
ATOM   798  C  "C4'" . G   A 1 38 ? -10.068 -8.298  -8.708  1.00 48.92  ? 38  G   A "C4'" 1 
ATOM   799  O  "O4'" . G   A 1 38 ? -11.219 -8.314  -7.823  1.00 47.70  ? 38  G   A "O4'" 1 
ATOM   800  C  "C3'" . G   A 1 38 ? -9.595  -6.852  -8.669  1.00 48.06  ? 38  G   A "C3'" 1 
ATOM   801  O  "O3'" . G   A 1 38 ? -8.826  -6.495  -9.801  1.00 49.77  ? 38  G   A "O3'" 1 
ATOM   802  C  "C2'" . G   A 1 38 ? -10.906 -6.088  -8.571  1.00 47.45  ? 38  G   A "C2'" 1 
ATOM   803  O  "O2'" . G   A 1 38 ? -11.549 -6.054  -9.836  1.00 49.10  ? 38  G   A "O2'" 1 
ATOM   804  C  "C1'" . G   A 1 38 ? -11.715 -7.002  -7.654  1.00 46.66  ? 38  G   A "C1'" 1 
ATOM   805  N  N9    . G   A 1 38 ? -11.568 -6.617  -6.234  1.00 43.23  ? 38  G   A N9    1 
ATOM   806  C  C8    . G   A 1 38 ? -10.790 -7.228  -5.276  1.00 45.43  ? 38  G   A C8    1 
ATOM   807  N  N7    . G   A 1 38 ? -10.872 -6.649  -4.107  1.00 41.55  ? 38  G   A N7    1 
ATOM   808  C  C5    . G   A 1 38 ? -11.760 -5.599  -4.308  1.00 41.77  ? 38  G   A C5    1 
ATOM   809  C  C6    . G   A 1 38 ? -12.236 -4.619  -3.402  1.00 40.62  ? 38  G   A C6    1 
ATOM   810  O  O6    . G   A 1 38 ? -11.952 -4.493  -2.199  1.00 41.80  ? 38  G   A O6    1 
ATOM   811  N  N1    . G   A 1 38 ? -13.116 -3.734  -4.009  1.00 38.92  ? 38  G   A N1    1 
ATOM   812  C  C2    . G   A 1 38 ? -13.492 -3.787  -5.333  1.00 43.41  ? 38  G   A C2    1 
ATOM   813  N  N2    . G   A 1 38 ? -14.354 -2.844  -5.749  1.00 42.44  ? 38  G   A N2    1 
ATOM   814  N  N3    . G   A 1 38 ? -13.055 -4.704  -6.183  1.00 42.92  ? 38  G   A N3    1 
ATOM   815  C  C4    . G   A 1 38 ? -12.195 -5.566  -5.610  1.00 39.05  ? 38  G   A C4    1 
ATOM   816  P  P     . A   A 1 39 ? -7.736  -5.320  -9.707  1.00 51.63  ? 39  A   A P     1 
ATOM   817  O  OP1   . A   A 1 39 ? -6.985  -5.272  -10.987 1.00 53.24  ? 39  A   A OP1   1 
ATOM   818  O  OP2   . A   A 1 39 ? -7.004  -5.454  -8.428  1.00 50.17  ? 39  A   A OP2   1 
ATOM   819  O  "O5'" . A   A 1 39 ? -8.587  -3.982  -9.606  1.00 48.54  ? 39  A   A "O5'" 1 
ATOM   820  C  "C5'" . A   A 1 39 ? -9.486  -3.594  -10.634 1.00 48.07  ? 39  A   A "C5'" 1 
ATOM   821  C  "C4'" . A   A 1 39 ? -10.306 -2.404  -10.212 1.00 47.88  ? 39  A   A "C4'" 1 
ATOM   822  O  "O4'" . A   A 1 39 ? -11.186 -2.775  -9.116  1.00 44.38  ? 39  A   A "O4'" 1 
ATOM   823  C  "C3'" . A   A 1 39 ? -9.518  -1.221  -9.673  1.00 44.66  ? 39  A   A "C3'" 1 
ATOM   824  O  "O3'" . A   A 1 39 ? -9.024  -0.392  -10.700 1.00 46.77  ? 39  A   A "O3'" 1 
ATOM   825  C  "C2'" . A   A 1 39 ? -10.537 -0.520  -8.790  1.00 43.55  ? 39  A   A "C2'" 1 
ATOM   826  O  "O2'" . A   A 1 39 ? -11.452 0.216   -9.587  1.00 41.27  ? 39  A   A "O2'" 1 
ATOM   827  C  "C1'" . A   A 1 39 ? -11.272 -1.710  -8.187  1.00 42.69  ? 39  A   A "C1'" 1 
ATOM   828  N  N9    . A   A 1 39 ? -10.655 -2.139  -6.912  1.00 41.75  ? 39  A   A N9    1 
ATOM   829  C  C8    . A   A 1 39 ? -9.705  -3.111  -6.681  1.00 40.09  ? 39  A   A C8    1 
ATOM   830  N  N7    . A   A 1 39 ? -9.372  -3.236  -5.409  1.00 39.87  ? 39  A   A N7    1 
ATOM   831  C  C5    . A   A 1 39 ? -10.140 -2.268  -4.774  1.00 39.10  ? 39  A   A C5    1 
ATOM   832  C  C6    . A   A 1 39 ? -10.270 -1.889  -3.426  1.00 37.36  ? 39  A   A C6    1 
ATOM   833  N  N6    . A   A 1 39 ? -9.577  -2.461  -2.460  1.00 37.39  ? 39  A   A N6    1 
ATOM   834  N  N1    . A   A 1 39 ? -11.122 -0.887  -3.115  1.00 35.80  ? 39  A   A N1    1 
ATOM   835  C  C2    . A   A 1 39 ? -11.811 -0.309  -4.108  1.00 38.57  ? 39  A   A C2    1 
ATOM   836  N  N3    . A   A 1 39 ? -11.797 -0.596  -5.409  1.00 38.94  ? 39  A   A N3    1 
ATOM   837  C  C4    . A   A 1 39 ? -10.934 -1.591  -5.678  1.00 39.92  ? 39  A   A C4    1 
ATOM   838  P  P     . C   A 1 40 ? -7.600  0.324   -10.560 1.00 47.08  ? 40  C   A P     1 
ATOM   839  O  OP1   . C   A 1 40 ? -7.249  0.800   -11.932 1.00 49.69  ? 40  C   A OP1   1 
ATOM   840  O  OP2   . C   A 1 40 ? -6.656  -0.551  -9.824  1.00 45.83  ? 40  C   A OP2   1 
ATOM   841  O  "O5'" . C   A 1 40 ? -7.882  1.594   -9.650  1.00 46.10  ? 40  C   A "O5'" 1 
ATOM   842  C  "C5'" . C   A 1 40 ? -8.953  2.475   -9.938  1.00 45.87  ? 40  C   A "C5'" 1 
ATOM   843  C  "C4'" . C   A 1 40 ? -9.298  3.309   -8.738  1.00 44.92  ? 40  C   A "C4'" 1 
ATOM   844  O  "O4'" . C   A 1 40 ? -9.899  2.480   -7.714  1.00 43.22  ? 40  C   A "O4'" 1 
ATOM   845  C  "C3'" . C   A 1 40 ? -8.124  3.957   -8.029  1.00 43.01  ? 40  C   A "C3'" 1 
ATOM   846  O  "O3'" . C   A 1 40 ? -7.678  5.134   -8.670  1.00 44.37  ? 40  C   A "O3'" 1 
ATOM   847  C  "C2'" . C   A 1 40 ? -8.693  4.225   -6.646  1.00 41.42  ? 40  C   A "C2'" 1 
ATOM   848  O  "O2'" . C   A 1 40 ? -9.521  5.373   -6.679  1.00 43.08  ? 40  C   A "O2'" 1 
ATOM   849  C  "C1'" . C   A 1 40 ? -9.573  2.993   -6.438  1.00 40.32  ? 40  C   A "C1'" 1 
ATOM   850  N  N1    . C   A 1 40 ? -8.867  1.947   -5.663  1.00 40.18  ? 40  C   A N1    1 
ATOM   851  C  C2    . C   A 1 40 ? -8.871  2.048   -4.270  1.00 39.63  ? 40  C   A C2    1 
ATOM   852  O  O2    . C   A 1 40 ? -9.467  3.000   -3.751  1.00 35.83  ? 40  C   A O2    1 
ATOM   853  N  N3    . C   A 1 40 ? -8.213  1.112   -3.539  1.00 35.89  ? 40  C   A N3    1 
ATOM   854  C  C4    . C   A 1 40 ? -7.575  0.111   -4.135  1.00 36.30  ? 40  C   A C4    1 
ATOM   855  N  N4    . C   A 1 40 ? -6.958  -0.790  -3.357  1.00 36.75  ? 40  C   A N4    1 
ATOM   856  C  C5    . C   A 1 40 ? -7.551  -0.018  -5.554  1.00 39.15  ? 40  C   A C5    1 
ATOM   857  C  C6    . C   A 1 40 ? -8.199  0.922   -6.267  1.00 38.41  ? 40  C   A C6    1 
ATOM   858  P  P     . U   A 1 41 ? -6.125  5.532   -8.643  1.00 46.75  ? 41  U   A P     1 
ATOM   859  O  OP1   . U   A 1 41 ? -5.991  6.754   -9.494  1.00 51.46  ? 41  U   A OP1   1 
ATOM   860  O  OP2   . U   A 1 41 ? -5.316  4.317   -8.885  1.00 42.05  ? 41  U   A OP2   1 
ATOM   861  O  "O5'" . U   A 1 41 ? -5.850  5.992   -7.148  1.00 41.41  ? 41  U   A "O5'" 1 
ATOM   862  C  "C5'" . U   A 1 41 ? -6.413  7.182   -6.647  1.00 39.73  ? 41  U   A "C5'" 1 
ATOM   863  C  "C4'" . U   A 1 41 ? -6.432  7.176   -5.146  1.00 42.17  ? 41  U   A "C4'" 1 
ATOM   864  O  "O4'" . U   A 1 41 ? -7.142  5.999   -4.667  1.00 45.35  ? 41  U   A "O4'" 1 
ATOM   865  C  "C3'" . U   A 1 41 ? -5.083  7.072   -4.458  1.00 40.97  ? 41  U   A "C3'" 1 
ATOM   866  O  "O3'" . U   A 1 41 ? -4.378  8.303   -4.406  1.00 44.48  ? 41  U   A "O3'" 1 
ATOM   867  C  "C2'" . U   A 1 41 ? -5.477  6.552   -3.090  1.00 38.34  ? 41  U   A "C2'" 1 
ATOM   868  O  "O2'" . U   A 1 41 ? -6.085  7.586   -2.342  1.00 37.46  ? 41  U   A "O2'" 1 
ATOM   869  C  "C1'" . U   A 1 41 ? -6.557  5.545   -3.463  1.00 40.63  ? 41  U   A "C1'" 1 
ATOM   870  N  N1    . U   A 1 41 ? -5.958  4.208   -3.674  1.00 39.36  ? 41  U   A N1    1 
ATOM   871  C  C2    . U   A 1 41 ? -5.633  3.496   -2.532  1.00 37.35  ? 41  U   A C2    1 
ATOM   872  O  O2    . U   A 1 41 ? -5.859  3.931   -1.415  1.00 36.96  ? 41  U   A O2    1 
ATOM   873  N  N3    . U   A 1 41 ? -5.052  2.268   -2.750  1.00 36.10  ? 41  U   A N3    1 
ATOM   874  C  C4    . U   A 1 41 ? -4.739  1.711   -3.977  1.00 35.40  ? 41  U   A C4    1 
ATOM   875  O  O4    . U   A 1 41 ? -4.213  0.600   -4.030  1.00 35.31  ? 41  U   A O4    1 
ATOM   876  C  C5    . U   A 1 41 ? -5.103  2.512   -5.101  1.00 39.96  ? 41  U   A C5    1 
ATOM   877  C  C6    . U   A 1 41 ? -5.674  3.708   -4.921  1.00 37.53  ? 41  U   A C6    1 
ATOM   878  P  P     . A   A 1 42 ? -2.771  8.324   -4.285  1.00 42.75  ? 42  A   A P     1 
ATOM   879  O  OP1   . A   A 1 42 ? -2.368  9.760   -4.183  1.00 42.17  ? 42  A   A OP1   1 
ATOM   880  O  OP2   . A   A 1 42 ? -2.164  7.459   -5.319  1.00 44.73  ? 42  A   A OP2   1 
ATOM   881  O  "O5'" . A   A 1 42 ? -2.457  7.655   -2.880  1.00 39.13  ? 42  A   A "O5'" 1 
ATOM   882  C  "C5'" . A   A 1 42 ? -2.873  8.276   -1.681  1.00 37.65  ? 42  A   A "C5'" 1 
ATOM   883  C  "C4'" . A   A 1 42 ? -2.622  7.374   -0.513  1.00 36.85  ? 42  A   A "C4'" 1 
ATOM   884  O  "O4'" . A   A 1 42 ? -3.312  6.112   -0.709  1.00 40.10  ? 42  A   A "O4'" 1 
ATOM   885  C  "C3'" . A   A 1 42 ? -1.177  6.957   -0.309  1.00 37.23  ? 42  A   A "C3'" 1 
ATOM   886  O  "O3'" . A   A 1 42 ? -0.408  7.975   0.308   1.00 37.87  ? 42  A   A "O3'" 1 
ATOM   887  C  "C2'" . A   A 1 42 ? -1.336  5.697   0.526   1.00 38.08  ? 42  A   A "C2'" 1 
ATOM   888  O  "O2'" . A   A 1 42 ? -1.701  6.033   1.856   1.00 37.13  ? 42  A   A "O2'" 1 
ATOM   889  C  "C1'" . A   A 1 42 ? -2.557  5.065   -0.137  1.00 37.57  ? 42  A   A "C1'" 1 
ATOM   890  N  N9    . A   A 1 42 ? -2.205  4.109   -1.203  1.00 34.76  ? 42  A   A N9    1 
ATOM   891  C  C8    . A   A 1 42 ? -2.241  4.303   -2.566  1.00 34.20  ? 42  A   A C8    1 
ATOM   892  N  N7    . A   A 1 42 ? -1.897  3.249   -3.265  1.00 35.58  ? 42  A   A N7    1 
ATOM   893  C  C5    . A   A 1 42 ? -1.609  2.300   -2.292  1.00 36.05  ? 42  A   A C5    1 
ATOM   894  C  C6    . A   A 1 42 ? -1.190  0.970   -2.391  1.00 35.38  ? 42  A   A C6    1 
ATOM   895  N  N6    . A   A 1 42 ? -0.966  0.361   -3.559  1.00 34.38  ? 42  A   A N6    1 
ATOM   896  N  N1    . A   A 1 42 ? -0.998  0.304   -1.236  1.00 35.35  ? 42  A   A N1    1 
ATOM   897  C  C2    . A   A 1 42 ? -1.215  0.926   -0.065  1.00 34.53  ? 42  A   A C2    1 
ATOM   898  N  N3    . A   A 1 42 ? -1.623  2.176   0.156   1.00 34.47  ? 42  A   A N3    1 
ATOM   899  C  C4    . A   A 1 42 ? -1.802  2.808   -1.017  1.00 33.35  ? 42  A   A C4    1 
ATOM   900  P  P     . C   A 1 43 ? 1.141   8.216   -0.084  1.00 40.55  ? 43  C   A P     1 
ATOM   901  O  OP1   . C   A 1 43 ? 1.449   9.547   0.501   1.00 42.44  ? 43  C   A OP1   1 
ATOM   902  O  OP2   . C   A 1 43 ? 1.372   8.023   -1.538  1.00 35.57  ? 43  C   A OP2   1 
ATOM   903  O  "O5'" . C   A 1 43 ? 1.925   7.113   0.748   1.00 38.28  ? 43  C   A "O5'" 1 
ATOM   904  C  "C5'" . C   A 1 43 ? 1.735   6.976   2.151   1.00 37.33  ? 43  C   A "C5'" 1 
ATOM   905  C  "C4'" . C   A 1 43 ? 2.122   5.604   2.641   1.00 37.70  ? 43  C   A "C4'" 1 
ATOM   906  O  "O4'" . C   A 1 43 ? 1.222   4.606   2.088   1.00 38.28  ? 43  C   A "O4'" 1 
ATOM   907  C  "C3'" . C   A 1 43 ? 3.497   5.102   2.236   1.00 37.65  ? 43  C   A "C3'" 1 
ATOM   908  O  "O3'" . C   A 1 43 ? 4.543   5.645   3.012   1.00 38.99  ? 43  C   A "O3'" 1 
ATOM   909  C  "C2'" . C   A 1 43 ? 3.344   3.600   2.383   1.00 37.29  ? 43  C   A "C2'" 1 
ATOM   910  O  "O2'" . C   A 1 43 ? 3.335   3.242   3.758   1.00 36.27  ? 43  C   A "O2'" 1 
ATOM   911  C  "C1'" . C   A 1 43 ? 1.930   3.407   1.848   1.00 36.54  ? 43  C   A "C1'" 1 
ATOM   912  N  N1    . C   A 1 43 ? 1.908   3.140   0.398   1.00 33.44  ? 43  C   A N1    1 
ATOM   913  C  C2    . C   A 1 43 ? 2.154   1.828   -0.010  1.00 35.74  ? 43  C   A C2    1 
ATOM   914  O  O2    . C   A 1 43 ? 2.395   1.015   0.877   1.00 35.86  ? 43  C   A O2    1 
ATOM   915  N  N3    . C   A 1 43 ? 2.125   1.498   -1.328  1.00 35.48  ? 43  C   A N3    1 
ATOM   916  C  C4    . C   A 1 43 ? 1.845   2.459   -2.219  1.00 37.36  ? 43  C   A C4    1 
ATOM   917  N  N4    . C   A 1 43 ? 1.832   2.133   -3.520  1.00 35.16  ? 43  C   A N4    1 
ATOM   918  C  C5    . C   A 1 43 ? 1.589   3.815   -1.827  1.00 35.48  ? 43  C   A C5    1 
ATOM   919  C  C6    . C   A 1 43 ? 1.625   4.109   -0.517  1.00 36.22  ? 43  C   A C6    1 
ATOM   920  P  P     . G   A 1 44 ? 5.912   6.035   2.284   1.00 39.64  ? 44  G   A P     1 
ATOM   921  O  OP1   . G   A 1 44 ? 6.697   6.783   3.296   1.00 42.92  ? 44  G   A OP1   1 
ATOM   922  O  OP2   . G   A 1 44 ? 5.661   6.595   0.924   1.00 37.12  ? 44  G   A OP2   1 
ATOM   923  O  "O5'" . G   A 1 44 ? 6.631   4.634   2.078   1.00 38.28  ? 44  G   A "O5'" 1 
ATOM   924  C  "C5'" . G   A 1 44 ? 7.021   3.874   3.208   1.00 40.73  ? 44  G   A "C5'" 1 
ATOM   925  C  "C4'" . G   A 1 44 ? 7.480   2.499   2.812   1.00 40.26  ? 44  G   A "C4'" 1 
ATOM   926  O  "O4'" . G   A 1 44 ? 6.394   1.782   2.174   1.00 38.65  ? 44  G   A "O4'" 1 
ATOM   927  C  "C3'" . G   A 1 44 ? 8.584   2.452   1.783   1.00 39.93  ? 44  G   A "C3'" 1 
ATOM   928  O  "O3'" . G   A 1 44 ? 9.865   2.751   2.317   1.00 44.42  ? 44  G   A "O3'" 1 
ATOM   929  C  "C2'" . G   A 1 44 ? 8.438   1.044   1.221   1.00 40.24  ? 44  G   A "C2'" 1 
ATOM   930  O  "O2'" . G   A 1 44 ? 8.929   0.076   2.138   1.00 40.30  ? 44  G   A "O2'" 1 
ATOM   931  C  "C1'" . G   A 1 44 ? 6.916   0.912   1.186   1.00 35.58  ? 44  G   A "C1'" 1 
ATOM   932  N  N9    . G   A 1 44 ? 6.344   1.288   -0.116  1.00 37.22  ? 44  G   A N9    1 
ATOM   933  C  C8    . G   A 1 44 ? 5.623   2.421   -0.438  1.00 39.74  ? 44  G   A C8    1 
ATOM   934  N  N7    . G   A 1 44 ? 5.220   2.442   -1.692  1.00 36.02  ? 44  G   A N7    1 
ATOM   935  C  C5    . G   A 1 44 ? 5.698   1.241   -2.207  1.00 36.14  ? 44  G   A C5    1 
ATOM   936  C  C6    . G   A 1 44 ? 5.579   0.685   -3.505  1.00 37.50  ? 44  G   A C6    1 
ATOM   937  O  O6    . G   A 1 44 ? 5.001   1.142   -4.493  1.00 37.23  ? 44  G   A O6    1 
ATOM   938  N  N1    . G   A 1 44 ? 6.225   -0.545  -3.608  1.00 36.06  ? 44  G   A N1    1 
ATOM   939  C  C2    . G   A 1 44 ? 6.878   -1.180  -2.581  1.00 38.15  ? 44  G   A C2    1 
ATOM   940  N  N2    . G   A 1 44 ? 7.430   -2.368  -2.886  1.00 37.54  ? 44  G   A N2    1 
ATOM   941  N  N3    . G   A 1 44 ? 6.998   -0.674  -1.355  1.00 37.01  ? 44  G   A N3    1 
ATOM   942  C  C4    . G   A 1 44 ? 6.387   0.524   -1.249  1.00 35.95  ? 44  G   A C4    1 
ATOM   943  P  P     . G   A 1 45 ? 10.951  3.439   1.367   1.00 44.21  ? 45  G   A P     1 
ATOM   944  O  OP1   . G   A 1 45 ? 12.130  3.770   2.227   1.00 44.00  ? 45  G   A OP1   1 
ATOM   945  O  OP2   . G   A 1 45 ? 10.331  4.500   0.548   1.00 41.80  ? 45  G   A OP2   1 
ATOM   946  O  "O5'" . G   A 1 45 ? 11.375  2.278   0.369   1.00 41.94  ? 45  G   A "O5'" 1 
ATOM   947  C  "C5'" . G   A 1 45 ? 11.980  1.094   0.857   1.00 42.10  ? 45  G   A "C5'" 1 
ATOM   948  C  "C4'" . G   A 1 45 ? 12.218  0.109   -0.252  1.00 41.06  ? 45  G   A "C4'" 1 
ATOM   949  O  "O4'" . G   A 1 45 ? 10.948  -0.315  -0.809  1.00 40.63  ? 45  G   A "O4'" 1 
ATOM   950  C  "C3'" . G   A 1 45 ? 12.989  0.625   -1.458  1.00 37.78  ? 45  G   A "C3'" 1 
ATOM   951  O  "O3'" . G   A 1 45 ? 14.393  0.645   -1.254  1.00 37.66  ? 45  G   A "O3'" 1 
ATOM   952  C  "C2'" . G   A 1 45 ? 12.576  -0.342  -2.553  1.00 41.88  ? 45  G   A "C2'" 1 
ATOM   953  O  "O2'" . G   A 1 45 ? 13.339  -1.536  -2.466  1.00 38.62  ? 45  G   A "O2'" 1 
ATOM   954  C  "C1'" . G   A 1 45 ? 11.113  -0.638  -2.176  1.00 42.41  ? 45  G   A "C1'" 1 
ATOM   955  N  N9    . G   A 1 45 ? 10.176  0.164   -2.987  1.00 38.28  ? 45  G   A N9    1 
ATOM   956  C  C8    . G   A 1 45 ? 9.507   1.318   -2.647  1.00 38.29  ? 45  G   A C8    1 
ATOM   957  N  N7    . G   A 1 45 ? 8.790   1.783   -3.639  1.00 36.75  ? 45  G   A N7    1 
ATOM   958  C  C5    . G   A 1 45 ? 9.002   0.888   -4.680  1.00 39.86  ? 45  G   A C5    1 
ATOM   959  C  C6    . G   A 1 45 ? 8.491   0.862   -6.002  1.00 39.87  ? 45  G   A C6    1 
ATOM   960  O  O6    . G   A 1 45 ? 7.707   1.658   -6.532  1.00 41.03  ? 45  G   A O6    1 
ATOM   961  N  N1    . G   A 1 45 ? 8.960   -0.231  -6.725  1.00 38.05  ? 45  G   A N1    1 
ATOM   962  C  C2    . G   A 1 45 ? 9.834   -1.177  -6.238  1.00 42.28  ? 45  G   A C2    1 
ATOM   963  N  N2    . G   A 1 45 ? 10.199  -2.164  -7.080  1.00 40.85  ? 45  G   A N2    1 
ATOM   964  N  N3    . G   A 1 45 ? 10.311  -1.163  -5.006  1.00 37.69  ? 45  G   A N3    1 
ATOM   965  C  C4    . G   A 1 45 ? 9.862   -0.109  -4.295  1.00 38.88  ? 45  G   A C4    1 
ATOM   966  P  P     . G   A 1 46 ? 15.277  1.827   -1.883  1.00 41.68  ? 46  G   A P     1 
ATOM   967  O  OP1   . G   A 1 46 ? 16.707  1.453   -1.645  1.00 44.01  ? 46  G   A OP1   1 
ATOM   968  O  OP2   . G   A 1 46 ? 14.825  3.134   -1.394  1.00 35.90  ? 46  G   A OP2   1 
ATOM   969  O  "O5'" . G   A 1 46 ? 14.963  1.757   -3.443  1.00 41.69  ? 46  G   A "O5'" 1 
ATOM   970  C  "C5'" . G   A 1 46 ? 15.512  0.734   -4.259  1.00 41.43  ? 46  G   A "C5'" 1 
ATOM   971  C  "C4'" . G   A 1 46 ? 14.971  0.823   -5.658  1.00 40.42  ? 46  G   A "C4'" 1 
ATOM   972  O  "O4'" . G   A 1 46 ? 13.522  0.706   -5.618  1.00 42.79  ? 46  G   A "O4'" 1 
ATOM   973  C  "C3'" . G   A 1 46 ? 15.215  2.133   -6.382  1.00 43.72  ? 46  G   A "C3'" 1 
ATOM   974  O  "O3'" . G   A 1 46 ? 16.508  2.209   -6.956  1.00 43.97  ? 46  G   A "O3'" 1 
ATOM   975  C  "C2'" . G   A 1 46 ? 14.086  2.158   -7.412  1.00 45.47  ? 46  G   A "C2'" 1 
ATOM   976  O  "O2'" . G   A 1 46 ? 14.396  1.348   -8.537  1.00 43.18  ? 46  G   A "O2'" 1 
ATOM   977  C  "C1'" . G   A 1 46 ? 12.942  1.504   -6.626  1.00 40.21  ? 46  G   A "C1'" 1 
ATOM   978  N  N9    . G   A 1 46 ? 12.098  2.533   -5.996  1.00 41.37  ? 46  G   A N9    1 
ATOM   979  C  C8    . G   A 1 46 ? 12.245  3.124   -4.764  1.00 41.89  ? 46  G   A C8    1 
ATOM   980  N  N7    . G   A 1 46 ? 11.347  4.041   -4.521  1.00 40.35  ? 46  G   A N7    1 
ATOM   981  C  C5    . G   A 1 46 ? 10.572  4.048   -5.676  1.00 40.44  ? 46  G   A C5    1 
ATOM   982  C  C6    . G   A 1 46 ? 9.446   4.839   -6.008  1.00 40.41  ? 46  G   A C6    1 
ATOM   983  O  O6    . G   A 1 46 ? 8.936   5.714   -5.314  1.00 37.59  ? 46  G   A O6    1 
ATOM   984  N  N1    . G   A 1 46 ? 8.942   4.532   -7.278  1.00 35.95  ? 46  G   A N1    1 
ATOM   985  C  C2    . G   A 1 46 ? 9.462   3.588   -8.122  1.00 38.83  ? 46  G   A C2    1 
ATOM   986  N  N2    . G   A 1 46 ? 8.845   3.453   -9.307  1.00 39.77  ? 46  G   A N2    1 
ATOM   987  N  N3    . G   A 1 46 ? 10.521  2.841   -7.828  1.00 38.63  ? 46  G   A N3    1 
ATOM   988  C  C4    . G   A 1 46 ? 11.019  3.137   -6.598  1.00 39.95  ? 46  G   A C4    1 
ATOM   989  P  P     . A   A 1 47 ? 17.586  3.293   -6.451  1.00 45.88  ? 47  A   A P     1 
ATOM   990  O  OP1   . A   A 1 47 ? 18.573  2.539   -5.626  1.00 46.44  ? 47  A   A OP1   1 
ATOM   991  O  OP2   . A   A 1 47 ? 16.956  4.498   -5.862  1.00 44.81  ? 47  A   A OP2   1 
ATOM   992  O  "O5'" . A   A 1 47 ? 18.328  3.708   -7.795  1.00 45.62  ? 47  A   A "O5'" 1 
ATOM   993  C  "C5'" . A   A 1 47 ? 19.057  2.742   -8.537  1.00 48.85  ? 47  A   A "C5'" 1 
ATOM   994  C  "C4'" . A   A 1 47 ? 18.875  2.944   -10.016 1.00 47.31  ? 47  A   A "C4'" 1 
ATOM   995  O  "O4'" . A   A 1 47 ? 17.483  2.707   -10.355 1.00 48.77  ? 47  A   A "O4'" 1 
ATOM   996  C  "C3'" . A   A 1 47 ? 19.150  4.352   -10.524 1.00 45.81  ? 47  A   A "C3'" 1 
ATOM   997  O  "O3'" . A   A 1 47 ? 20.519  4.594   -10.779 1.00 47.56  ? 47  A   A "O3'" 1 
ATOM   998  C  "C2'" . A   A 1 47 ? 18.278  4.436   -11.765 1.00 47.58  ? 47  A   A "C2'" 1 
ATOM   999  O  "O2'" . A   A 1 47 ? 18.878  3.755   -12.852 1.00 46.03  ? 47  A   A "O2'" 1 
ATOM   1000 C  "C1'" . A   A 1 47 ? 17.052  3.649   -11.312 1.00 46.80  ? 47  A   A "C1'" 1 
ATOM   1001 N  N9    . A   A 1 47 ? 16.087  4.540   -10.657 1.00 45.14  ? 47  A   A N9    1 
ATOM   1002 C  C8    . A   A 1 47 ? 15.785  4.621   -9.320  1.00 45.03  ? 47  A   A C8    1 
ATOM   1003 N  N7    . A   A 1 47 ? 14.884  5.544   -9.058  1.00 41.77  ? 47  A   A N7    1 
ATOM   1004 C  C5    . A   A 1 47 ? 14.589  6.097   -10.296 1.00 43.03  ? 47  A   A C5    1 
ATOM   1005 C  C6    . A   A 1 47 ? 13.708  7.128   -10.693 1.00 41.48  ? 47  A   A C6    1 
ATOM   1006 N  N6    . A   A 1 47 ? 12.927  7.807   -9.852  1.00 39.52  ? 47  A   A N6    1 
ATOM   1007 N  N1    . A   A 1 47 ? 13.664  7.428   -12.009 1.00 43.14  ? 47  A   A N1    1 
ATOM   1008 C  C2    . A   A 1 47 ? 14.448  6.745   -12.858 1.00 44.43  ? 47  A   A C2    1 
ATOM   1009 N  N3    . A   A 1 47 ? 15.314  5.767   -12.611 1.00 44.23  ? 47  A   A N3    1 
ATOM   1010 C  C4    . A   A 1 47 ? 15.328  5.488   -11.293 1.00 43.79  ? 47  A   A C4    1 
ATOM   1011 P  P     . G   A 1 48 ? 21.174  6.003   -10.377 1.00 49.16  ? 48  G   A P     1 
ATOM   1012 O  OP1   . G   A 1 48 ? 22.555  6.024   -10.930 1.00 53.43  ? 48  G   A OP1   1 
ATOM   1013 O  OP2   . G   A 1 48 ? 20.964  6.204   -8.917  1.00 55.06  ? 48  G   A OP2   1 
ATOM   1014 O  "O5'" . G   A 1 48 ? 20.325  7.094   -11.163 1.00 45.62  ? 48  G   A "O5'" 1 
ATOM   1015 C  "C5'" . G   A 1 48 ? 20.398  7.205   -12.574 1.00 46.22  ? 48  G   A "C5'" 1 
ATOM   1016 C  "C4'" . G   A 1 48 ? 19.363  8.161   -13.103 1.00 44.26  ? 48  G   A "C4'" 1 
ATOM   1017 O  "O4'" . G   A 1 48 ? 18.043  7.720   -12.700 1.00 44.45  ? 48  G   A "O4'" 1 
ATOM   1018 C  "C3'" . G   A 1 48 ? 19.450  9.589   -12.593 1.00 42.14  ? 48  G   A "C3'" 1 
ATOM   1019 O  "O3'" . G   A 1 48 ? 20.388  10.366  -13.308 1.00 47.86  ? 48  G   A "O3'" 1 
ATOM   1020 C  "C2'" . G   A 1 48 ? 18.025  10.088  -12.755 1.00 42.89  ? 48  G   A "C2'" 1 
ATOM   1021 O  "O2'" . G   A 1 48 ? 17.768  10.434  -14.109 1.00 46.91  ? 48  G   A "O2'" 1 
ATOM   1022 C  "C1'" . G   A 1 48 ? 17.230  8.833   -12.411 1.00 41.53  ? 48  G   A "C1'" 1 
ATOM   1023 N  N9    . G   A 1 48 ? 16.891  8.793   -10.978 1.00 41.42  ? 48  G   A N9    1 
ATOM   1024 C  C8    . G   A 1 48 ? 17.430  8.006   -9.988  1.00 42.41  ? 48  G   A C8    1 
ATOM   1025 N  N7    . G   A 1 48 ? 16.886  8.227   -8.816  1.00 40.26  ? 48  G   A N7    1 
ATOM   1026 C  C5    . G   A 1 48 ? 15.940  9.209   -9.055  1.00 39.67  ? 48  G   A C5    1 
ATOM   1027 C  C6    . G   A 1 48 ? 15.031  9.857   -8.182  1.00 40.12  ? 48  G   A C6    1 
ATOM   1028 O  O6    . G   A 1 48 ? 14.888  9.701   -6.957  1.00 40.81  ? 48  G   A O6    1 
ATOM   1029 N  N1    . G   A 1 48 ? 14.256  10.786  -8.859  1.00 38.32  ? 48  G   A N1    1 
ATOM   1030 C  C2    . G   A 1 48 ? 14.336  11.060  -10.206 1.00 41.99  ? 48  G   A C2    1 
ATOM   1031 N  N2    . G   A 1 48 ? 13.512  11.998  -10.688 1.00 39.90  ? 48  G   A N2    1 
ATOM   1032 N  N3    . G   A 1 48 ? 15.177  10.466  -11.024 1.00 42.54  ? 48  G   A N3    1 
ATOM   1033 C  C4    . G   A 1 48 ? 15.933  9.561   -10.386 1.00 40.48  ? 48  G   A C4    1 
ATOM   1034 P  P     . C   A 1 49 ? 21.289  11.449  -12.541 1.00 45.68  ? 49  C   A P     1 
ATOM   1035 O  OP1   . C   A 1 49 ? 22.257  12.003  -13.533 1.00 49.03  ? 49  C   A OP1   1 
ATOM   1036 O  OP2   . C   A 1 49 ? 21.759  10.826  -11.291 1.00 43.25  ? 49  C   A OP2   1 
ATOM   1037 O  "O5'" . C   A 1 49 ? 20.282  12.631  -12.219 1.00 43.62  ? 49  C   A "O5'" 1 
ATOM   1038 C  "C5'" . C   A 1 49 ? 19.610  13.304  -13.269 1.00 42.62  ? 49  C   A "C5'" 1 
ATOM   1039 C  "C4'" . C   A 1 49 ? 18.507  14.156  -12.714 1.00 46.18  ? 49  C   A "C4'" 1 
ATOM   1040 O  "O4'" . C   A 1 49 ? 17.478  13.302  -12.138 1.00 41.15  ? 49  C   A "O4'" 1 
ATOM   1041 C  "C3'" . C   A 1 49 ? 18.915  15.051  -11.558 1.00 42.93  ? 49  C   A "C3'" 1 
ATOM   1042 O  "O3'" . C   A 1 49 ? 19.594  16.227  -11.952 1.00 45.49  ? 49  C   A "O3'" 1 
ATOM   1043 C  "C2'" . C   A 1 49 ? 17.589  15.295  -10.859 1.00 41.03  ? 49  C   A "C2'" 1 
ATOM   1044 O  "O2'" . C   A 1 49 ? 16.807  16.223  -11.593 1.00 41.03  ? 49  C   A "O2'" 1 
ATOM   1045 C  "C1'" . C   A 1 49 ? 16.948  13.914  -10.981 1.00 40.94  ? 49  C   A "C1'" 1 
ATOM   1046 N  N1    . C   A 1 49 ? 17.271  13.074  -9.808  1.00 39.99  ? 49  C   A N1    1 
ATOM   1047 C  C2    . C   A 1 49 ? 16.509  13.297  -8.659  1.00 38.97  ? 49  C   A C2    1 
ATOM   1048 O  O2    . C   A 1 49 ? 15.611  14.152  -8.684  1.00 39.19  ? 49  C   A O2    1 
ATOM   1049 N  N3    . C   A 1 49 ? 16.748  12.576  -7.547  1.00 39.61  ? 49  C   A N3    1 
ATOM   1050 C  C4    . C   A 1 49 ? 17.717  11.671  -7.535  1.00 40.41  ? 49  C   A C4    1 
ATOM   1051 N  N4    . C   A 1 49 ? 17.889  11.006  -6.388  1.00 41.00  ? 49  C   A N4    1 
ATOM   1052 C  C5    . C   A 1 49 ? 18.537  11.429  -8.688  1.00 41.44  ? 49  C   A C5    1 
ATOM   1053 C  C6    . C   A 1 49 ? 18.281  12.145  -9.797  1.00 39.77  ? 49  C   A C6    1 
ATOM   1054 P  P     . G   A 1 50 ? 20.686  16.869  -10.963 1.00 43.00  ? 50  G   A P     1 
ATOM   1055 O  OP1   . G   A 1 50 ? 21.424  17.869  -11.780 1.00 44.70  ? 50  G   A OP1   1 
ATOM   1056 O  OP2   . G   A 1 50 ? 21.396  15.795  -10.224 1.00 38.49  ? 50  G   A OP2   1 
ATOM   1057 O  "O5'" . G   A 1 50 ? 19.809  17.631  -9.883  1.00 42.31  ? 50  G   A "O5'" 1 
ATOM   1058 C  "C5'" . G   A 1 50 ? 18.912  18.654  -10.275 1.00 42.35  ? 50  G   A "C5'" 1 
ATOM   1059 C  "C4'" . G   A 1 50 ? 18.079  19.116  -9.112  1.00 39.22  ? 50  G   A "C4'" 1 
ATOM   1060 O  "O4'" . G   A 1 50 ? 17.270  18.029  -8.602  1.00 43.31  ? 50  G   A "O4'" 1 
ATOM   1061 C  "C3'" . G   A 1 50 ? 18.844  19.587  -7.890  1.00 41.57  ? 50  G   A "C3'" 1 
ATOM   1062 O  "O3'" . G   A 1 50 ? 19.363  20.888  -8.057  1.00 42.36  ? 50  G   A "O3'" 1 
ATOM   1063 C  "C2'" . G   A 1 50 ? 17.789  19.481  -6.798  1.00 39.33  ? 50  G   A "C2'" 1 
ATOM   1064 O  "O2'" . G   A 1 50 ? 16.843  20.532  -6.917  1.00 42.77  ? 50  G   A "O2'" 1 
ATOM   1065 C  "C1'" . G   A 1 50 ? 17.086  18.189  -7.206  1.00 41.25  ? 50  G   A "C1'" 1 
ATOM   1066 N  N9    . G   A 1 50 ? 17.665  17.023  -6.528  1.00 38.86  ? 50  G   A N9    1 
ATOM   1067 C  C8    . G   A 1 50 ? 18.452  16.042  -7.072  1.00 39.76  ? 50  G   A C8    1 
ATOM   1068 N  N7    . G   A 1 50 ? 18.791  15.138  -6.193  1.00 40.43  ? 50  G   A N7    1 
ATOM   1069 C  C5    . G   A 1 50 ? 18.208  15.562  -5.006  1.00 39.47  ? 50  G   A C5    1 
ATOM   1070 C  C6    . G   A 1 50 ? 18.230  14.988  -3.713  1.00 40.19  ? 50  G   A C6    1 
ATOM   1071 O  O6    . G   A 1 50 ? 18.791  13.951  -3.345  1.00 41.38  ? 50  G   A O6    1 
ATOM   1072 N  N1    . G   A 1 50 ? 17.497  15.752  -2.818  1.00 41.79  ? 50  G   A N1    1 
ATOM   1073 C  C2    . G   A 1 50 ? 16.821  16.909  -3.117  1.00 42.93  ? 50  G   A C2    1 
ATOM   1074 N  N2    . G   A 1 50 ? 16.164  17.506  -2.114  1.00 42.28  ? 50  G   A N2    1 
ATOM   1075 N  N3    . G   A 1 50 ? 16.795  17.452  -4.323  1.00 39.96  ? 50  G   A N3    1 
ATOM   1076 C  C4    . G   A 1 50 ? 17.500  16.721  -5.203  1.00 39.57  ? 50  G   A C4    1 
ATOM   1077 P  P     . C   A 1 51 ? 20.757  21.310  -7.365  1.00 42.07  ? 51  C   A P     1 
ATOM   1078 O  OP1   . C   A 1 51 ? 21.001  22.706  -7.807  1.00 47.92  ? 51  C   A OP1   1 
ATOM   1079 O  OP2   . C   A 1 51 ? 21.759  20.240  -7.573  1.00 38.57  ? 51  C   A OP2   1 
ATOM   1080 O  "O5'" . C   A 1 51 ? 20.403  21.334  -5.813  1.00 42.84  ? 51  C   A "O5'" 1 
ATOM   1081 C  "C5'" . C   A 1 51 ? 19.452  22.253  -5.299  1.00 43.38  ? 51  C   A "C5'" 1 
ATOM   1082 C  "C4'" . C   A 1 51 ? 19.183  21.983  -3.845  1.00 42.22  ? 51  C   A "C4'" 1 
ATOM   1083 O  "O4'" . C   A 1 51 ? 18.582  20.668  -3.698  1.00 43.41  ? 51  C   A "O4'" 1 
ATOM   1084 C  "C3'" . C   A 1 51 ? 20.414  21.913  -2.962  1.00 41.98  ? 51  C   A "C3'" 1 
ATOM   1085 O  "O3'" . C   A 1 51 ? 20.922  23.187  -2.614  1.00 44.06  ? 51  C   A "O3'" 1 
ATOM   1086 C  "C2'" . C   A 1 51 ? 19.916  21.086  -1.789  1.00 42.94  ? 51  C   A "C2'" 1 
ATOM   1087 O  "O2'" . C   A 1 51 ? 19.040  21.859  -0.979  1.00 42.12  ? 51  C   A "O2'" 1 
ATOM   1088 C  "C1'" . C   A 1 51 ? 19.056  20.057  -2.515  1.00 41.56  ? 51  C   A "C1'" 1 
ATOM   1089 N  N1    . C   A 1 51 ? 19.816  18.840  -2.881  1.00 40.68  ? 51  C   A N1    1 
ATOM   1090 C  C2    . C   A 1 51 ? 19.940  17.848  -1.911  1.00 42.50  ? 51  C   A C2    1 
ATOM   1091 O  O2    . C   A 1 51 ? 19.431  18.047  -0.794  1.00 43.74  ? 51  C   A O2    1 
ATOM   1092 N  N3    . C   A 1 51 ? 20.610  16.711  -2.212  1.00 43.14  ? 51  C   A N3    1 
ATOM   1093 C  C4    . C   A 1 51 ? 21.141  16.547  -3.428  1.00 40.51  ? 51  C   A C4    1 
ATOM   1094 N  N4    . C   A 1 51 ? 21.800  15.406  -3.666  1.00 42.94  ? 51  C   A N4    1 
ATOM   1095 C  C5    . C   A 1 51 ? 21.027  17.540  -4.445  1.00 38.75  ? 51  C   A C5    1 
ATOM   1096 C  C6    . C   A 1 51 ? 20.362  18.660  -4.130  1.00 40.34  ? 51  C   A C6    1 
ATOM   1097 P  P     . C   A 1 52 ? 22.490  23.368  -2.304  1.00 45.58  ? 52  C   A P     1 
ATOM   1098 O  OP1   . C   A 1 52 ? 22.736  24.815  -2.097  1.00 47.95  ? 52  C   A OP1   1 
ATOM   1099 O  OP2   . C   A 1 52 ? 23.325  22.637  -3.271  1.00 41.24  ? 52  C   A OP2   1 
ATOM   1100 O  "O5'" . C   A 1 52 ? 22.672  22.643  -0.901  1.00 44.95  ? 52  C   A "O5'" 1 
ATOM   1101 C  "C5'" . C   A 1 52 ? 21.939  23.074  0.234   1.00 46.37  ? 52  C   A "C5'" 1 
ATOM   1102 C  "C4'" . C   A 1 52 ? 22.219  22.192  1.421   1.00 48.09  ? 52  C   A "C4'" 1 
ATOM   1103 O  "O4'" . C   A 1 52 ? 21.652  20.872  1.204   1.00 47.34  ? 52  C   A "O4'" 1 
ATOM   1104 C  "C3'" . C   A 1 52 ? 23.688  21.911  1.703   1.00 50.89  ? 52  C   A "C3'" 1 
ATOM   1105 O  "O3'" . C   A 1 52 ? 24.336  22.982  2.370   1.00 56.17  ? 52  C   A "O3'" 1 
ATOM   1106 C  "C2'" . C   A 1 52 ? 23.619  20.630  2.520   1.00 51.77  ? 52  C   A "C2'" 1 
ATOM   1107 O  "O2'" . C   A 1 52 ? 23.194  20.910  3.843   1.00 52.80  ? 52  C   A "O2'" 1 
ATOM   1108 C  "C1'" . C   A 1 52 ? 22.477  19.894  1.814   1.00 51.73  ? 52  C   A "C1'" 1 
ATOM   1109 N  N1    . C   A 1 52 ? 22.989  18.965  0.779   1.00 48.85  ? 52  C   A N1    1 
ATOM   1110 C  C2    . C   A 1 52 ? 23.425  17.706  1.199   1.00 51.90  ? 52  C   A C2    1 
ATOM   1111 O  O2    . C   A 1 52 ? 23.344  17.415  2.402   1.00 52.83  ? 52  C   A O2    1 
ATOM   1112 N  N3    . C   A 1 52 ? 23.911  16.829  0.290   1.00 51.20  ? 52  C   A N3    1 
ATOM   1113 C  C4    . C   A 1 52 ? 23.979  17.173  -0.992  1.00 49.07  ? 52  C   A C4    1 
ATOM   1114 N  N4    . C   A 1 52 ? 24.466  16.269  -1.846  1.00 47.84  ? 52  C   A N4    1 
ATOM   1115 C  C5    . C   A 1 52 ? 23.555  18.456  -1.448  1.00 47.67  ? 52  C   A C5    1 
ATOM   1116 C  C6    . C   A 1 52 ? 23.078  19.316  -0.540  1.00 47.28  ? 52  C   A C6    1 
ATOM   1117 P  P     . U   A 1 53 ? 25.897  23.271  2.116   1.00 55.58  ? 53  U   A P     1 
ATOM   1118 O  OP1   . U   A 1 53 ? 26.199  24.531  2.845   1.00 59.77  ? 53  U   A OP1   1 
ATOM   1119 O  OP2   . U   A 1 53 ? 26.236  23.161  0.673   1.00 56.22  ? 53  U   A OP2   1 
ATOM   1120 O  "O5'" . U   A 1 53 ? 26.642  22.042  2.809   1.00 58.35  ? 53  U   A "O5'" 1 
ATOM   1121 C  "C5'" . U   A 1 53 ? 26.610  21.842  4.218   1.00 57.06  ? 53  U   A "C5'" 1 
ATOM   1122 C  "C4'" . U   A 1 53 ? 27.278  20.542  4.592   1.00 58.80  ? 53  U   A "C4'" 1 
ATOM   1123 O  "O4'" . U   A 1 53 ? 26.534  19.437  4.013   1.00 57.88  ? 53  U   A "O4'" 1 
ATOM   1124 C  "C3'" . U   A 1 53 ? 28.697  20.350  4.066   1.00 60.69  ? 53  U   A "C3'" 1 
ATOM   1125 O  "O3'" . U   A 1 53 ? 29.685  20.979  4.866   1.00 63.87  ? 53  U   A "O3'" 1 
ATOM   1126 C  "C2'" . U   A 1 53 ? 28.838  18.834  4.012   1.00 60.87  ? 53  U   A "C2'" 1 
ATOM   1127 O  "O2'" . U   A 1 53 ? 29.136  18.305  5.298   1.00 64.83  ? 53  U   A "O2'" 1 
ATOM   1128 C  "C1'" . U   A 1 53 ? 27.423  18.408  3.617   1.00 61.26  ? 53  U   A "C1'" 1 
ATOM   1129 N  N1    . U   A 1 53 ? 27.323  18.190  2.153   1.00 57.99  ? 53  U   A N1    1 
ATOM   1130 C  C2    . U   A 1 53 ? 27.624  16.911  1.715   1.00 57.30  ? 53  U   A C2    1 
ATOM   1131 O  O2    . U   A 1 53 ? 27.922  16.001  2.474   1.00 59.40  ? 53  U   A O2    1 
ATOM   1132 N  N3    . U   A 1 53 ? 27.553  16.722  0.359   1.00 55.69  ? 53  U   A N3    1 
ATOM   1133 C  C4    . U   A 1 53 ? 27.230  17.670  -0.591  1.00 54.48  ? 53  U   A C4    1 
ATOM   1134 O  O4    . U   A 1 53 ? 27.216  17.333  -1.779  1.00 54.46  ? 53  U   A O4    1 
ATOM   1135 C  C5    . U   A 1 53 ? 26.941  18.975  -0.063  1.00 53.87  ? 53  U   A C5    1 
ATOM   1136 C  C6    . U   A 1 53 ? 27.000  19.193  1.259   1.00 55.83  ? 53  U   A C6    1 
HETATM 1137 C  C4    . AZG B 2 .  ? -4.269  -0.458  -0.676  1.00 33.99  ? 101 AZG A C4    1 
HETATM 1138 N  N3    . AZG B 2 .  ? -4.538  0.852   -0.453  1.00 35.56  ? 101 AZG A N3    1 
HETATM 1139 C  C2    . AZG B 2 .  ? -4.780  1.268   0.826   1.00 34.64  ? 101 AZG A C2    1 
HETATM 1140 N  N2    . AZG B 2 .  ? -5.042  2.561   1.085   1.00 34.57  ? 101 AZG A N2    1 
HETATM 1141 N  N1    . AZG B 2 .  ? -4.769  0.417   1.877   1.00 33.66  ? 101 AZG A N1    1 
HETATM 1142 C  C6    . AZG B 2 .  ? -4.525  -0.902  1.746   1.00 33.64  ? 101 AZG A C6    1 
HETATM 1143 O  O6    . AZG B 2 .  ? -4.540  -1.758  2.803   1.00 34.06  ? 101 AZG A O6    1 
HETATM 1144 C  C5    . AZG B 2 .  ? -4.242  -1.427  0.408   1.00 33.90  ? 101 AZG A C5    1 
HETATM 1145 N  N7    . AZG B 2 .  ? -3.959  -2.625  -0.112  1.00 34.77  ? 101 AZG A N7    1 
HETATM 1146 N  N8    . AZG B 2 .  ? -3.790  -2.459  -1.497  1.00 33.87  ? 101 AZG A N8    1 
HETATM 1147 N  N9    . AZG B 2 .  ? -3.991  -1.104  -1.825  1.00 35.00  ? 101 AZG A N9    1 
HETATM 1148 N  N1    . SPM C 3 .  ? -26.409 -14.113 14.951  1.00 61.55  ? 102 SPM A N1    1 
HETATM 1149 C  C2    . SPM C 3 .  ? -26.433 -12.702 14.598  1.00 56.39  ? 102 SPM A C2    1 
HETATM 1150 C  C3    . SPM C 3 .  ? -26.607 -12.543 13.089  1.00 55.52  ? 102 SPM A C3    1 
HETATM 1151 C  C4    . SPM C 3 .  ? -25.812 -11.335 12.603  1.00 52.16  ? 102 SPM A C4    1 
HETATM 1152 N  N5    . SPM C 3 .  ? -25.824 -11.094 11.169  1.00 55.02  ? 102 SPM A N5    1 
HETATM 1153 C  C6    . SPM C 3 .  ? -24.863 -10.197 10.548  1.00 50.19  ? 102 SPM A C6    1 
HETATM 1154 C  C7    . SPM C 3 .  ? -23.732 -10.980 9.884   1.00 52.95  ? 102 SPM A C7    1 
HETATM 1155 C  C8    . SPM C 3 .  ? -22.874 -10.108 8.973   1.00 51.31  ? 102 SPM A C8    1 
HETATM 1156 C  C9    . SPM C 3 .  ? -22.159 -10.992 7.959   1.00 52.41  ? 102 SPM A C9    1 
HETATM 1157 N  N10   . SPM C 3 .  ? -22.373 -10.603 6.578   1.00 55.89  ? 102 SPM A N10   1 
HETATM 1158 C  C11   . SPM C 3 .  ? -21.367 -10.884 5.567   1.00 51.53  ? 102 SPM A C11   1 
HETATM 1159 C  C12   . SPM C 3 .  ? -21.994 -11.389 4.272   1.00 54.32  ? 102 SPM A C12   1 
HETATM 1160 C  C13   . SPM C 3 .  ? -21.075 -11.200 3.063   1.00 49.82  ? 102 SPM A C13   1 
HETATM 1161 N  N14   . SPM C 3 .  ? -21.602 -11.994 1.959   1.00 54.10  ? 102 SPM A N14   1 
HETATM 1162 MG MG    . MG  D 4 .  ? 29.670  18.972  7.025   1.00 60.08  ? 103 MG  A MG    1 
HETATM 1163 MG MG    . MG  E 4 .  ? 24.074  11.856  -2.891  1.00 65.23  ? 104 MG  A MG    1 
HETATM 1164 MG MG    . MG  F 4 .  ? 20.916  13.149  -6.616  1.00 48.03  ? 105 MG  A MG    1 
HETATM 1165 MG MG    . MG  G 4 .  ? 17.517  9.769   -2.613  1.00 57.77  ? 106 MG  A MG    1 
HETATM 1166 MG MG    . MG  H 4 .  ? 8.168   4.995   -2.384  1.00 55.33  ? 107 MG  A MG    1 
HETATM 1167 MG MG    . MG  I 4 .  ? 9.688   -4.068  -0.980  1.00 47.39  ? 108 MG  A MG    1 
HETATM 1168 MG MG    . MG  J 4 .  ? -9.795  -3.676  1.728   1.00 42.12  ? 109 MG  A MG    1 
HETATM 1169 O  O     . HOH K 5 .  ? 31.372  18.718  5.763   1.00 65.88  ? 201 HOH A O     1 
HETATM 1170 O  O     . HOH K 5 .  ? 15.517  17.581  0.855   1.00 47.13  ? 202 HOH A O     1 
HETATM 1171 O  O     . HOH K 5 .  ? -7.950  7.196   3.851   1.00 42.93  ? 203 HOH A O     1 
HETATM 1172 O  O     . HOH K 5 .  ? -5.503  -4.171  2.494   1.00 39.91  ? 204 HOH A O     1 
HETATM 1173 O  O     . HOH K 5 .  ? -19.369 -4.506  12.541  1.00 46.38  ? 205 HOH A O     1 
HETATM 1174 O  O     . HOH K 5 .  ? -7.297  9.824   8.311   1.00 44.69  ? 206 HOH A O     1 
HETATM 1175 O  O     . HOH K 5 .  ? 17.726  6.976   -6.496  1.00 43.26  ? 207 HOH A O     1 
HETATM 1176 O  O     . HOH K 5 .  ? 0.901   -1.036  -6.306  1.00 42.78  ? 208 HOH A O     1 
HETATM 1177 O  O     . HOH K 5 .  ? -10.082 9.983   6.159   1.00 44.43  ? 209 HOH A O     1 
HETATM 1178 O  O     . HOH K 5 .  ? 14.555  8.291   -1.118  1.00 52.69  ? 210 HOH A O     1 
HETATM 1179 O  O     . HOH K 5 .  ? 10.177  5.377   -2.315  1.00 45.96  ? 211 HOH A O     1 
HETATM 1180 O  O     . HOH K 5 .  ? 15.318  5.054   -3.349  1.00 44.97  ? 212 HOH A O     1 
HETATM 1181 O  O     . HOH K 5 .  ? -11.335 6.609   2.987   1.00 45.10  ? 213 HOH A O     1 
HETATM 1182 O  O     . HOH K 5 .  ? -1.855  -4.730  0.133   1.00 37.50  ? 214 HOH A O     1 
HETATM 1183 O  O     . HOH K 5 .  ? -7.151  -5.034  4.106   1.00 39.71  ? 215 HOH A O     1 
HETATM 1184 O  O     . HOH K 5 .  ? -14.326 -17.078 9.188   1.00 48.82  ? 216 HOH A O     1 
HETATM 1185 O  O     . HOH K 5 .  ? -7.391  -3.289  0.456   1.00 32.92  ? 217 HOH A O     1 
HETATM 1186 O  O     . HOH K 5 .  ? -10.430 -5.359  0.008   1.00 45.74  ? 218 HOH A O     1 
HETATM 1187 O  O     . HOH K 5 .  ? -5.702  -3.137  -4.363  1.00 41.36  ? 219 HOH A O     1 
HETATM 1188 O  O     . HOH K 5 .  ? -14.451 -0.330  3.618   1.00 35.01  ? 220 HOH A O     1 
HETATM 1189 O  O     . HOH K 5 .  ? 2.543   0.506   -8.767  1.00 47.28  ? 221 HOH A O     1 
HETATM 1190 O  O     . HOH K 5 .  ? -8.215  -2.800  3.721   1.00 39.03  ? 222 HOH A O     1 
HETATM 1191 O  O     . HOH K 5 .  ? 23.139  14.558  -6.098  1.00 48.04  ? 223 HOH A O     1 
HETATM 1192 O  O     . HOH K 5 .  ? 16.475  8.570   -4.416  1.00 40.14  ? 224 HOH A O     1 
HETATM 1193 O  O     . HOH K 5 .  ? -14.838 -2.389  -8.598  1.00 52.95  ? 225 HOH A O     1 
HETATM 1194 O  O     . HOH K 5 .  ? 15.810  10.137  -0.671  1.00 49.87  ? 226 HOH A O     1 
HETATM 1195 O  O     . HOH K 5 .  ? 6.222   3.850   -5.272  1.00 43.01  ? 227 HOH A O     1 
HETATM 1196 O  O     . HOH K 5 .  ? -13.879 -2.864  2.503   1.00 37.60  ? 228 HOH A O     1 
HETATM 1197 O  O     . HOH K 5 .  ? -15.677 -18.640 10.624  1.00 48.33  ? 229 HOH A O     1 
HETATM 1198 O  O     . HOH K 5 .  ? 4.591   4.784   -3.504  1.00 42.09  ? 230 HOH A O     1 
HETATM 1199 O  O     . HOH K 5 .  ? -10.487 6.153   -0.324  1.00 42.91  ? 231 HOH A O     1 
HETATM 1200 O  O     . HOH K 5 .  ? 14.926  20.250  -2.692  1.00 45.74  ? 232 HOH A O     1 
HETATM 1201 O  O     . HOH K 5 .  ? 6.245   7.116   -4.737  1.00 46.18  ? 233 HOH A O     1 
HETATM 1202 O  O     . HOH K 5 .  ? 19.531  9.352   -3.748  1.00 50.99  ? 234 HOH A O     1 
HETATM 1203 O  O     . HOH K 5 .  ? -14.820 -7.993  6.163   1.00 54.14  ? 235 HOH A O     1 
HETATM 1204 O  O     . HOH K 5 .  ? 18.888  18.117  3.996   1.00 52.08  ? 236 HOH A O     1 
HETATM 1205 O  O     . HOH K 5 .  ? -7.212  -4.694  -2.142  1.00 43.40  ? 237 HOH A O     1 
HETATM 1206 O  O     . HOH K 5 .  ? 7.414   6.975   -2.588  1.00 52.01  ? 238 HOH A O     1 
HETATM 1207 O  O     . HOH K 5 .  ? -26.586 -18.654 8.500   1.00 55.76  ? 239 HOH A O     1 
HETATM 1208 O  O     . HOH K 5 .  ? -5.257  5.366   16.429  1.00 55.81  ? 240 HOH A O     1 
# 
